data_7MGP
# 
_entry.id   7MGP 
# 
_audit_conform.dict_name       mmcif_pdbx.dic 
_audit_conform.dict_version    5.380 
_audit_conform.dict_location   http://mmcif.pdb.org/dictionaries/ascii/mmcif_pdbx.dic 
# 
loop_
_database_2.database_id 
_database_2.database_code 
_database_2.pdbx_database_accession 
_database_2.pdbx_DOI 
PDB   7MGP         pdb_00007mgp 10.2210/pdb7mgp/pdb 
WWPDB D_1000255960 ?            ?                   
# 
_pdbx_database_status.status_code                     REL 
_pdbx_database_status.status_code_sf                  REL 
_pdbx_database_status.status_code_mr                  ? 
_pdbx_database_status.entry_id                        7MGP 
_pdbx_database_status.recvd_initial_deposition_date   2021-04-13 
_pdbx_database_status.SG_entry                        N 
_pdbx_database_status.deposit_site                    RCSB 
_pdbx_database_status.process_site                    RCSB 
_pdbx_database_status.status_code_cs                  ? 
_pdbx_database_status.status_code_nmr_data            ? 
_pdbx_database_status.methods_development_category    ? 
_pdbx_database_status.pdb_format_compatible           Y 
# 
loop_
_audit_author.name 
_audit_author.pdbx_ordinal 
_audit_author.identifier_ORCID 
'Ochoa, J.M.'  1 0000-0003-2389-0870 
'Escoto, X.'   2 ?                   
'Sawaya, M.R.' 3 0000-0001-5709-9839 
'Yeates, T.O.' 4 0000-0003-0874-9043 
# 
_citation.abstract                  ? 
_citation.abstract_id_CAS           ? 
_citation.book_id_ISBN              ? 
_citation.book_publisher            ? 
_citation.book_publisher_city       ? 
_citation.book_title                ? 
_citation.coordinate_linkage        ? 
_citation.country                   US 
_citation.database_id_Medline       ? 
_citation.details                   ? 
_citation.id                        primary 
_citation.journal_abbrev            'Acta Crystallogr.,Sect.F' 
_citation.journal_id_ASTM           ACSFEN 
_citation.journal_id_CSD            ? 
_citation.journal_id_ISSN           2053-230X 
_citation.journal_full              ? 
_citation.journal_issue             ? 
_citation.journal_volume            77 
_citation.language                  ? 
_citation.page_first                275 
_citation.page_last                 285 
_citation.title                     
'Structural characterization of hexameric shell proteins from two types of choline-utilization bacterial microcompartments' 
_citation.year                      2021 
_citation.database_id_CSD           ? 
_citation.pdbx_database_id_DOI      10.1107/S2053230X21007470 
_citation.pdbx_database_id_PubMed   ? 
_citation.pdbx_database_id_patent   ? 
_citation.unpublished_flag          ? 
# 
loop_
_citation_author.citation_id 
_citation_author.name 
_citation_author.ordinal 
_citation_author.identifier_ORCID 
primary 'Ochoa, J.M.'     1 ? 
primary 'Mijares, O.'     2 ? 
primary 'Acosta, A.A.'    3 ? 
primary 'Escoto, X.'      4 ? 
primary 'Leon-Rivera, N.' 5 ? 
primary 'Marshall, J.D.'  6 ? 
primary 'Sawaya, M.R.'    7 ? 
primary 'Yeates, T.O.'    8 ? 
# 
_cell.angle_alpha                  90.000 
_cell.angle_alpha_esd              ? 
_cell.angle_beta                   90.000 
_cell.angle_beta_esd               ? 
_cell.angle_gamma                  120.000 
_cell.angle_gamma_esd              ? 
_cell.entry_id                     7MGP 
_cell.details                      ? 
_cell.formula_units_Z              ? 
_cell.length_a                     68.860 
_cell.length_a_esd                 ? 
_cell.length_b                     68.860 
_cell.length_b_esd                 ? 
_cell.length_c                     27.780 
_cell.length_c_esd                 ? 
_cell.volume                       ? 
_cell.volume_esd                   ? 
_cell.Z_PDB                        6 
_cell.reciprocal_angle_alpha       ? 
_cell.reciprocal_angle_beta        ? 
_cell.reciprocal_angle_gamma       ? 
_cell.reciprocal_angle_alpha_esd   ? 
_cell.reciprocal_angle_beta_esd    ? 
_cell.reciprocal_angle_gamma_esd   ? 
_cell.reciprocal_length_a          ? 
_cell.reciprocal_length_b          ? 
_cell.reciprocal_length_c          ? 
_cell.reciprocal_length_a_esd      ? 
_cell.reciprocal_length_b_esd      ? 
_cell.reciprocal_length_c_esd      ? 
_cell.pdbx_unique_axis             ? 
# 
_symmetry.entry_id                         7MGP 
_symmetry.cell_setting                     ? 
_symmetry.Int_Tables_number                168 
_symmetry.space_group_name_Hall            ? 
_symmetry.space_group_name_H-M             'P 6' 
_symmetry.pdbx_full_space_group_name_H-M   ? 
# 
loop_
_entity.id 
_entity.type 
_entity.src_method 
_entity.pdbx_description 
_entity.formula_weight 
_entity.pdbx_number_of_molecules 
_entity.pdbx_ec 
_entity.pdbx_mutation 
_entity.pdbx_fragment 
_entity.details 
1 polymer man 'BMC domain-containing protein' 10310.915 1  ? K25A ? ? 
2 water   nat water                           18.015    27 ? ?    ? ? 
# 
_entity_name_com.entity_id   1 
_entity_name_com.name        
'Propanediol utilization protein PduA,Propanediol utilization protein PduJ/pduA,Putative propanediol utilization protein PduJ/pduA' 
# 
_entity_poly.entity_id                      1 
_entity_poly.type                           'polypeptide(L)' 
_entity_poly.nstd_linkage                   no 
_entity_poly.nstd_monomer                   no 
_entity_poly.pdbx_seq_one_letter_code       
;MHHHHHHMGDALGLIETKGLVACIAAADAMCASANVELIGYENIGSGLVTVMVKGDVGAVKASVDSGLESAQHIGEVVTS
LVIARPHNDINKIVIKHKA
;
_entity_poly.pdbx_seq_one_letter_code_can   
;MHHHHHHMGDALGLIETKGLVACIAAADAMCASANVELIGYENIGSGLVTVMVKGDVGAVKASVDSGLESAQHIGEVVTS
LVIARPHNDINKIVIKHKA
;
_entity_poly.pdbx_strand_id                 A 
_entity_poly.pdbx_target_identifier         ? 
# 
loop_
_entity_poly_seq.entity_id 
_entity_poly_seq.num 
_entity_poly_seq.mon_id 
_entity_poly_seq.hetero 
1 1  MET n 
1 2  HIS n 
1 3  HIS n 
1 4  HIS n 
1 5  HIS n 
1 6  HIS n 
1 7  HIS n 
1 8  MET n 
1 9  GLY n 
1 10 ASP n 
1 11 ALA n 
1 12 LEU n 
1 13 GLY n 
1 14 LEU n 
1 15 ILE n 
1 16 GLU n 
1 17 THR n 
1 18 LYS n 
1 19 GLY n 
1 20 LEU n 
1 21 VAL n 
1 22 ALA n 
1 23 CYS n 
1 24 ILE n 
1 25 ALA n 
1 26 ALA n 
1 27 ALA n 
1 28 ASP n 
1 29 ALA n 
1 30 MET n 
1 31 CYS n 
1 32 ALA n 
1 33 SER n 
1 34 ALA n 
1 35 ASN n 
1 36 VAL n 
1 37 GLU n 
1 38 LEU n 
1 39 ILE n 
1 40 GLY n 
1 41 TYR n 
1 42 GLU n 
1 43 ASN n 
1 44 ILE n 
1 45 GLY n 
1 46 SER n 
1 47 GLY n 
1 48 LEU n 
1 49 VAL n 
1 50 THR n 
1 51 VAL n 
1 52 MET n 
1 53 VAL n 
1 54 LYS n 
1 55 GLY n 
1 56 ASP n 
1 57 VAL n 
1 58 GLY n 
1 59 ALA n 
1 60 VAL n 
1 61 LYS n 
1 62 ALA n 
1 63 SER n 
1 64 VAL n 
1 65 ASP n 
1 66 SER n 
1 67 GLY n 
1 68 LEU n 
1 69 GLU n 
1 70 SER n 
1 71 ALA n 
1 72 GLN n 
1 73 HIS n 
1 74 ILE n 
1 75 GLY n 
1 76 GLU n 
1 77 VAL n 
1 78 VAL n 
1 79 THR n 
1 80 SER n 
1 81 LEU n 
1 82 VAL n 
1 83 ILE n 
1 84 ALA n 
1 85 ARG n 
1 86 PRO n 
1 87 HIS n 
1 88 ASN n 
1 89 ASP n 
1 90 ILE n 
1 91 ASN n 
1 92 LYS n 
1 93 ILE n 
1 94 VAL n 
1 95 ILE n 
1 96 LYS n 
1 97 HIS n 
1 98 LYS n 
1 99 ALA n 
# 
_entity_src_gen.entity_id                          1 
_entity_src_gen.pdbx_src_id                        1 
_entity_src_gen.pdbx_alt_source_flag               sample 
_entity_src_gen.pdbx_seq_type                      'Biological sequence' 
_entity_src_gen.pdbx_beg_seq_num                   1 
_entity_src_gen.pdbx_end_seq_num                   99 
_entity_src_gen.gene_src_common_name               ? 
_entity_src_gen.gene_src_genus                     ? 
_entity_src_gen.pdbx_gene_src_gene                 pduA_1 
_entity_src_gen.gene_src_species                   ? 
_entity_src_gen.gene_src_strain                    ? 
_entity_src_gen.gene_src_tissue                    ? 
_entity_src_gen.gene_src_tissue_fraction           ? 
_entity_src_gen.gene_src_details                   ? 
_entity_src_gen.pdbx_gene_src_fragment             ? 
_entity_src_gen.pdbx_gene_src_scientific_name      'Escherichia coli' 
_entity_src_gen.pdbx_gene_src_ncbi_taxonomy_id     562 
_entity_src_gen.pdbx_gene_src_variant              ? 
_entity_src_gen.pdbx_gene_src_cell_line            ? 
_entity_src_gen.pdbx_gene_src_atcc                 ? 
_entity_src_gen.pdbx_gene_src_organ                ? 
_entity_src_gen.pdbx_gene_src_organelle            ? 
_entity_src_gen.pdbx_gene_src_cell                 ? 
_entity_src_gen.pdbx_gene_src_cellular_location    ? 
_entity_src_gen.host_org_common_name               ? 
_entity_src_gen.pdbx_host_org_scientific_name      'Escherichia coli BL21(DE3)' 
_entity_src_gen.pdbx_host_org_ncbi_taxonomy_id     469008 
_entity_src_gen.host_org_genus                     ? 
_entity_src_gen.pdbx_host_org_gene                 ? 
_entity_src_gen.pdbx_host_org_organ                ? 
_entity_src_gen.host_org_species                   ? 
_entity_src_gen.pdbx_host_org_tissue               ? 
_entity_src_gen.pdbx_host_org_tissue_fraction      ? 
_entity_src_gen.pdbx_host_org_strain               'BL21(DE3)' 
_entity_src_gen.pdbx_host_org_variant              ? 
_entity_src_gen.pdbx_host_org_cell_line            ? 
_entity_src_gen.pdbx_host_org_atcc                 ? 
_entity_src_gen.pdbx_host_org_culture_collection   ? 
_entity_src_gen.pdbx_host_org_cell                 ? 
_entity_src_gen.pdbx_host_org_organelle            ? 
_entity_src_gen.pdbx_host_org_cellular_location    ? 
_entity_src_gen.pdbx_host_org_vector_type          plasmid 
_entity_src_gen.pdbx_host_org_vector               ? 
_entity_src_gen.host_org_details                   ? 
_entity_src_gen.expression_system_id               ? 
_entity_src_gen.plasmid_name                       'pET-22b(+)' 
_entity_src_gen.plasmid_details                    ? 
_entity_src_gen.pdbx_description                   ? 
# 
_struct_ref.id                         1 
_struct_ref.db_name                    UNP 
_struct_ref.db_code                    Q8G9V5_ECOLX 
_struct_ref.pdbx_db_accession          Q8G9V5 
_struct_ref.pdbx_db_isoform            ? 
_struct_ref.entity_id                  1 
_struct_ref.pdbx_seq_one_letter_code   
;MGDALGLIETKGLVACIAAADAMCKSANVELIGYENIGSGLVTVMVKGDVGAVKASVDSGLESAQHIGEVVTSLVIARPH
NDINKIVIKHKA
;
_struct_ref.pdbx_align_begin           1 
# 
_struct_ref_seq.align_id                      1 
_struct_ref_seq.ref_id                        1 
_struct_ref_seq.pdbx_PDB_id_code              7MGP 
_struct_ref_seq.pdbx_strand_id                A 
_struct_ref_seq.seq_align_beg                 8 
_struct_ref_seq.pdbx_seq_align_beg_ins_code   ? 
_struct_ref_seq.seq_align_end                 99 
_struct_ref_seq.pdbx_seq_align_end_ins_code   ? 
_struct_ref_seq.pdbx_db_accession             Q8G9V5 
_struct_ref_seq.db_align_beg                  1 
_struct_ref_seq.pdbx_db_align_beg_ins_code    ? 
_struct_ref_seq.db_align_end                  92 
_struct_ref_seq.pdbx_db_align_end_ins_code    ? 
_struct_ref_seq.pdbx_auth_seq_align_beg       1 
_struct_ref_seq.pdbx_auth_seq_align_end       92 
# 
loop_
_struct_ref_seq_dif.align_id 
_struct_ref_seq_dif.pdbx_pdb_id_code 
_struct_ref_seq_dif.mon_id 
_struct_ref_seq_dif.pdbx_pdb_strand_id 
_struct_ref_seq_dif.seq_num 
_struct_ref_seq_dif.pdbx_pdb_ins_code 
_struct_ref_seq_dif.pdbx_seq_db_name 
_struct_ref_seq_dif.pdbx_seq_db_accession_code 
_struct_ref_seq_dif.db_mon_id 
_struct_ref_seq_dif.pdbx_seq_db_seq_num 
_struct_ref_seq_dif.details 
_struct_ref_seq_dif.pdbx_auth_seq_num 
_struct_ref_seq_dif.pdbx_ordinal 
1 7MGP MET A 1  ? UNP Q8G9V5 ?   ?  'initiating methionine' -6 1 
1 7MGP HIS A 2  ? UNP Q8G9V5 ?   ?  'expression tag'        -5 2 
1 7MGP HIS A 3  ? UNP Q8G9V5 ?   ?  'expression tag'        -4 3 
1 7MGP HIS A 4  ? UNP Q8G9V5 ?   ?  'expression tag'        -3 4 
1 7MGP HIS A 5  ? UNP Q8G9V5 ?   ?  'expression tag'        -2 5 
1 7MGP HIS A 6  ? UNP Q8G9V5 ?   ?  'expression tag'        -1 6 
1 7MGP HIS A 7  ? UNP Q8G9V5 ?   ?  'expression tag'        0  7 
1 7MGP ALA A 32 ? UNP Q8G9V5 LYS 25 'engineered mutation'   25 8 
# 
loop_
_chem_comp.id 
_chem_comp.type 
_chem_comp.mon_nstd_flag 
_chem_comp.name 
_chem_comp.pdbx_synonyms 
_chem_comp.formula 
_chem_comp.formula_weight 
ALA 'L-peptide linking' y ALANINE         ? 'C3 H7 N O2'     89.093  
ARG 'L-peptide linking' y ARGININE        ? 'C6 H15 N4 O2 1' 175.209 
ASN 'L-peptide linking' y ASPARAGINE      ? 'C4 H8 N2 O3'    132.118 
ASP 'L-peptide linking' y 'ASPARTIC ACID' ? 'C4 H7 N O4'     133.103 
CYS 'L-peptide linking' y CYSTEINE        ? 'C3 H7 N O2 S'   121.158 
GLN 'L-peptide linking' y GLUTAMINE       ? 'C5 H10 N2 O3'   146.144 
GLU 'L-peptide linking' y 'GLUTAMIC ACID' ? 'C5 H9 N O4'     147.129 
GLY 'peptide linking'   y GLYCINE         ? 'C2 H5 N O2'     75.067  
HIS 'L-peptide linking' y HISTIDINE       ? 'C6 H10 N3 O2 1' 156.162 
HOH non-polymer         . WATER           ? 'H2 O'           18.015  
ILE 'L-peptide linking' y ISOLEUCINE      ? 'C6 H13 N O2'    131.173 
LEU 'L-peptide linking' y LEUCINE         ? 'C6 H13 N O2'    131.173 
LYS 'L-peptide linking' y LYSINE          ? 'C6 H15 N2 O2 1' 147.195 
MET 'L-peptide linking' y METHIONINE      ? 'C5 H11 N O2 S'  149.211 
PRO 'L-peptide linking' y PROLINE         ? 'C5 H9 N O2'     115.130 
SER 'L-peptide linking' y SERINE          ? 'C3 H7 N O3'     105.093 
THR 'L-peptide linking' y THREONINE       ? 'C4 H9 N O3'     119.119 
TYR 'L-peptide linking' y TYROSINE        ? 'C9 H11 N O3'    181.189 
VAL 'L-peptide linking' y VALINE          ? 'C5 H11 N O2'    117.146 
# 
_exptl.absorpt_coefficient_mu     ? 
_exptl.absorpt_correction_T_max   ? 
_exptl.absorpt_correction_T_min   ? 
_exptl.absorpt_correction_type    ? 
_exptl.absorpt_process_details    ? 
_exptl.entry_id                   7MGP 
_exptl.crystals_number            1 
_exptl.details                    ? 
_exptl.method                     'X-RAY DIFFRACTION' 
_exptl.method_details             ? 
# 
_exptl_crystal.colour                      ? 
_exptl_crystal.density_diffrn              ? 
_exptl_crystal.density_Matthews            1.84 
_exptl_crystal.density_method              ? 
_exptl_crystal.density_percent_sol         33.30 
_exptl_crystal.description                 ? 
_exptl_crystal.F_000                       ? 
_exptl_crystal.id                          1 
_exptl_crystal.preparation                 ? 
_exptl_crystal.size_max                    ? 
_exptl_crystal.size_mid                    ? 
_exptl_crystal.size_min                    ? 
_exptl_crystal.size_rad                    ? 
_exptl_crystal.colour_lustre               ? 
_exptl_crystal.colour_modifier             ? 
_exptl_crystal.colour_primary              ? 
_exptl_crystal.density_meas                ? 
_exptl_crystal.density_meas_esd            ? 
_exptl_crystal.density_meas_gt             ? 
_exptl_crystal.density_meas_lt             ? 
_exptl_crystal.density_meas_temp           ? 
_exptl_crystal.density_meas_temp_esd       ? 
_exptl_crystal.density_meas_temp_gt        ? 
_exptl_crystal.density_meas_temp_lt        ? 
_exptl_crystal.pdbx_crystal_image_url      ? 
_exptl_crystal.pdbx_crystal_image_format   ? 
_exptl_crystal.pdbx_mosaicity              ? 
_exptl_crystal.pdbx_mosaicity_esd          ? 
# 
_exptl_crystal_grow.apparatus       ? 
_exptl_crystal_grow.atmosphere      ? 
_exptl_crystal_grow.crystal_id      1 
_exptl_crystal_grow.details         ? 
_exptl_crystal_grow.method          'VAPOR DIFFUSION, HANGING DROP' 
_exptl_crystal_grow.method_ref      ? 
_exptl_crystal_grow.pH              ? 
_exptl_crystal_grow.pressure        ? 
_exptl_crystal_grow.pressure_esd    ? 
_exptl_crystal_grow.seeding         ? 
_exptl_crystal_grow.seeding_ref     ? 
_exptl_crystal_grow.temp            294 
_exptl_crystal_grow.temp_details    ? 
_exptl_crystal_grow.temp_esd        ? 
_exptl_crystal_grow.time            ? 
_exptl_crystal_grow.pdbx_details    '2.5 M Sodium chloride, 0.1 M Imidazole/ Hydrochloric acid pH 8.0' 
_exptl_crystal_grow.pdbx_pH_range   ? 
# 
_diffrn.ambient_environment              ? 
_diffrn.ambient_temp                     100 
_diffrn.ambient_temp_details             ? 
_diffrn.ambient_temp_esd                 ? 
_diffrn.crystal_id                       1 
_diffrn.crystal_support                  ? 
_diffrn.crystal_treatment                ? 
_diffrn.details                          ? 
_diffrn.id                               1 
_diffrn.ambient_pressure                 ? 
_diffrn.ambient_pressure_esd             ? 
_diffrn.ambient_pressure_gt              ? 
_diffrn.ambient_pressure_lt              ? 
_diffrn.ambient_temp_gt                  ? 
_diffrn.ambient_temp_lt                  ? 
_diffrn.pdbx_serial_crystal_experiment   N 
# 
_diffrn_detector.details                      ? 
_diffrn_detector.detector                     PIXEL 
_diffrn_detector.diffrn_id                    1 
_diffrn_detector.type                         'DECTRIS PILATUS 6M-F' 
_diffrn_detector.area_resol_mean              ? 
_diffrn_detector.dtime                        ? 
_diffrn_detector.pdbx_frames_total            ? 
_diffrn_detector.pdbx_collection_time_total   ? 
_diffrn_detector.pdbx_collection_date         2019-08-18 
_diffrn_detector.pdbx_frequency               ? 
# 
_diffrn_radiation.collimation                      ? 
_diffrn_radiation.diffrn_id                        1 
_diffrn_radiation.filter_edge                      ? 
_diffrn_radiation.inhomogeneity                    ? 
_diffrn_radiation.monochromator                    ? 
_diffrn_radiation.polarisn_norm                    ? 
_diffrn_radiation.polarisn_ratio                   ? 
_diffrn_radiation.probe                            ? 
_diffrn_radiation.type                             ? 
_diffrn_radiation.xray_symbol                      ? 
_diffrn_radiation.wavelength_id                    1 
_diffrn_radiation.pdbx_monochromatic_or_laue_m_l   M 
_diffrn_radiation.pdbx_wavelength_list             ? 
_diffrn_radiation.pdbx_wavelength                  ? 
_diffrn_radiation.pdbx_diffrn_protocol             'SINGLE WAVELENGTH' 
_diffrn_radiation.pdbx_analyzer                    ? 
_diffrn_radiation.pdbx_scattering_type             x-ray 
# 
_diffrn_radiation_wavelength.id           1 
_diffrn_radiation_wavelength.wavelength   0.9786 
_diffrn_radiation_wavelength.wt           1.0 
# 
_diffrn_source.current                     ? 
_diffrn_source.details                     ? 
_diffrn_source.diffrn_id                   1 
_diffrn_source.power                       ? 
_diffrn_source.size                        ? 
_diffrn_source.source                      SYNCHROTRON 
_diffrn_source.target                      ? 
_diffrn_source.type                        'APS BEAMLINE 24-ID-C' 
_diffrn_source.voltage                     ? 
_diffrn_source.take-off_angle              ? 
_diffrn_source.pdbx_wavelength_list        0.9786 
_diffrn_source.pdbx_wavelength             ? 
_diffrn_source.pdbx_synchrotron_beamline   24-ID-C 
_diffrn_source.pdbx_synchrotron_site       APS 
# 
_reflns.B_iso_Wilson_estimate                          24.570 
_reflns.entry_id                                       7MGP 
_reflns.data_reduction_details                         ? 
_reflns.data_reduction_method                          ? 
_reflns.d_resolution_high                              1.650 
_reflns.d_resolution_low                               59.630 
_reflns.details                                        ? 
_reflns.limit_h_max                                    ? 
_reflns.limit_h_min                                    ? 
_reflns.limit_k_max                                    ? 
_reflns.limit_k_min                                    ? 
_reflns.limit_l_max                                    ? 
_reflns.limit_l_min                                    ? 
_reflns.number_all                                     ? 
_reflns.number_obs                                     9272 
_reflns.observed_criterion                             ? 
_reflns.observed_criterion_F_max                       ? 
_reflns.observed_criterion_F_min                       ? 
_reflns.observed_criterion_I_max                       ? 
_reflns.observed_criterion_I_min                       ? 
_reflns.observed_criterion_sigma_F                     ? 
_reflns.observed_criterion_sigma_I                     ? 
_reflns.percent_possible_obs                           100.000 
_reflns.R_free_details                                 ? 
_reflns.Rmerge_F_all                                   ? 
_reflns.Rmerge_F_obs                                   ? 
_reflns.Friedel_coverage                               ? 
_reflns.number_gt                                      ? 
_reflns.threshold_expression                           ? 
_reflns.pdbx_redundancy                                9.833 
_reflns.pdbx_Rmerge_I_obs                              0.066 
_reflns.pdbx_Rmerge_I_all                              ? 
_reflns.pdbx_Rsym_value                                ? 
_reflns.pdbx_netI_over_av_sigmaI                       ? 
_reflns.pdbx_netI_over_sigmaI                          19.490 
_reflns.pdbx_res_netI_over_av_sigmaI_2                 ? 
_reflns.pdbx_res_netI_over_sigmaI_2                    ? 
_reflns.pdbx_chi_squared                               1.024 
_reflns.pdbx_scaling_rejects                           47 
_reflns.pdbx_d_res_high_opt                            ? 
_reflns.pdbx_d_res_low_opt                             ? 
_reflns.pdbx_d_res_opt_method                          ? 
_reflns.phase_calculation_details                      ? 
_reflns.pdbx_Rrim_I_all                                0.069 
_reflns.pdbx_Rpim_I_all                                ? 
_reflns.pdbx_d_opt                                     ? 
_reflns.pdbx_number_measured_all                       91175 
_reflns.pdbx_diffrn_id                                 1 
_reflns.pdbx_ordinal                                   1 
_reflns.pdbx_CC_half                                   0.999 
_reflns.pdbx_CC_star                                   ? 
_reflns.pdbx_R_split                                   ? 
_reflns.pdbx_aniso_diffraction_limit_axis_1_ortho[1]   ? 
_reflns.pdbx_aniso_diffraction_limit_axis_1_ortho[2]   ? 
_reflns.pdbx_aniso_diffraction_limit_axis_1_ortho[3]   ? 
_reflns.pdbx_aniso_diffraction_limit_axis_2_ortho[1]   ? 
_reflns.pdbx_aniso_diffraction_limit_axis_2_ortho[2]   ? 
_reflns.pdbx_aniso_diffraction_limit_axis_2_ortho[3]   ? 
_reflns.pdbx_aniso_diffraction_limit_axis_3_ortho[1]   ? 
_reflns.pdbx_aniso_diffraction_limit_axis_3_ortho[2]   ? 
_reflns.pdbx_aniso_diffraction_limit_axis_3_ortho[3]   ? 
_reflns.pdbx_aniso_diffraction_limit_1                 ? 
_reflns.pdbx_aniso_diffraction_limit_2                 ? 
_reflns.pdbx_aniso_diffraction_limit_3                 ? 
_reflns.pdbx_aniso_B_tensor_eigenvector_1_ortho[1]     ? 
_reflns.pdbx_aniso_B_tensor_eigenvector_1_ortho[2]     ? 
_reflns.pdbx_aniso_B_tensor_eigenvector_1_ortho[3]     ? 
_reflns.pdbx_aniso_B_tensor_eigenvector_2_ortho[1]     ? 
_reflns.pdbx_aniso_B_tensor_eigenvector_2_ortho[2]     ? 
_reflns.pdbx_aniso_B_tensor_eigenvector_2_ortho[3]     ? 
_reflns.pdbx_aniso_B_tensor_eigenvector_3_ortho[1]     ? 
_reflns.pdbx_aniso_B_tensor_eigenvector_3_ortho[2]     ? 
_reflns.pdbx_aniso_B_tensor_eigenvector_3_ortho[3]     ? 
_reflns.pdbx_aniso_B_tensor_eigenvalue_1               ? 
_reflns.pdbx_aniso_B_tensor_eigenvalue_2               ? 
_reflns.pdbx_aniso_B_tensor_eigenvalue_3               ? 
_reflns.pdbx_orthogonalization_convention              ? 
_reflns.pdbx_percent_possible_ellipsoidal              ? 
_reflns.pdbx_percent_possible_spherical                ? 
_reflns.pdbx_percent_possible_ellipsoidal_anomalous    ? 
_reflns.pdbx_percent_possible_spherical_anomalous      ? 
_reflns.pdbx_redundancy_anomalous                      ? 
_reflns.pdbx_CC_half_anomalous                         ? 
_reflns.pdbx_absDiff_over_sigma_anomalous              ? 
_reflns.pdbx_percent_possible_anomalous                ? 
_reflns.pdbx_observed_signal_threshold                 ? 
_reflns.pdbx_signal_type                               ? 
_reflns.pdbx_signal_details                            ? 
_reflns.pdbx_signal_software_id                        ? 
# 
loop_
_reflns_shell.d_res_high 
_reflns_shell.d_res_low 
_reflns_shell.meanI_over_sigI_all 
_reflns_shell.meanI_over_sigI_obs 
_reflns_shell.number_measured_all 
_reflns_shell.number_measured_obs 
_reflns_shell.number_possible 
_reflns_shell.number_unique_all 
_reflns_shell.number_unique_obs 
_reflns_shell.percent_possible_all 
_reflns_shell.percent_possible_obs 
_reflns_shell.Rmerge_F_all 
_reflns_shell.Rmerge_F_obs 
_reflns_shell.Rmerge_I_all 
_reflns_shell.Rmerge_I_obs 
_reflns_shell.meanI_over_sigI_gt 
_reflns_shell.meanI_over_uI_all 
_reflns_shell.meanI_over_uI_gt 
_reflns_shell.number_measured_gt 
_reflns_shell.number_unique_gt 
_reflns_shell.percent_possible_gt 
_reflns_shell.Rmerge_F_gt 
_reflns_shell.Rmerge_I_gt 
_reflns_shell.pdbx_redundancy 
_reflns_shell.pdbx_Rsym_value 
_reflns_shell.pdbx_chi_squared 
_reflns_shell.pdbx_netI_over_sigmaI_all 
_reflns_shell.pdbx_netI_over_sigmaI_obs 
_reflns_shell.pdbx_Rrim_I_all 
_reflns_shell.pdbx_Rpim_I_all 
_reflns_shell.pdbx_rejects 
_reflns_shell.pdbx_ordinal 
_reflns_shell.pdbx_diffrn_id 
_reflns_shell.pdbx_CC_half 
_reflns_shell.pdbx_CC_star 
_reflns_shell.pdbx_R_split 
_reflns_shell.pdbx_percent_possible_ellipsoidal 
_reflns_shell.pdbx_percent_possible_spherical 
_reflns_shell.pdbx_percent_possible_ellipsoidal_anomalous 
_reflns_shell.pdbx_percent_possible_spherical_anomalous 
_reflns_shell.pdbx_redundancy_anomalous 
_reflns_shell.pdbx_CC_half_anomalous 
_reflns_shell.pdbx_absDiff_over_sigma_anomalous 
_reflns_shell.pdbx_percent_possible_anomalous 
1.650 1.690  ? 3.140  ? 6521 677 ? 677 100.000 ? ? ? ? 0.647 ? ? ? ? ? ? ? ? 9.632  ? ? ? ? 0.685 ? ? 1  1 0.910 ? ? ? ? ? ? ? ? ? 
? 
1.690 1.740  ? 4.140  ? 6431 665 ? 665 100.000 ? ? ? ? 0.510 ? ? ? ? ? ? ? ? 9.671  ? ? ? ? 0.540 ? ? 2  1 0.946 ? ? ? ? ? ? ? ? ? 
? 
1.740 1.790  ? 4.940  ? 6108 635 ? 635 100.000 ? ? ? ? 0.436 ? ? ? ? ? ? ? ? 9.619  ? ? ? ? 0.462 ? ? 3  1 0.966 ? ? ? ? ? ? ? ? ? 
? 
1.790 1.840  ? 7.200  ? 5894 635 ? 635 100.000 ? ? ? ? 0.279 ? ? ? ? ? ? ? ? 9.282  ? ? ? ? 0.296 ? ? 4  1 0.990 ? ? ? ? ? ? ? ? ? 
? 
1.840 1.910  ? 9.370  ? 5447 590 ? 590 100.000 ? ? ? ? 0.213 ? ? ? ? ? ? ? ? 9.232  ? ? ? ? 0.225 ? ? 5  1 0.994 ? ? ? ? ? ? ? ? ? 
? 
1.910 1.970  ? 11.920 ? 6177 595 ? 595 100.000 ? ? ? ? 0.168 ? ? ? ? ? ? ? ? 10.382 ? ? ? ? 0.177 ? ? 6  1 0.996 ? ? ? ? ? ? ? ? ? 
? 
1.970 2.050  ? 14.920 ? 5823 557 ? 557 100.000 ? ? ? ? 0.134 ? ? ? ? ? ? ? ? 10.454 ? ? ? ? 0.141 ? ? 7  1 0.997 ? ? ? ? ? ? ? ? ? 
? 
2.050 2.130  ? 17.500 ? 5710 557 ? 557 100.000 ? ? ? ? 0.122 ? ? ? ? ? ? ? ? 10.251 ? ? ? ? 0.129 ? ? 8  1 0.995 ? ? ? ? ? ? ? ? ? 
? 
2.130 2.220  ? 19.460 ? 5263 522 ? 522 100.000 ? ? ? ? 0.110 ? ? ? ? ? ? ? ? 10.082 ? ? ? ? 0.116 ? ? 9  1 0.995 ? ? ? ? ? ? ? ? ? 
? 
2.220 2.330  ? 21.600 ? 4892 501 ? 501 100.000 ? ? ? ? 0.097 ? ? ? ? ? ? ? ? 9.764  ? ? ? ? 0.103 ? ? 10 1 0.997 ? ? ? ? ? ? ? ? ? 
? 
2.330 2.460  ? 23.750 ? 4507 482 ? 482 100.000 ? ? ? ? 0.083 ? ? ? ? ? ? ? ? 9.351  ? ? ? ? 0.088 ? ? 11 1 0.996 ? ? ? ? ? ? ? ? ? 
? 
2.460 2.610  ? 28.190 ? 4670 446 ? 446 100.000 ? ? ? ? 0.074 ? ? ? ? ? ? ? ? 10.471 ? ? ? ? 0.078 ? ? 12 1 0.998 ? ? ? ? ? ? ? ? ? 
? 
2.610 2.790  ? 32.580 ? 4552 436 ? 436 100.000 ? ? ? ? 0.069 ? ? ? ? ? ? ? ? 10.440 ? ? ? ? 0.073 ? ? 13 1 0.998 ? ? ? ? ? ? ? ? ? 
? 
2.790 3.010  ? 33.940 ? 4003 393 ? 393 100.000 ? ? ? ? 0.065 ? ? ? ? ? ? ? ? 10.186 ? ? ? ? 0.068 ? ? 14 1 0.997 ? ? ? ? ? ? ? ? ? 
? 
3.010 3.300  ? 37.060 ? 3525 366 ? 365 99.700  ? ? ? ? 0.055 ? ? ? ? ? ? ? ? 9.658  ? ? ? ? 0.058 ? ? 15 1 0.998 ? ? ? ? ? ? ? ? ? 
? 
3.300 3.690  ? 39.100 ? 3162 341 ? 341 100.000 ? ? ? ? 0.050 ? ? ? ? ? ? ? ? 9.273  ? ? ? ? 0.053 ? ? 16 1 0.998 ? ? ? ? ? ? ? ? ? 
? 
3.690 4.260  ? 44.610 ? 3029 298 ? 297 99.700  ? ? ? ? 0.046 ? ? ? ? ? ? ? ? 10.199 ? ? ? ? 0.049 ? ? 17 1 0.999 ? ? ? ? ? ? ? ? ? 
? 
4.260 5.220  ? 44.260 ? 2545 255 ? 255 100.000 ? ? ? ? 0.044 ? ? ? ? ? ? ? ? 9.980  ? ? ? ? 0.046 ? ? 18 1 0.998 ? ? ? ? ? ? ? ? ? 
? 
5.220 7.380  ? 39.810 ? 1797 204 ? 204 100.000 ? ? ? ? 0.045 ? ? ? ? ? ? ? ? 8.809  ? ? ? ? 0.048 ? ? 19 1 0.998 ? ? ? ? ? ? ? ? ? 
? 
7.380 59.630 ? 45.060 ? 1119 119 ? 119 100.000 ? ? ? ? 0.044 ? ? ? ? ? ? ? ? 9.403  ? ? ? ? 0.047 ? ? 20 1 0.999 ? ? ? ? ? ? ? ? ? 
? 
# 
_refine.aniso_B[1][1]                            5.4365 
_refine.aniso_B[1][2]                            0.0000 
_refine.aniso_B[1][3]                            0.0000 
_refine.aniso_B[2][2]                            5.4365 
_refine.aniso_B[2][3]                            0.0000 
_refine.aniso_B[3][3]                            -10.8729 
_refine.B_iso_max                                58.120 
_refine.B_iso_mean                               30.0500 
_refine.B_iso_min                                16.360 
_refine.correlation_coeff_Fo_to_Fc               0.9380 
_refine.correlation_coeff_Fo_to_Fc_free          0.9410 
_refine.details                                  ? 
_refine.diff_density_max                         ? 
_refine.diff_density_max_esd                     ? 
_refine.diff_density_min                         ? 
_refine.diff_density_min_esd                     ? 
_refine.diff_density_rms                         ? 
_refine.diff_density_rms_esd                     ? 
_refine.entry_id                                 7MGP 
_refine.pdbx_refine_id                           'X-RAY DIFFRACTION' 
_refine.ls_abs_structure_details                 ? 
_refine.ls_abs_structure_Flack                   ? 
_refine.ls_abs_structure_Flack_esd               ? 
_refine.ls_abs_structure_Rogers                  ? 
_refine.ls_abs_structure_Rogers_esd              ? 
_refine.ls_d_res_high                            1.6500 
_refine.ls_d_res_low                             59.6300 
_refine.ls_extinction_coef                       ? 
_refine.ls_extinction_coef_esd                   ? 
_refine.ls_extinction_expression                 ? 
_refine.ls_extinction_method                     ? 
_refine.ls_goodness_of_fit_all                   ? 
_refine.ls_goodness_of_fit_all_esd               ? 
_refine.ls_goodness_of_fit_obs                   ? 
_refine.ls_goodness_of_fit_obs_esd               ? 
_refine.ls_hydrogen_treatment                    ? 
_refine.ls_matrix_type                           ? 
_refine.ls_number_constraints                    ? 
_refine.ls_number_parameters                     ? 
_refine.ls_number_reflns_all                     ? 
_refine.ls_number_reflns_obs                     9272 
_refine.ls_number_reflns_R_free                  928 
_refine.ls_number_reflns_R_work                  ? 
_refine.ls_number_restraints                     ? 
_refine.ls_percent_reflns_obs                    100.0000 
_refine.ls_percent_reflns_R_free                 10.0100 
_refine.ls_R_factor_all                          ? 
_refine.ls_R_factor_obs                          0.2141 
_refine.ls_R_factor_R_free                       0.2333 
_refine.ls_R_factor_R_free_error                 ? 
_refine.ls_R_factor_R_free_error_details         ? 
_refine.ls_R_factor_R_work                       0.2119 
_refine.ls_R_Fsqd_factor_obs                     ? 
_refine.ls_R_I_factor_obs                        ? 
_refine.ls_redundancy_reflns_all                 ? 
_refine.ls_redundancy_reflns_obs                 ? 
_refine.ls_restrained_S_all                      ? 
_refine.ls_restrained_S_obs                      ? 
_refine.ls_shift_over_esd_max                    ? 
_refine.ls_shift_over_esd_mean                   ? 
_refine.ls_structure_factor_coef                 ? 
_refine.ls_weighting_details                     ? 
_refine.ls_weighting_scheme                      ? 
_refine.ls_wR_factor_all                         ? 
_refine.ls_wR_factor_obs                         ? 
_refine.ls_wR_factor_R_free                      ? 
_refine.ls_wR_factor_R_work                      ? 
_refine.occupancy_max                            ? 
_refine.occupancy_min                            ? 
_refine.solvent_model_details                    ? 
_refine.solvent_model_param_bsol                 ? 
_refine.solvent_model_param_ksol                 ? 
_refine.pdbx_R_complete                          ? 
_refine.ls_R_factor_gt                           ? 
_refine.ls_goodness_of_fit_gt                    ? 
_refine.ls_goodness_of_fit_ref                   ? 
_refine.ls_shift_over_su_max                     ? 
_refine.ls_shift_over_su_max_lt                  ? 
_refine.ls_shift_over_su_mean                    ? 
_refine.ls_shift_over_su_mean_lt                 ? 
_refine.pdbx_ls_sigma_I                          ? 
_refine.pdbx_ls_sigma_F                          0.000 
_refine.pdbx_ls_sigma_Fsqd                       ? 
_refine.pdbx_data_cutoff_high_absF               ? 
_refine.pdbx_data_cutoff_high_rms_absF           ? 
_refine.pdbx_data_cutoff_low_absF                ? 
_refine.pdbx_isotropic_thermal_model             ? 
_refine.pdbx_ls_cross_valid_method               THROUGHOUT 
_refine.pdbx_method_to_determine_struct          'MOLECULAR REPLACEMENT' 
_refine.pdbx_starting_model                      4QIV 
_refine.pdbx_stereochemistry_target_values       ? 
_refine.pdbx_R_Free_selection_details            RANDOM 
_refine.pdbx_stereochem_target_val_spec_case     ? 
_refine.pdbx_overall_ESU_R                       ? 
_refine.pdbx_overall_ESU_R_Free                  ? 
_refine.pdbx_solvent_vdw_probe_radii             ? 
_refine.pdbx_solvent_ion_probe_radii             ? 
_refine.pdbx_solvent_shrinkage_radii             ? 
_refine.pdbx_real_space_R                        ? 
_refine.pdbx_density_correlation                 ? 
_refine.pdbx_pd_number_of_powder_patterns        ? 
_refine.pdbx_pd_number_of_points                 ? 
_refine.pdbx_pd_meas_number_of_points            ? 
_refine.pdbx_pd_proc_ls_prof_R_factor            ? 
_refine.pdbx_pd_proc_ls_prof_wR_factor           ? 
_refine.pdbx_pd_Marquardt_correlation_coeff      ? 
_refine.pdbx_pd_Fsqrd_R_factor                   ? 
_refine.pdbx_pd_ls_matrix_band_width             ? 
_refine.pdbx_overall_phase_error                 ? 
_refine.pdbx_overall_SU_R_free_Cruickshank_DPI   0.1040 
_refine.pdbx_overall_SU_R_free_Blow_DPI          0.1030 
_refine.pdbx_overall_SU_R_Blow_DPI               0.1120 
_refine.pdbx_TLS_residual_ADP_flag               ? 
_refine.pdbx_diffrn_id                           1 
_refine.overall_SU_B                             ? 
_refine.overall_SU_ML                            ? 
_refine.overall_SU_R_Cruickshank_DPI             0.1120 
_refine.overall_SU_R_free                        ? 
_refine.overall_FOM_free_R_set                   ? 
_refine.overall_FOM_work_R_set                   ? 
_refine.pdbx_average_fsc_overall                 ? 
_refine.pdbx_average_fsc_work                    ? 
_refine.pdbx_average_fsc_free                    ? 
# 
_refine_analyze.entry_id                        7MGP 
_refine_analyze.pdbx_refine_id                  'X-RAY DIFFRACTION' 
_refine_analyze.Luzzati_coordinate_error_free   ? 
_refine_analyze.Luzzati_coordinate_error_obs    0.240 
_refine_analyze.Luzzati_d_res_low_free          ? 
_refine_analyze.Luzzati_d_res_low_obs           ? 
_refine_analyze.Luzzati_sigma_a_free            ? 
_refine_analyze.Luzzati_sigma_a_free_details    ? 
_refine_analyze.Luzzati_sigma_a_obs             ? 
_refine_analyze.Luzzati_sigma_a_obs_details     ? 
_refine_analyze.number_disordered_residues      ? 
_refine_analyze.occupancy_sum_hydrogen          ? 
_refine_analyze.occupancy_sum_non_hydrogen      ? 
_refine_analyze.RG_d_res_high                   ? 
_refine_analyze.RG_d_res_low                    ? 
_refine_analyze.RG_free                         ? 
_refine_analyze.RG_work                         ? 
_refine_analyze.RG_free_work_ratio              ? 
_refine_analyze.pdbx_Luzzati_d_res_high_obs     ? 
# 
_refine_hist.pdbx_refine_id                   'X-RAY DIFFRACTION' 
_refine_hist.cycle_id                         final 
_refine_hist.details                          ? 
_refine_hist.d_res_high                       1.6500 
_refine_hist.d_res_low                        59.6300 
_refine_hist.number_atoms_solvent             27 
_refine_hist.number_atoms_total               674 
_refine_hist.number_reflns_all                ? 
_refine_hist.number_reflns_obs                ? 
_refine_hist.number_reflns_R_free             ? 
_refine_hist.number_reflns_R_work             ? 
_refine_hist.R_factor_all                     ? 
_refine_hist.R_factor_obs                     ? 
_refine_hist.R_factor_R_free                  ? 
_refine_hist.R_factor_R_work                  ? 
_refine_hist.pdbx_number_residues_total       93 
_refine_hist.pdbx_B_iso_mean_ligand           ? 
_refine_hist.pdbx_B_iso_mean_solvent          36.12 
_refine_hist.pdbx_number_atoms_protein        647 
_refine_hist.pdbx_number_atoms_nucleic_acid   0 
_refine_hist.pdbx_number_atoms_ligand         0 
_refine_hist.pdbx_number_atoms_lipid          ? 
_refine_hist.pdbx_number_atoms_carb           ? 
_refine_hist.pdbx_pseudo_atom_details         ? 
# 
loop_
_refine_ls_restr.pdbx_refine_id 
_refine_ls_restr.criterion 
_refine_ls_restr.dev_ideal 
_refine_ls_restr.dev_ideal_target 
_refine_ls_restr.number 
_refine_ls_restr.rejects 
_refine_ls_restr.type 
_refine_ls_restr.weight 
_refine_ls_restr.pdbx_restraint_function 
'X-RAY DIFFRACTION' ? ?      ? 220 ? t_dihedral_angle_d        2.000  SINUSOIDAL   
'X-RAY DIFFRACTION' ? ?      ? ?   ? t_trig_c_planes           ?      ?            
'X-RAY DIFFRACTION' ? ?      ? 113 ? t_gen_planes              5.000  HARMONIC     
'X-RAY DIFFRACTION' ? ?      ? 656 ? t_it                      10.000 HARMONIC     
'X-RAY DIFFRACTION' ? ?      ? ?   ? t_nbd                     ?      ?            
'X-RAY DIFFRACTION' ? ?      ? ?   ? t_improper_torsion        ?      ?            
'X-RAY DIFFRACTION' ? ?      ? ?   ? t_pseud_angle             ?      ?            
'X-RAY DIFFRACTION' ? ?      ? 97  ? t_chiral_improper_torsion 5.000  SEMIHARMONIC 
'X-RAY DIFFRACTION' ? ?      ? ?   ? t_sum_occupancies         ?      ?            
'X-RAY DIFFRACTION' ? ?      ? ?   ? t_utility_distance        ?      ?            
'X-RAY DIFFRACTION' ? ?      ? 1   ? t_utility_angle           1.000  HARMONIC     
'X-RAY DIFFRACTION' ? ?      ? ?   ? t_utility_torsion         ?      ?            
'X-RAY DIFFRACTION' ? ?      ? 639 ? t_ideal_dist_contact      4.000  SEMIHARMONIC 
'X-RAY DIFFRACTION' ? 0.008  ? 656 ? t_bond_d                  2.000  HARMONIC     
'X-RAY DIFFRACTION' ? 1.020  ? 891 ? t_angle_deg               2.000  HARMONIC     
'X-RAY DIFFRACTION' ? 3.350  ? ?   ? t_omega_torsion           ?      ?            
'X-RAY DIFFRACTION' ? 17.860 ? ?   ? t_other_torsion           ?      ?            
# 
_refine_ls_shell.pdbx_refine_id                   'X-RAY DIFFRACTION' 
_refine_ls_shell.d_res_high                       1.6500 
_refine_ls_shell.d_res_low                        1.6600 
_refine_ls_shell.number_reflns_all                202 
_refine_ls_shell.number_reflns_obs                ? 
_refine_ls_shell.number_reflns_R_free             21 
_refine_ls_shell.number_reflns_R_work             181 
_refine_ls_shell.percent_reflns_obs               100.0000 
_refine_ls_shell.percent_reflns_R_free            10.4000 
_refine_ls_shell.R_factor_all                     0.3273 
_refine_ls_shell.R_factor_obs                     ? 
_refine_ls_shell.R_factor_R_free                  0.3951 
_refine_ls_shell.R_factor_R_free_error            0.0000 
_refine_ls_shell.R_factor_R_work                  0.3203 
_refine_ls_shell.redundancy_reflns_all            ? 
_refine_ls_shell.redundancy_reflns_obs            ? 
_refine_ls_shell.wR_factor_all                    ? 
_refine_ls_shell.wR_factor_obs                    ? 
_refine_ls_shell.wR_factor_R_free                 ? 
_refine_ls_shell.wR_factor_R_work                 ? 
_refine_ls_shell.pdbx_R_complete                  ? 
_refine_ls_shell.pdbx_total_number_of_bins_used   47 
_refine_ls_shell.pdbx_phase_error                 ? 
_refine_ls_shell.pdbx_fsc_work                    ? 
_refine_ls_shell.pdbx_fsc_free                    ? 
# 
_struct.entry_id                     7MGP 
_struct.title                        'CmcA from Type II Cut MCP' 
_struct.pdbx_model_details           ? 
_struct.pdbx_formula_weight          ? 
_struct.pdbx_formula_weight_method   ? 
_struct.pdbx_model_type_details      ? 
_struct.pdbx_CASP_flag               N 
# 
_struct_keywords.entry_id        7MGP 
_struct_keywords.text            'microcompartment, MCP, shell protein, choline utilization, STRUCTURAL PROTEIN' 
_struct_keywords.pdbx_keywords   'STRUCTURAL PROTEIN' 
# 
loop_
_struct_asym.id 
_struct_asym.pdbx_blank_PDB_chainid_flag 
_struct_asym.pdbx_modified 
_struct_asym.entity_id 
_struct_asym.details 
A N N 1 ? 
B N N 2 ? 
# 
loop_
_struct_conf.conf_type_id 
_struct_conf.id 
_struct_conf.pdbx_PDB_helix_id 
_struct_conf.beg_label_comp_id 
_struct_conf.beg_label_asym_id 
_struct_conf.beg_label_seq_id 
_struct_conf.pdbx_beg_PDB_ins_code 
_struct_conf.end_label_comp_id 
_struct_conf.end_label_asym_id 
_struct_conf.end_label_seq_id 
_struct_conf.pdbx_end_PDB_ins_code 
_struct_conf.beg_auth_comp_id 
_struct_conf.beg_auth_asym_id 
_struct_conf.beg_auth_seq_id 
_struct_conf.end_auth_comp_id 
_struct_conf.end_auth_asym_id 
_struct_conf.end_auth_seq_id 
_struct_conf.pdbx_PDB_helix_class 
_struct_conf.details 
_struct_conf.pdbx_PDB_helix_length 
HELX_P HELX_P1 AA1 GLY A 19 ? ALA A 34 ? GLY A 12 ALA A 27 1 ? 16 
HELX_P HELX_P2 AA2 ASP A 56 ? HIS A 73 ? ASP A 49 HIS A 66 1 ? 18 
HELX_P HELX_P3 AA3 HIS A 87 ? ASP A 89 ? HIS A 80 ASP A 82 5 ? 3  
HELX_P HELX_P4 AA4 ILE A 90 ? ILE A 95 ? ILE A 83 ILE A 88 1 ? 6  
HELX_P HELX_P5 AA5 LYS A 96 ? LYS A 98 ? LYS A 89 LYS A 91 5 ? 3  
# 
_struct_conf_type.id          HELX_P 
_struct_conf_type.criteria    ? 
_struct_conf_type.reference   ? 
# 
_struct_sheet.id               AA1 
_struct_sheet.type             ? 
_struct_sheet.number_strands   4 
_struct_sheet.details          ? 
# 
loop_
_struct_sheet_order.sheet_id 
_struct_sheet_order.range_id_1 
_struct_sheet_order.range_id_2 
_struct_sheet_order.offset 
_struct_sheet_order.sense 
AA1 1 2 ? anti-parallel 
AA1 2 3 ? anti-parallel 
AA1 3 4 ? anti-parallel 
# 
loop_
_struct_sheet_range.sheet_id 
_struct_sheet_range.id 
_struct_sheet_range.beg_label_comp_id 
_struct_sheet_range.beg_label_asym_id 
_struct_sheet_range.beg_label_seq_id 
_struct_sheet_range.pdbx_beg_PDB_ins_code 
_struct_sheet_range.end_label_comp_id 
_struct_sheet_range.end_label_asym_id 
_struct_sheet_range.end_label_seq_id 
_struct_sheet_range.pdbx_end_PDB_ins_code 
_struct_sheet_range.beg_auth_comp_id 
_struct_sheet_range.beg_auth_asym_id 
_struct_sheet_range.beg_auth_seq_id 
_struct_sheet_range.end_auth_comp_id 
_struct_sheet_range.end_auth_asym_id 
_struct_sheet_range.end_auth_seq_id 
AA1 1 GLU A 37 ? ASN A 43 ? GLU A 30 ASN A 36 
AA1 2 LEU A 48 ? GLY A 55 ? LEU A 41 GLY A 48 
AA1 3 ALA A 11 ? LYS A 18 ? ALA A 4  LYS A 11 
AA1 4 GLU A 76 ? ILE A 83 ? GLU A 69 ILE A 76 
# 
loop_
_pdbx_struct_sheet_hbond.sheet_id 
_pdbx_struct_sheet_hbond.range_id_1 
_pdbx_struct_sheet_hbond.range_id_2 
_pdbx_struct_sheet_hbond.range_1_label_atom_id 
_pdbx_struct_sheet_hbond.range_1_label_comp_id 
_pdbx_struct_sheet_hbond.range_1_label_asym_id 
_pdbx_struct_sheet_hbond.range_1_label_seq_id 
_pdbx_struct_sheet_hbond.range_1_PDB_ins_code 
_pdbx_struct_sheet_hbond.range_1_auth_atom_id 
_pdbx_struct_sheet_hbond.range_1_auth_comp_id 
_pdbx_struct_sheet_hbond.range_1_auth_asym_id 
_pdbx_struct_sheet_hbond.range_1_auth_seq_id 
_pdbx_struct_sheet_hbond.range_2_label_atom_id 
_pdbx_struct_sheet_hbond.range_2_label_comp_id 
_pdbx_struct_sheet_hbond.range_2_label_asym_id 
_pdbx_struct_sheet_hbond.range_2_label_seq_id 
_pdbx_struct_sheet_hbond.range_2_PDB_ins_code 
_pdbx_struct_sheet_hbond.range_2_auth_atom_id 
_pdbx_struct_sheet_hbond.range_2_auth_comp_id 
_pdbx_struct_sheet_hbond.range_2_auth_asym_id 
_pdbx_struct_sheet_hbond.range_2_auth_seq_id 
AA1 1 2 N GLU A 42 ? N GLU A 35 O THR A 50 ? O THR A 43 
AA1 2 3 O VAL A 53 ? O VAL A 46 N GLY A 13 ? N GLY A 6  
AA1 3 4 N LEU A 12 ? N LEU A 5  O ILE A 83 ? O ILE A 76 
# 
_atom_sites.entry_id                    7MGP 
_atom_sites.Cartn_transf_matrix[1][1]   ? 
_atom_sites.Cartn_transf_matrix[1][2]   ? 
_atom_sites.Cartn_transf_matrix[1][3]   ? 
_atom_sites.Cartn_transf_matrix[2][1]   ? 
_atom_sites.Cartn_transf_matrix[2][2]   ? 
_atom_sites.Cartn_transf_matrix[2][3]   ? 
_atom_sites.Cartn_transf_matrix[3][1]   ? 
_atom_sites.Cartn_transf_matrix[3][2]   ? 
_atom_sites.Cartn_transf_matrix[3][3]   ? 
_atom_sites.Cartn_transf_vector[1]      ? 
_atom_sites.Cartn_transf_vector[2]      ? 
_atom_sites.Cartn_transf_vector[3]      ? 
_atom_sites.fract_transf_matrix[1][1]   0.00154997 
_atom_sites.fract_transf_matrix[1][2]   -0.00223204 
_atom_sites.fract_transf_matrix[1][3]   0.01654677 
_atom_sites.fract_transf_matrix[2][1]   -0.00574989 
_atom_sites.fract_transf_matrix[2][2]   0.01164669 
_atom_sites.fract_transf_matrix[2][3]   0.01060626 
_atom_sites.fract_transf_matrix[3][1]   -0.03198654 
_atom_sites.fract_transf_matrix[3][2]   -0.01649395 
_atom_sites.fract_transf_matrix[3][3]   0.00077133 
_atom_sites.fract_transf_vector[1]      0.371328 
_atom_sites.fract_transf_vector[2]      0.185820 
_atom_sites.fract_transf_vector[3]      0.469759 
_atom_sites.solution_primary            ? 
_atom_sites.solution_secondary          ? 
_atom_sites.solution_hydrogens          ? 
_atom_sites.special_details             ? 
# 
loop_
_atom_type.symbol 
C 
N 
O 
S 
# 
loop_
_atom_site.group_PDB 
_atom_site.id 
_atom_site.type_symbol 
_atom_site.label_atom_id 
_atom_site.label_alt_id 
_atom_site.label_comp_id 
_atom_site.label_asym_id 
_atom_site.label_entity_id 
_atom_site.label_seq_id 
_atom_site.pdbx_PDB_ins_code 
_atom_site.Cartn_x 
_atom_site.Cartn_y 
_atom_site.Cartn_z 
_atom_site.occupancy 
_atom_site.B_iso_or_equiv 
_atom_site.pdbx_formal_charge 
_atom_site.auth_seq_id 
_atom_site.auth_comp_id 
_atom_site.auth_asym_id 
_atom_site.auth_atom_id 
_atom_site.pdbx_PDB_model_num 
ATOM   1   N N   . HIS A 1 2  ? -27.761 0.931   9.218   1.00 51.13 ? -5  HIS A N   1 
ATOM   2   C CA  . HIS A 1 2  ? -26.646 0.336   9.956   1.00 51.27 ? -5  HIS A CA  1 
ATOM   3   C C   . HIS A 1 2  ? -25.889 -0.618  9.036   1.00 50.54 ? -5  HIS A C   1 
ATOM   4   O O   . HIS A 1 2  ? -26.021 -1.838  9.135   1.00 49.96 ? -5  HIS A O   1 
ATOM   5   C CB  B HIS A 1 2  ? -27.143 -0.375  11.231  1.00 52.64 ? -5  HIS A CB  1 
ATOM   6   C CG  B HIS A 1 2  ? -28.127 0.438   12.018  1.00 55.27 ? -5  HIS A CG  1 
ATOM   7   N ND1 B HIS A 1 2  ? -29.408 -0.021  12.267  1.00 57.30 ? -5  HIS A ND1 1 
ATOM   8   C CD2 B HIS A 1 2  ? -28.004 1.688   12.526  1.00 56.68 ? -5  HIS A CD2 1 
ATOM   9   C CE1 B HIS A 1 2  ? -30.008 0.941   12.951  1.00 58.05 ? -5  HIS A CE1 1 
ATOM   10  N NE2 B HIS A 1 2  ? -29.203 1.988   13.133  1.00 57.96 ? -5  HIS A NE2 1 
ATOM   11  N N   . HIS A 1 3  ? -25.113 -0.043  8.115   1.00 50.01 ? -4  HIS A N   1 
ATOM   12  C CA  . HIS A 1 3  ? -24.326 -0.801  7.151   1.00 49.75 ? -4  HIS A CA  1 
ATOM   13  C C   . HIS A 1 3  ? -22.917 -1.032  7.704   1.00 50.31 ? -4  HIS A C   1 
ATOM   14  O O   . HIS A 1 3  ? -22.333 -0.141  8.320   1.00 50.20 ? -4  HIS A O   1 
ATOM   15  C CB  . HIS A 1 3  ? -24.228 -0.037  5.808   1.00 49.38 ? -4  HIS A CB  1 
ATOM   16  C CG  . HIS A 1 3  ? -25.538 0.187   5.106   1.00 49.54 ? -4  HIS A CG  1 
ATOM   17  N ND1 . HIS A 1 3  ? -25.597 0.852   3.892   1.00 50.75 ? -4  HIS A ND1 1 
ATOM   18  C CD2 . HIS A 1 3  ? -26.793 -0.168  5.466   1.00 49.85 ? -4  HIS A CD2 1 
ATOM   19  C CE1 . HIS A 1 3  ? -26.876 0.874   3.553   1.00 50.67 ? -4  HIS A CE1 1 
ATOM   20  N NE2 . HIS A 1 3  ? -27.633 0.278   4.471   1.00 50.55 ? -4  HIS A NE2 1 
ATOM   21  N N   . HIS A 1 4  ? -22.371 -2.221  7.476   1.00 50.20 ? -3  HIS A N   1 
ATOM   22  C CA  . HIS A 1 4  ? -21.026 -2.560  7.913   1.00 50.98 ? -3  HIS A CA  1 
ATOM   23  C C   . HIS A 1 4  ? -20.176 -2.899  6.695   1.00 51.20 ? -3  HIS A C   1 
ATOM   24  O O   . HIS A 1 4  ? -20.619 -3.646  5.820   1.00 50.35 ? -3  HIS A O   1 
ATOM   25  C CB  . HIS A 1 4  ? -21.052 -3.720  8.919   1.00 52.27 ? -3  HIS A CB  1 
ATOM   26  C CG  . HIS A 1 4  ? -21.919 -3.448  10.109  1.00 55.50 ? -3  HIS A CG  1 
ATOM   27  N ND1 . HIS A 1 4  ? -21.440 -2.750  11.209  1.00 57.85 ? -3  HIS A ND1 1 
ATOM   28  C CD2 . HIS A 1 4  ? -23.219 -3.761  10.323  1.00 56.58 ? -3  HIS A CD2 1 
ATOM   29  C CE1 . HIS A 1 4  ? -22.455 -2.676  12.055  1.00 58.12 ? -3  HIS A CE1 1 
ATOM   30  N NE2 . HIS A 1 4  ? -23.545 -3.269  11.567  1.00 57.78 ? -3  HIS A NE2 1 
ATOM   31  N N   . HIS A 1 5  ? -18.975 -2.308  6.613   1.00 51.67 ? -2  HIS A N   1 
ATOM   32  C CA  . HIS A 1 5  ? -18.055 -2.529  5.499   1.00 52.62 ? -2  HIS A CA  1 
ATOM   33  C C   . HIS A 1 5  ? -16.975 -3.555  5.853   1.00 53.44 ? -2  HIS A C   1 
ATOM   34  O O   . HIS A 1 5  ? -16.622 -3.701  7.024   1.00 53.77 ? -2  HIS A O   1 
ATOM   35  C CB  . HIS A 1 5  ? -17.405 -1.204  5.067   1.00 53.43 ? -2  HIS A CB  1 
ATOM   36  N N   . ASP A 1 10 ? -7.904  1.206   10.000  1.00 33.11 ? 3   ASP A N   1 
ATOM   37  C CA  . ASP A 1 10 ? -8.165  2.639   9.843   1.00 32.12 ? 3   ASP A CA  1 
ATOM   38  C C   . ASP A 1 10 ? -7.097  3.313   8.977   1.00 30.34 ? 3   ASP A C   1 
ATOM   39  O O   . ASP A 1 10 ? -7.442  3.954   7.988   1.00 31.26 ? 3   ASP A O   1 
ATOM   40  C CB  . ASP A 1 10 ? -8.280  3.335   11.207  1.00 34.67 ? 3   ASP A CB  1 
ATOM   41  N N   . ALA A 1 11 ? -5.815  3.166   9.342   1.00 27.30 ? 4   ALA A N   1 
ATOM   42  C CA  . ALA A 1 11 ? -4.736  3.787   8.583   1.00 24.88 ? 4   ALA A CA  1 
ATOM   43  C C   . ALA A 1 11 ? -4.576  3.146   7.219   1.00 22.32 ? 4   ALA A C   1 
ATOM   44  O O   . ALA A 1 11 ? -4.889  1.967   7.041   1.00 22.28 ? 4   ALA A O   1 
ATOM   45  C CB  . ALA A 1 11 ? -3.436  3.699   9.356   1.00 24.94 ? 4   ALA A CB  1 
ATOM   46  N N   . LEU A 1 12 ? -4.091  3.926   6.253   1.00 20.36 ? 5   LEU A N   1 
ATOM   47  C CA  . LEU A 1 12 ? -3.890  3.467   4.879   1.00 20.17 ? 5   LEU A CA  1 
ATOM   48  C C   . LEU A 1 12 ? -2.396  3.596   4.555   1.00 19.82 ? 5   LEU A C   1 
ATOM   49  O O   . LEU A 1 12 ? -1.813  4.633   4.812   1.00 19.45 ? 5   LEU A O   1 
ATOM   50  C CB  . LEU A 1 12 ? -4.705  4.391   3.946   1.00 20.44 ? 5   LEU A CB  1 
ATOM   51  C CG  . LEU A 1 12 ? -4.647  4.102   2.442   1.00 22.00 ? 5   LEU A CG  1 
ATOM   52  C CD1 . LEU A 1 12 ? -5.221  2.736   2.131   1.00 21.88 ? 5   LEU A CD1 1 
ATOM   53  C CD2 . LEU A 1 12 ? -5.377  5.182   1.656   1.00 23.09 ? 5   LEU A CD2 1 
ATOM   54  N N   . GLY A 1 13 ? -1.791  2.551   3.995   1.00 18.47 ? 6   GLY A N   1 
ATOM   55  C CA  . GLY A 1 13 ? -0.386  2.598   3.603   1.00 17.62 ? 6   GLY A CA  1 
ATOM   56  C C   . GLY A 1 13 ? -0.300  2.356   2.111   1.00 17.48 ? 6   GLY A C   1 
ATOM   57  O O   . GLY A 1 13 ? -1.007  1.488   1.611   1.00 18.51 ? 6   GLY A O   1 
ATOM   58  N N   . LEU A 1 14 ? 0.505   3.143   1.376   1.00 16.36 ? 7   LEU A N   1 
ATOM   59  C CA  . LEU A 1 14 ? 0.573   2.997   -0.081  1.00 17.46 ? 7   LEU A CA  1 
ATOM   60  C C   . LEU A 1 14 ? 2.002   2.985   -0.539  1.00 17.59 ? 7   LEU A C   1 
ATOM   61  O O   . LEU A 1 14 ? 2.801   3.784   -0.044  1.00 17.34 ? 7   LEU A O   1 
ATOM   62  C CB  . LEU A 1 14 ? -0.111  4.201   -0.739  1.00 19.03 ? 7   LEU A CB  1 
ATOM   63  C CG  . LEU A 1 14 ? -1.566  4.468   -0.334  1.00 21.44 ? 7   LEU A CG  1 
ATOM   64  C CD1 . LEU A 1 14 ? -1.644  5.537   0.710   1.00 24.54 ? 7   LEU A CD1 1 
ATOM   65  C CD2 . LEU A 1 14 ? -2.367  4.923   -1.543  1.00 23.30 ? 7   LEU A CD2 1 
ATOM   66  N N   . ILE A 1 15 ? 2.327   2.104   -1.504  1.00 16.78 ? 8   ILE A N   1 
ATOM   67  C CA  . ILE A 1 15 ? 3.627   2.112   -2.155  1.00 16.67 ? 8   ILE A CA  1 
ATOM   68  C C   . ILE A 1 15 ? 3.372   2.088   -3.651  1.00 17.59 ? 8   ILE A C   1 
ATOM   69  O O   . ILE A 1 15 ? 2.604   1.244   -4.100  1.00 17.08 ? 8   ILE A O   1 
ATOM   70  C CB  . ILE A 1 15 ? 4.525   0.932   -1.729  1.00 17.31 ? 8   ILE A CB  1 
ATOM   71  C CG1 . ILE A 1 15 ? 4.908   1.086   -0.248  1.00 17.52 ? 8   ILE A CG1 1 
ATOM   72  C CG2 . ILE A 1 15 ? 5.788   0.839   -2.627  1.00 17.98 ? 8   ILE A CG2 1 
ATOM   73  C CD1 . ILE A 1 15 ? 5.678   -0.100  0.328   1.00 19.40 ? 8   ILE A CD1 1 
ATOM   74  N N   . GLU A 1 16 ? 4.006   2.995   -4.390  1.00 17.65 ? 9   GLU A N   1 
ATOM   75  C CA  . GLU A 1 16 ? 3.882   3.077   -5.848  1.00 18.27 ? 9   GLU A CA  1 
ATOM   76  C C   . GLU A 1 16 ? 5.242   2.798   -6.457  1.00 20.46 ? 9   GLU A C   1 
ATOM   77  O O   . GLU A 1 16 ? 6.236   3.363   -6.016  1.00 20.92 ? 9   GLU A O   1 
ATOM   78  C CB  . GLU A 1 16 ? 3.405   4.479   -6.254  1.00 19.46 ? 9   GLU A CB  1 
ATOM   79  C CG  . GLU A 1 16 ? 3.143   4.605   -7.748  1.00 21.58 ? 9   GLU A CG  1 
ATOM   80  C CD  . GLU A 1 16 ? 2.142   5.704   -8.048  1.00 28.87 ? 9   GLU A CD  1 
ATOM   81  O OE1 . GLU A 1 16 ? 2.070   6.670   -7.252  1.00 29.87 ? 9   GLU A OE1 1 
ATOM   82  O OE2 . GLU A 1 16 ? 1.396   5.582   -9.048  1.00 28.99 ? 9   GLU A OE2 1 
ATOM   83  N N   . THR A 1 17 ? 5.308   1.834   -7.388  1.00 20.40 ? 10  THR A N   1 
ATOM   84  C CA  . THR A 1 17 ? 6.570   1.476   -8.021  1.00 21.14 ? 10  THR A CA  1 
ATOM   85  C C   . THR A 1 17 ? 6.451   1.606   -9.535  1.00 22.44 ? 10  THR A C   1 
ATOM   86  O O   . THR A 1 17 ? 5.344   1.619   -10.087 1.00 21.66 ? 10  THR A O   1 
ATOM   87  C CB  . THR A 1 17 ? 6.932   0.000   -7.673  1.00 22.05 ? 10  THR A CB  1 
ATOM   88  O OG1 . THR A 1 17 ? 5.912   -0.850  -8.206  1.00 23.00 ? 10  THR A OG1 1 
ATOM   89  C CG2 . THR A 1 17 ? 7.044   -0.234  -6.182  1.00 21.95 ? 10  THR A CG2 1 
ATOM   90  N N   . LYS A 1 18 ? 7.594   1.668   -10.200 1.00 24.70 ? 11  LYS A N   1 
ATOM   91  C CA  . LYS A 1 18 ? 7.627   1.525   -11.622 1.00 27.32 ? 11  LYS A CA  1 
ATOM   92  C C   . LYS A 1 18 ? 7.875   0.100   -12.018 1.00 28.11 ? 11  LYS A C   1 
ATOM   93  O O   . LYS A 1 18 ? 8.961   -0.420  -11.786 1.00 31.05 ? 11  LYS A O   1 
ATOM   94  C CB  . LYS A 1 18 ? 8.646   2.498   -12.249 1.00 30.61 ? 11  LYS A CB  1 
ATOM   95  C CG  . LYS A 1 18 ? 8.429   2.709   -13.743 1.00 36.48 ? 11  LYS A CG  1 
ATOM   96  C CD  . LYS A 1 18 ? 9.006   4.053   -14.169 1.00 43.61 ? 11  LYS A CD  1 
ATOM   97  C CE  . LYS A 1 18 ? 8.448   4.562   -15.476 1.00 49.52 ? 11  LYS A CE  1 
ATOM   98  N NZ  . LYS A 1 18 ? 8.603   6.040   -15.592 1.00 53.04 ? 11  LYS A NZ  1 
ATOM   99  N N   . GLY A 1 19 ? 6.812   -0.596  -12.368 1.00 26.21 ? 12  GLY A N   1 
ATOM   100 C CA  . GLY A 1 19 ? 6.889   -2.017  -12.687 1.00 25.62 ? 12  GLY A CA  1 
ATOM   101 C C   . GLY A 1 19 ? 6.110   -2.862  -11.686 1.00 24.11 ? 12  GLY A C   1 
ATOM   102 O O   . GLY A 1 19 ? 5.990   -2.513  -10.502 1.00 23.52 ? 12  GLY A O   1 
ATOM   103 N N   . LEU A 1 20 ? 5.541   -3.974  -12.174 1.00 23.26 ? 13  LEU A N   1 
ATOM   104 C CA  . LEU A 1 20 ? 4.715   -4.872  -11.366 1.00 22.52 ? 13  LEU A CA  1 
ATOM   105 C C   . LEU A 1 20 ? 5.516   -5.720  -10.402 1.00 20.89 ? 13  LEU A C   1 
ATOM   106 O O   . LEU A 1 20 ? 5.065   -5.946  -9.268  1.00 20.65 ? 13  LEU A O   1 
ATOM   107 C CB  . LEU A 1 20 ? 3.922   -5.786  -12.315 1.00 23.14 ? 13  LEU A CB  1 
ATOM   108 C CG  . LEU A 1 20 ? 2.990   -6.816  -11.679 1.00 24.42 ? 13  LEU A CG  1 
ATOM   109 C CD1 . LEU A 1 20 ? 1.958   -6.144  -10.765 1.00 25.79 ? 13  LEU A CD1 1 
ATOM   110 C CD2 . LEU A 1 20 ? 2.296   -7.657  -12.754 1.00 25.29 ? 13  LEU A CD2 1 
ATOM   111 N N   . VAL A 1 21 ? 6.681   -6.235  -10.827 1.00 20.19 ? 14  VAL A N   1 
ATOM   112 C CA  . VAL A 1 21 ? 7.475   -7.116  -9.945  1.00 20.24 ? 14  VAL A CA  1 
ATOM   113 C C   . VAL A 1 21 ? 7.915   -6.419  -8.669  1.00 19.76 ? 14  VAL A C   1 
ATOM   114 O O   . VAL A 1 21 ? 7.764   -6.979  -7.576  1.00 19.54 ? 14  VAL A O   1 
ATOM   115 C CB  . VAL A 1 21 ? 8.645   -7.736  -10.704 1.00 20.49 ? 14  VAL A CB  1 
ATOM   116 C CG1 . VAL A 1 21 ? 9.513   -8.615  -9.794  1.00 20.90 ? 14  VAL A CG1 1 
ATOM   117 C CG2 . VAL A 1 21 ? 8.119   -8.518  -11.898 1.00 20.83 ? 14  VAL A CG2 1 
ATOM   118 N N   . ALA A 1 22 ? 8.417   -5.163  -8.772  1.00 19.77 ? 15  ALA A N   1 
ATOM   119 C CA  . ALA A 1 22 ? 8.796   -4.409  -7.569  1.00 19.04 ? 15  ALA A CA  1 
ATOM   120 C C   . ALA A 1 22 ? 7.562   -4.203  -6.649  1.00 18.50 ? 15  ALA A C   1 
ATOM   121 O O   . ALA A 1 22 ? 7.671   -4.270  -5.426  1.00 18.97 ? 15  ALA A O   1 
ATOM   122 C CB  . ALA A 1 22 ? 9.378   -3.059  -7.981  1.00 19.05 ? 15  ALA A CB  1 
ATOM   123 N N   . CYS A 1 23 ? 6.379   -4.024  -7.259  1.00 18.42 ? 16  CYS A N   1 
ATOM   124 C CA  . CYS A 1 23 ? 5.135   -3.857  -6.485  1.00 18.53 ? 16  CYS A CA  1 
ATOM   125 C C   . CYS A 1 23 ? 4.777   -5.134  -5.732  1.00 18.00 ? 16  CYS A C   1 
ATOM   126 O O   . CYS A 1 23 ? 4.418   -5.092  -4.545  1.00 17.97 ? 16  CYS A O   1 
ATOM   127 C CB  . CYS A 1 23 ? 3.987   -3.407  -7.376  1.00 20.27 ? 16  CYS A CB  1 
ATOM   128 S SG  . CYS A 1 23 ? 2.548   -2.850  -6.429  1.00 28.91 ? 16  CYS A SG  1 
ATOM   129 N N   . ILE A 1 24 ? 4.895   -6.280  -6.412  1.00 17.39 ? 17  ILE A N   1 
ATOM   130 C CA  . ILE A 1 24 ? 4.626   -7.561  -5.760  1.00 17.69 ? 17  ILE A CA  1 
ATOM   131 C C   . ILE A 1 24 ? 5.637   -7.813  -4.640  1.00 18.34 ? 17  ILE A C   1 
ATOM   132 O O   . ILE A 1 24 ? 5.247   -8.261  -3.549  1.00 19.14 ? 17  ILE A O   1 
ATOM   133 C CB  . ILE A 1 24 ? 4.569   -8.698  -6.794  1.00 18.45 ? 17  ILE A CB  1 
ATOM   134 C CG1 . ILE A 1 24 ? 3.279   -8.538  -7.655  1.00 19.38 ? 17  ILE A CG1 1 
ATOM   135 C CG2 . ILE A 1 24 ? 4.594   -10.092 -6.072  1.00 18.82 ? 17  ILE A CG2 1 
ATOM   136 C CD1 . ILE A 1 24 ? 3.253   -9.463  -8.840  1.00 22.41 ? 17  ILE A CD1 1 
ATOM   137 N N   . ALA A 1 25 ? 6.913   -7.421  -4.841  1.00 18.37 ? 18  ALA A N   1 
ATOM   138 C CA  . ALA A 1 25 ? 7.917   -7.557  -3.759  1.00 18.81 ? 18  ALA A CA  1 
ATOM   139 C C   . ALA A 1 25 ? 7.514   -6.698  -2.559  1.00 18.77 ? 18  ALA A C   1 
ATOM   140 O O   . ALA A 1 25 ? 7.607   -7.141  -1.413  1.00 18.86 ? 18  ALA A O   1 
ATOM   141 C CB  . ALA A 1 25 ? 9.297   -7.130  -4.250  1.00 19.55 ? 18  ALA A CB  1 
ATOM   142 N N   . ALA A 1 26 ? 7.028   -5.468  -2.835  1.00 17.81 ? 19  ALA A N   1 
ATOM   143 C CA  . ALA A 1 26 ? 6.576   -4.595  -1.772  1.00 18.14 ? 19  ALA A CA  1 
ATOM   144 C C   . ALA A 1 26 ? 5.391   -5.215  -1.030  1.00 18.06 ? 19  ALA A C   1 
ATOM   145 O O   . ALA A 1 26 ? 5.415   -5.248  0.206   1.00 17.61 ? 19  ALA A O   1 
ATOM   146 C CB  . ALA A 1 26 ? 6.198   -3.222  -2.353  1.00 18.69 ? 19  ALA A CB  1 
ATOM   147 N N   . ALA A 1 27 ? 4.365   -5.712  -1.765  1.00 16.97 ? 20  ALA A N   1 
ATOM   148 C CA  . ALA A 1 27 ? 3.160   -6.257  -1.146  1.00 17.64 ? 20  ALA A CA  1 
ATOM   149 C C   . ALA A 1 27 ? 3.504   -7.455  -0.285  1.00 17.88 ? 20  ALA A C   1 
ATOM   150 O O   . ALA A 1 27 ? 3.020   -7.562  0.836   1.00 18.72 ? 20  ALA A O   1 
ATOM   151 C CB  . ALA A 1 27 ? 2.144   -6.628  -2.202  1.00 19.22 ? 20  ALA A CB  1 
ATOM   152 N N   . ASP A 1 28 ? 4.403   -8.323  -0.782  1.00 17.32 ? 21  ASP A N   1 
ATOM   153 C CA  . ASP A 1 28 ? 4.820   -9.492  -0.003  1.00 18.75 ? 21  ASP A CA  1 
ATOM   154 C C   . ASP A 1 28 ? 5.476   -9.064  1.315   1.00 19.70 ? 21  ASP A C   1 
ATOM   155 O O   . ASP A 1 28 ? 5.092   -9.573  2.371   1.00 21.13 ? 21  ASP A O   1 
ATOM   156 C CB  . ASP A 1 28 ? 5.773   -10.362 -0.828  1.00 20.51 ? 21  ASP A CB  1 
ATOM   157 C CG  . ASP A 1 28 ? 6.100   -11.651 -0.102  1.00 25.73 ? 21  ASP A CG  1 
ATOM   158 O OD1 . ASP A 1 28 ? 5.167   -12.441 0.152   1.00 27.28 ? 21  ASP A OD1 1 
ATOM   159 O OD2 . ASP A 1 28 ? 7.279   -11.864 0.219   1.00 28.26 ? 21  ASP A OD2 1 
ATOM   160 N N   . ALA A 1 29 ? 6.422   -8.123  1.269   1.00 18.97 ? 22  ALA A N   1 
ATOM   161 C CA  . ALA A 1 29 ? 7.103   -7.654  2.477   1.00 20.24 ? 22  ALA A CA  1 
ATOM   162 C C   . ALA A 1 29 ? 6.141   -6.930  3.413   1.00 20.44 ? 22  ALA A C   1 
ATOM   163 O O   . ALA A 1 29 ? 6.248   -7.044  4.635   1.00 22.14 ? 22  ALA A O   1 
ATOM   164 C CB  . ALA A 1 29 ? 8.231   -6.718  2.097   1.00 21.07 ? 22  ALA A CB  1 
ATOM   165 N N   . MET A 1 30 ? 5.198   -6.175  2.838   1.00 19.95 ? 23  MET A N   1 
ATOM   166 C CA  . MET A 1 30 ? 4.196   -5.452  3.620   1.00 20.26 ? 23  MET A CA  1 
ATOM   167 C C   . MET A 1 30 ? 3.360   -6.423  4.453   1.00 22.45 ? 23  MET A C   1 
ATOM   168 O O   . MET A 1 30 ? 3.137   -6.182  5.644   1.00 24.25 ? 23  MET A O   1 
ATOM   169 C CB  . MET A 1 30 ? 3.273   -4.638  2.683   1.00 20.11 ? 23  MET A CB  1 
ATOM   170 C CG  . MET A 1 30 ? 3.936   -3.382  2.166   1.00 20.69 ? 23  MET A CG  1 
ATOM   171 S SD  . MET A 1 30 ? 2.975   -2.711  0.782   1.00 22.42 ? 23  MET A SD  1 
ATOM   172 C CE  . MET A 1 30 ? 2.362   -1.262  1.530   1.00 19.57 ? 23  MET A CE  1 
ATOM   173 N N   . CYS A 1 31 ? 2.885   -7.504  3.827   1.00 22.11 ? 24  CYS A N   1 
ATOM   174 C CA  . CYS A 1 31 ? 2.058   -8.480  4.530   1.00 23.57 ? 24  CYS A CA  1 
ATOM   175 C C   . CYS A 1 31 ? 2.830   -9.304  5.523   1.00 24.71 ? 24  CYS A C   1 
ATOM   176 O O   . CYS A 1 31 ? 2.285   -9.685  6.565   1.00 25.92 ? 24  CYS A O   1 
ATOM   177 C CB  . CYS A 1 31 ? 1.347   -9.377  3.527   1.00 25.43 ? 24  CYS A CB  1 
ATOM   178 S SG  . CYS A 1 31 ? 0.199   -8.478  2.470   1.00 28.51 ? 24  CYS A SG  1 
ATOM   179 N N   . ALA A 1 32 ? 4.086   -9.613  5.203   1.00 24.34 ? 25  ALA A N   1 
ATOM   180 C CA  . ALA A 1 32 ? 4.898   -10.448 6.080   1.00 26.01 ? 25  ALA A CA  1 
ATOM   181 C C   . ALA A 1 32 ? 5.361   -9.715  7.339   1.00 27.12 ? 25  ALA A C   1 
ATOM   182 O O   . ALA A 1 32 ? 5.607   -10.344 8.358   1.00 29.21 ? 25  ALA A O   1 
ATOM   183 C CB  . ALA A 1 32 ? 6.106   -10.948 5.311   1.00 26.89 ? 25  ALA A CB  1 
ATOM   184 N N   . SER A 1 33 ? 5.537   -8.400  7.258   1.00 25.94 ? 26  SER A N   1 
ATOM   185 C CA  . SER A 1 33 ? 6.157   -7.630  8.324   1.00 26.82 ? 26  SER A CA  1 
ATOM   186 C C   . SER A 1 33 ? 5.245   -7.046  9.360   1.00 26.77 ? 26  SER A C   1 
ATOM   187 O O   . SER A 1 33 ? 5.745   -6.454  10.320  1.00 27.83 ? 26  SER A O   1 
ATOM   188 C CB  . SER A 1 33 ? 6.940   -6.482  7.708   1.00 29.25 ? 26  SER A CB  1 
ATOM   189 O OG  . SER A 1 33 ? 6.026   -5.599  7.067   1.00 32.13 ? 26  SER A OG  1 
ATOM   190 N N   . ALA A 1 34 ? 3.936   -7.057  9.119   1.00 25.96 ? 27  ALA A N   1 
ATOM   191 C CA  . ALA A 1 34 ? 3.004   -6.428  10.054  1.00 25.95 ? 27  ALA A CA  1 
ATOM   192 C C   . ALA A 1 34 ? 1.581   -6.986  9.916   1.00 26.30 ? 27  ALA A C   1 
ATOM   193 O O   . ALA A 1 34 ? 1.257   -7.647  8.918   1.00 26.18 ? 27  ALA A O   1 
ATOM   194 C CB  . ALA A 1 34 ? 3.022   -4.902  9.848   1.00 26.56 ? 27  ALA A CB  1 
ATOM   195 N N   . ASN A 1 35 ? 0.731   -6.733  10.917  1.00 27.21 ? 28  ASN A N   1 
ATOM   196 C CA  . ASN A 1 35 ? -0.647  -7.175  10.881  1.00 27.77 ? 28  ASN A CA  1 
ATOM   197 C C   . ASN A 1 35 ? -1.449  -6.147  10.082  1.00 26.66 ? 28  ASN A C   1 
ATOM   198 O O   . ASN A 1 35 ? -2.082  -5.263  10.666  1.00 26.71 ? 28  ASN A O   1 
ATOM   199 C CB  . ASN A 1 35 ? -1.195  -7.301  12.310  1.00 30.48 ? 28  ASN A CB  1 
ATOM   200 C CG  . ASN A 1 35 ? -2.641  -7.731  12.358  1.00 35.63 ? 28  ASN A CG  1 
ATOM   201 O OD1 . ASN A 1 35 ? -3.178  -8.266  11.386  1.00 36.42 ? 28  ASN A OD1 1 
ATOM   202 N ND2 . ASN A 1 35 ? -3.312  -7.488  13.481  1.00 37.45 ? 28  ASN A ND2 1 
ATOM   203 N N   . VAL A 1 36 ? -1.401  -6.250  8.748   1.00 25.50 ? 29  VAL A N   1 
ATOM   204 C CA  . VAL A 1 36 ? -2.138  -5.378  7.838   1.00 25.25 ? 29  VAL A CA  1 
ATOM   205 C C   . VAL A 1 36 ? -2.937  -6.231  6.840   1.00 27.38 ? 29  VAL A C   1 
ATOM   206 O O   . VAL A 1 36 ? -2.637  -7.414  6.665   1.00 27.87 ? 29  VAL A O   1 
ATOM   207 C CB  . VAL A 1 36 ? -1.157  -4.450  7.088   1.00 24.54 ? 29  VAL A CB  1 
ATOM   208 C CG1 . VAL A 1 36 ? -0.421  -3.521  8.049   1.00 25.43 ? 29  VAL A CG1 1 
ATOM   209 C CG2 . VAL A 1 36 ? -0.172  -5.261  6.233   1.00 24.10 ? 29  VAL A CG2 1 
ATOM   210 N N   . GLU A 1 37 ? -3.931  -5.621  6.172   1.00 27.60 ? 30  GLU A N   1 
ATOM   211 C CA  . GLU A 1 37 ? -4.733  -6.284  5.148   1.00 28.19 ? 30  GLU A CA  1 
ATOM   212 C C   . GLU A 1 37 ? -4.359  -5.644  3.801   1.00 26.73 ? 30  GLU A C   1 
ATOM   213 O O   . GLU A 1 37 ? -4.320  -4.419  3.710   1.00 25.71 ? 30  GLU A O   1 
ATOM   214 C CB  . GLU A 1 37 ? -6.228  -6.046  5.405   1.00 32.68 ? 30  GLU A CB  1 
ATOM   215 C CG  . GLU A 1 37 ? -7.113  -6.782  4.417   1.00 41.79 ? 30  GLU A CG  1 
ATOM   216 C CD  . GLU A 1 37 ? -8.121  -7.713  5.056   1.00 52.28 ? 30  GLU A CD  1 
ATOM   217 O OE1 . GLU A 1 37 ? -8.671  -7.346  6.121   1.00 55.55 ? 30  GLU A OE1 1 
ATOM   218 O OE2 . GLU A 1 37 ? -8.363  -8.808  4.496   1.00 55.30 ? 30  GLU A OE2 1 
ATOM   219 N N   . LEU A 1 38 ? -4.085  -6.458  2.774   1.00 26.60 ? 31  LEU A N   1 
ATOM   220 C CA  . LEU A 1 38 ? -3.780  -5.966  1.426   1.00 27.11 ? 31  LEU A CA  1 
ATOM   221 C C   . LEU A 1 38 ? -5.156  -5.626  0.853   1.00 28.19 ? 31  LEU A C   1 
ATOM   222 O O   . LEU A 1 38 ? -5.941  -6.535  0.605   1.00 28.59 ? 31  LEU A O   1 
ATOM   223 C CB  . LEU A 1 38 ? -3.138  -7.104  0.613   1.00 27.78 ? 31  LEU A CB  1 
ATOM   224 C CG  . LEU A 1 38 ? -2.346  -6.716  -0.629  1.00 30.61 ? 31  LEU A CG  1 
ATOM   225 C CD1 . LEU A 1 38 ? -1.715  -7.969  -1.264  1.00 31.91 ? 31  LEU A CD1 1 
ATOM   226 C CD2 . LEU A 1 38 ? -3.227  -6.066  -1.678  1.00 32.02 ? 31  LEU A CD2 1 
ATOM   227 N N   . ILE A 1 39 ? -5.468  -4.340  0.677   1.00 28.43 ? 32  ILE A N   1 
ATOM   228 C CA  . ILE A 1 39 ? -6.808  -3.915  0.255   1.00 30.24 ? 32  ILE A CA  1 
ATOM   229 C C   . ILE A 1 39 ? -6.889  -3.187  -1.064  1.00 31.14 ? 32  ILE A C   1 
ATOM   230 O O   . ILE A 1 39 ? -8.002  -2.924  -1.531  1.00 31.87 ? 32  ILE A O   1 
ATOM   231 C CB  . ILE A 1 39 ? -7.477  -3.036  1.348   1.00 32.00 ? 32  ILE A CB  1 
ATOM   232 C CG1 . ILE A 1 39 ? -6.676  -1.743  1.581   1.00 33.77 ? 32  ILE A CG1 1 
ATOM   233 C CG2 . ILE A 1 39 ? -7.642  -3.812  2.650   1.00 33.06 ? 32  ILE A CG2 1 
ATOM   234 C CD1 . ILE A 1 39 ? -7.222  -0.512  1.015   1.00 35.50 ? 32  ILE A CD1 1 
ATOM   235 N N   . GLY A 1 40 ? -5.754  -2.789  -1.611  1.00 29.82 ? 33  GLY A N   1 
ATOM   236 C CA  . GLY A 1 40 ? -5.750  -2.043  -2.861  1.00 29.32 ? 33  GLY A CA  1 
ATOM   237 C C   . GLY A 1 40 ? -4.654  -2.480  -3.804  1.00 27.36 ? 33  GLY A C   1 
ATOM   238 O O   . GLY A 1 40 ? -3.566  -2.870  -3.376  1.00 25.28 ? 33  GLY A O   1 
ATOM   239 N N   . TYR A 1 41 ? -4.928  -2.387  -5.093  1.00 26.92 ? 34  TYR A N   1 
ATOM   240 C CA  . TYR A 1 41 ? -3.943  -2.753  -6.101  1.00 27.43 ? 34  TYR A CA  1 
ATOM   241 C C   . TYR A 1 41 ? -4.380  -2.049  -7.373  1.00 28.27 ? 34  TYR A C   1 
ATOM   242 O O   . TYR A 1 41 ? -5.541  -2.204  -7.768  1.00 29.76 ? 34  TYR A O   1 
ATOM   243 C CB  . TYR A 1 41 ? -3.926  -4.272  -6.288  1.00 27.75 ? 34  TYR A CB  1 
ATOM   244 N N   . GLU A 1 42 ? -3.509  -1.210  -7.959  1.00 26.85 ? 35  GLU A N   1 
ATOM   245 C CA  . GLU A 1 42 ? -3.898  -0.479  -9.164  1.00 27.87 ? 35  GLU A CA  1 
ATOM   246 C C   . GLU A 1 42 ? -2.740  -0.200  -10.082 1.00 28.45 ? 35  GLU A C   1 
ATOM   247 O O   . GLU A 1 42 ? -1.646  0.088   -9.636  1.00 28.10 ? 35  GLU A O   1 
ATOM   248 C CB  . GLU A 1 42 ? -4.599  0.839   -8.803  1.00 30.26 ? 35  GLU A CB  1 
ATOM   249 C CG  . GLU A 1 42 ? -5.224  1.558   -9.995  1.00 37.53 ? 35  GLU A CG  1 
ATOM   250 C CD  . GLU A 1 42 ? -6.281  0.729   -10.704 1.00 44.62 ? 35  GLU A CD  1 
ATOM   251 O OE1 . GLU A 1 42 ? -7.464  0.777   -10.295 1.00 48.36 ? 35  GLU A OE1 1 
ATOM   252 O OE2 . GLU A 1 42 ? -5.912  0.005   -11.655 1.00 45.42 ? 35  GLU A OE2 1 
ATOM   253 N N   . ASN A 1 43 ? -2.977  -0.269  -11.379 1.00 29.33 ? 36  ASN A N   1 
ATOM   254 C CA  . ASN A 1 43 ? -1.992  0.046   -12.373 1.00 31.30 ? 36  ASN A CA  1 
ATOM   255 C C   . ASN A 1 43 ? -2.595  1.217   -13.176 1.00 33.01 ? 36  ASN A C   1 
ATOM   256 O O   . ASN A 1 43 ? -3.683  1.058   -13.718 1.00 34.44 ? 36  ASN A O   1 
ATOM   257 C CB  . ASN A 1 43 ? -1.775  -1.197  -13.230 1.00 33.73 ? 36  ASN A CB  1 
ATOM   258 C CG  . ASN A 1 43 ? -1.132  -0.919  -14.527 1.00 38.80 ? 36  ASN A CG  1 
ATOM   259 O OD1 . ASN A 1 43 ? -1.548  -1.461  -15.549 1.00 41.24 ? 36  ASN A OD1 1 
ATOM   260 N ND2 . ASN A 1 43 ? -0.118  -0.051  -14.518 1.00 39.50 ? 36  ASN A ND2 1 
ATOM   261 N N   . ILE A 1 44 ? -1.895  2.371   -13.250 1.00 33.13 ? 37  ILE A N   1 
ATOM   262 C CA  . ILE A 1 44 ? -2.404  3.585   -13.914 1.00 34.69 ? 37  ILE A CA  1 
ATOM   263 C C   . ILE A 1 44 ? -1.734  3.994   -15.220 1.00 37.46 ? 37  ILE A C   1 
ATOM   264 O O   . ILE A 1 44 ? -1.979  5.116   -15.696 1.00 38.46 ? 37  ILE A O   1 
ATOM   265 C CB  . ILE A 1 44 ? -2.312  4.775   -12.942 1.00 34.22 ? 37  ILE A CB  1 
ATOM   266 C CG1 . ILE A 1 44 ? -0.834  5.107   -12.640 1.00 35.09 ? 37  ILE A CG1 1 
ATOM   267 C CG2 . ILE A 1 44 ? -3.125  4.515   -11.696 1.00 34.00 ? 37  ILE A CG2 1 
ATOM   268 C CD1 . ILE A 1 44 ? -0.592  6.313   -11.909 1.00 37.24 ? 37  ILE A CD1 1 
ATOM   269 N N   . GLY A 1 45 ? -0.864  3.150   -15.759 1.00 38.08 ? 38  GLY A N   1 
ATOM   270 C CA  . GLY A 1 45 ? -0.143  3.531   -16.967 1.00 39.03 ? 38  GLY A CA  1 
ATOM   271 C C   . GLY A 1 45 ? 1.227   4.078   -16.630 1.00 38.97 ? 38  GLY A C   1 
ATOM   272 O O   . GLY A 1 45 ? 1.582   4.223   -15.446 1.00 39.20 ? 38  GLY A O   1 
ATOM   273 N N   . SER A 1 46 ? 2.051   4.294   -17.670 1.00 38.00 ? 39  SER A N   1 
ATOM   274 C CA  . SER A 1 46 ? 3.470   4.654   -17.497 1.00 37.52 ? 39  SER A CA  1 
ATOM   275 C C   . SER A 1 46 ? 4.198   3.662   -16.558 1.00 34.06 ? 39  SER A C   1 
ATOM   276 O O   . SER A 1 46 ? 5.160   4.028   -15.893 1.00 35.10 ? 39  SER A O   1 
ATOM   277 C CB  . SER A 1 46 ? 3.643   6.083   -17.002 1.00 41.45 ? 39  SER A CB  1 
ATOM   278 O OG  . SER A 1 46 ? 5.011   6.452   -16.900 1.00 45.80 ? 39  SER A OG  1 
ATOM   279 N N   . GLY A 1 47 ? 3.683   2.438   -16.472 1.00 31.48 ? 40  GLY A N   1 
ATOM   280 C CA  . GLY A 1 47 ? 4.241   1.383   -15.647 1.00 28.40 ? 40  GLY A CA  1 
ATOM   281 C C   . GLY A 1 47 ? 4.098   1.596   -14.158 1.00 25.65 ? 40  GLY A C   1 
ATOM   282 O O   . GLY A 1 47 ? 4.780   0.930   -13.392 1.00 25.43 ? 40  GLY A O   1 
ATOM   283 N N   . LEU A 1 48 ? 3.250   2.544   -13.725 1.00 23.69 ? 41  LEU A N   1 
ATOM   284 C CA  . LEU A 1 48 ? 3.105   2.832   -12.296 1.00 24.30 ? 41  LEU A CA  1 
ATOM   285 C C   . LEU A 1 48 ? 2.104   1.893   -11.678 1.00 24.68 ? 41  LEU A C   1 
ATOM   286 O O   . LEU A 1 48 ? 0.949   1.827   -12.115 1.00 25.97 ? 41  LEU A O   1 
ATOM   287 C CB  . LEU A 1 48 ? 2.681   4.298   -12.085 1.00 25.60 ? 41  LEU A CB  1 
ATOM   288 C CG  . LEU A 1 48 ? 3.632   5.321   -12.711 1.00 28.44 ? 41  LEU A CG  1 
ATOM   289 C CD1 . LEU A 1 48 ? 3.106   6.731   -12.572 1.00 29.77 ? 41  LEU A CD1 1 
ATOM   290 C CD2 . LEU A 1 48 ? 5.004   5.240   -12.107 1.00 29.64 ? 41  LEU A CD2 1 
ATOM   291 N N   . VAL A 1 49 ? 2.516   1.194   -10.611 1.00 22.25 ? 42  VAL A N   1 
ATOM   292 C CA  . VAL A 1 49 ? 1.646   0.236   -9.957  1.00 21.69 ? 42  VAL A CA  1 
ATOM   293 C C   . VAL A 1 49 ? 1.618   0.573   -8.473  1.00 21.44 ? 42  VAL A C   1 
ATOM   294 O O   . VAL A 1 49 ? 2.668   0.856   -7.905  1.00 21.77 ? 42  VAL A O   1 
ATOM   295 C CB  . VAL A 1 49 ? 2.111   -1.230  -10.187 1.00 23.11 ? 42  VAL A CB  1 
ATOM   296 C CG1 . VAL A 1 49 ? 1.073   -2.205  -9.656  1.00 23.62 ? 42  VAL A CG1 1 
ATOM   297 C CG2 . VAL A 1 49 ? 2.382   -1.508  -11.669 1.00 24.45 ? 42  VAL A CG2 1 
ATOM   298 N N   . THR A 1 50 ? 0.431   0.609   -7.863  1.00 19.99 ? 43  THR A N   1 
ATOM   299 C CA  . THR A 1 50 ? 0.314   0.957   -6.444  1.00 19.67 ? 43  THR A CA  1 
ATOM   300 C C   . THR A 1 50 ? -0.309  -0.163  -5.672  1.00 19.29 ? 43  THR A C   1 
ATOM   301 O O   . THR A 1 50 ? -1.315  -0.740  -6.108  1.00 20.31 ? 43  THR A O   1 
ATOM   302 C CB  . THR A 1 50 ? -0.541  2.231   -6.269  1.00 22.15 ? 43  THR A CB  1 
ATOM   303 O OG1 . THR A 1 50 ? 0.082   3.294   -6.991  1.00 24.24 ? 43  THR A OG1 1 
ATOM   304 C CG2 . THR A 1 50 ? -0.697  2.622   -4.805  1.00 22.87 ? 43  THR A CG2 1 
ATOM   305 N N   . VAL A 1 51 ? 0.281   -0.492  -4.525  1.00 18.41 ? 44  VAL A N   1 
ATOM   306 C CA  . VAL A 1 51 ? -0.309  -1.469  -3.612  1.00 19.32 ? 44  VAL A CA  1 
ATOM   307 C C   . VAL A 1 51 ? -0.715  -0.713  -2.355  1.00 18.94 ? 44  VAL A C   1 
ATOM   308 O O   . VAL A 1 51 ? -0.040  0.253   -1.951  1.00 18.32 ? 44  VAL A O   1 
ATOM   309 C CB  . VAL A 1 51 ? 0.614   -2.656  -3.280  1.00 21.70 ? 44  VAL A CB  1 
ATOM   310 C CG1 . VAL A 1 51 ? 1.985   -2.183  -2.816  1.00 22.20 ? 44  VAL A CG1 1 
ATOM   311 C CG2 . VAL A 1 51 ? -0.045  -3.590  -2.275  1.00 23.37 ? 44  VAL A CG2 1 
ATOM   312 N N   . MET A 1 52 ? -1.873  -1.072  -1.789  1.00 18.55 ? 45  MET A N   1 
ATOM   313 C CA  . MET A 1 52 ? -2.392  -0.372  -0.605  1.00 19.35 ? 45  MET A CA  1 
ATOM   314 C C   . MET A 1 52 ? -2.722  -1.352  0.480   1.00 19.82 ? 45  MET A C   1 
ATOM   315 O O   . MET A 1 52 ? -3.311  -2.400  0.203   1.00 20.32 ? 45  MET A O   1 
ATOM   316 C CB  . MET A 1 52 ? -3.685  0.384   -0.944  1.00 20.65 ? 45  MET A CB  1 
ATOM   317 C CG  . MET A 1 52 ? -3.604  1.164   -2.226  1.00 22.78 ? 45  MET A CG  1 
ATOM   318 S SD  . MET A 1 52 ? -5.142  2.109   -2.475  1.00 30.43 ? 45  MET A SD  1 
ATOM   319 C CE  . MET A 1 52 ? -4.884  2.695   -4.127  1.00 28.68 ? 45  MET A CE  1 
ATOM   320 N N   . VAL A 1 53 ? -2.403  -1.005  1.723   1.00 18.60 ? 46  VAL A N   1 
ATOM   321 C CA  . VAL A 1 53 ? -2.716  -1.833  2.877   1.00 19.07 ? 46  VAL A CA  1 
ATOM   322 C C   . VAL A 1 53 ? -3.488  -1.023  3.918   1.00 20.33 ? 46  VAL A C   1 
ATOM   323 O O   . VAL A 1 53 ? -3.407  0.204   3.948   1.00 19.95 ? 46  VAL A O   1 
ATOM   324 C CB  . VAL A 1 53 ? -1.455  -2.473  3.503   1.00 21.08 ? 46  VAL A CB  1 
ATOM   325 C CG1 . VAL A 1 53 ? -0.712  -3.345  2.477   1.00 22.17 ? 46  VAL A CG1 1 
ATOM   326 C CG2 . VAL A 1 53 ? -0.541  -1.406  4.106   1.00 21.76 ? 46  VAL A CG2 1 
ATOM   327 N N   . LYS A 1 54 ? -4.237  -1.711  4.765   1.00 21.15 ? 47  LYS A N   1 
ATOM   328 C CA  . LYS A 1 54 ? -4.965  -1.052  5.858   1.00 22.79 ? 47  LYS A CA  1 
ATOM   329 C C   . LYS A 1 54 ? -4.702  -1.807  7.132   1.00 23.28 ? 47  LYS A C   1 
ATOM   330 O O   . LYS A 1 54 ? -4.463  -3.015  7.122   1.00 23.99 ? 47  LYS A O   1 
ATOM   331 C CB  . LYS A 1 54 ? -6.470  -0.989  5.588   1.00 26.70 ? 47  LYS A CB  1 
ATOM   332 C CG  . LYS A 1 54 ? -6.890  0.205   4.747   1.00 33.52 ? 47  LYS A CG  1 
ATOM   333 C CD  . LYS A 1 54 ? -8.395  0.460   4.838   1.00 40.43 ? 47  LYS A CD  1 
ATOM   334 C CE  . LYS A 1 54 ? -8.810  1.771   4.203   1.00 45.38 ? 47  LYS A CE  1 
ATOM   335 N NZ  . LYS A 1 54 ? -8.931  2.880   5.200   1.00 47.91 ? 47  LYS A NZ  1 
ATOM   336 N N   . GLY A 1 55 ? -4.746  -1.093  8.237   1.00 23.10 ? 48  GLY A N   1 
ATOM   337 C CA  . GLY A 1 55 ? -4.536  -1.670  9.556   1.00 23.92 ? 48  GLY A CA  1 
ATOM   338 C C   . GLY A 1 55 ? -4.368  -0.584  10.601  1.00 24.15 ? 48  GLY A C   1 
ATOM   339 O O   . GLY A 1 55 ? -4.595  0.598   10.324  1.00 24.67 ? 48  GLY A O   1 
ATOM   340 N N   . ASP A 1 56 ? -3.902  -0.967  11.798  1.00 24.81 ? 49  ASP A N   1 
ATOM   341 C CA  . ASP A 1 56 ? -3.632  0.019   12.849  1.00 24.27 ? 49  ASP A CA  1 
ATOM   342 C C   . ASP A 1 56 ? -2.438  0.878   12.397  1.00 23.73 ? 49  ASP A C   1 
ATOM   343 O O   . ASP A 1 56 ? -1.599  0.401   11.628  1.00 24.55 ? 49  ASP A O   1 
ATOM   344 C CB  . ASP A 1 56 ? -3.302  -0.670  14.203  1.00 26.07 ? 49  ASP A CB  1 
ATOM   345 C CG  . ASP A 1 56 ? -4.439  -1.506  14.787  1.00 33.32 ? 49  ASP A CG  1 
ATOM   346 O OD1 . ASP A 1 56 ? -5.587  -1.371  14.306  1.00 34.49 ? 49  ASP A OD1 1 
ATOM   347 O OD2 . ASP A 1 56 ? -4.182  -2.272  15.758  1.00 37.56 ? 49  ASP A OD2 1 
ATOM   348 N N   . VAL A 1 57 ? -2.351  2.124   12.861  1.00 23.49 ? 50  VAL A N   1 
ATOM   349 C CA  . VAL A 1 57 ? -1.282  3.035   12.465  1.00 23.37 ? 50  VAL A CA  1 
ATOM   350 C C   . VAL A 1 57 ? 0.130   2.463   12.596  1.00 23.17 ? 50  VAL A C   1 
ATOM   351 O O   . VAL A 1 57 ? 0.882   2.494   11.625  1.00 22.96 ? 50  VAL A O   1 
ATOM   352 C CB  . VAL A 1 57 ? -1.375  4.397   13.193  1.00 25.00 ? 50  VAL A CB  1 
ATOM   353 C CG1 . VAL A 1 57 ? -0.290  5.336   12.684  1.00 25.40 ? 50  VAL A CG1 1 
ATOM   354 C CG2 . VAL A 1 57 ? -2.752  5.018   12.979  1.00 26.08 ? 50  VAL A CG2 1 
ATOM   355 N N   . GLY A 1 58 ? 0.477   1.910   13.765  1.00 23.56 ? 51  GLY A N   1 
ATOM   356 C CA  . GLY A 1 58 ? 1.808   1.348   13.980  1.00 23.90 ? 51  GLY A CA  1 
ATOM   357 C C   . GLY A 1 58 ? 2.120   0.244   12.995  1.00 23.05 ? 51  GLY A C   1 
ATOM   358 O O   . GLY A 1 58 ? 3.178   0.250   12.354  1.00 24.03 ? 51  GLY A O   1 
ATOM   359 N N   . ALA A 1 59 ? 1.140   -0.639  12.790  1.00 22.05 ? 52  ALA A N   1 
ATOM   360 C CA  . ALA A 1 59 ? 1.262   -1.750  11.844  1.00 22.63 ? 52  ALA A CA  1 
ATOM   361 C C   . ALA A 1 59 ? 1.472   -1.239  10.430  1.00 22.34 ? 52  ALA A C   1 
ATOM   362 O O   . ALA A 1 59 ? 2.355   -1.736  9.738   1.00 22.46 ? 52  ALA A O   1 
ATOM   363 C CB  . ALA A 1 59 ? 0.015   -2.630  11.897  1.00 23.65 ? 52  ALA A CB  1 
ATOM   364 N N   . VAL A 1 60 ? 0.691   -0.230  10.001  1.00 20.82 ? 53  VAL A N   1 
ATOM   365 C CA  . VAL A 1 60 ? 0.808   0.285   8.646   1.00 20.34 ? 53  VAL A CA  1 
ATOM   366 C C   . VAL A 1 60 ? 2.165   0.935   8.450   1.00 20.52 ? 53  VAL A C   1 
ATOM   367 O O   . VAL A 1 60 ? 2.780   0.719   7.420   1.00 21.31 ? 53  VAL A O   1 
ATOM   368 C CB  . VAL A 1 60 ? -0.355  1.229   8.296   1.00 20.94 ? 53  VAL A CB  1 
ATOM   369 C CG1 . VAL A 1 60 ? -0.101  1.945   6.984   1.00 21.99 ? 53  VAL A CG1 1 
ATOM   370 C CG2 . VAL A 1 60 ? -1.668  0.468   8.247   1.00 20.84 ? 53  VAL A CG2 1 
ATOM   371 N N   . LYS A 1 61 ? 2.648   1.708   9.441   1.00 20.70 ? 54  LYS A N   1 
ATOM   372 C CA  . LYS A 1 61 ? 3.968   2.342   9.302   1.00 21.56 ? 54  LYS A CA  1 
ATOM   373 C C   . LYS A 1 61 ? 5.071   1.276   9.148   1.00 21.87 ? 54  LYS A C   1 
ATOM   374 O O   . LYS A 1 61 ? 5.918   1.370   8.248   1.00 22.48 ? 54  LYS A O   1 
ATOM   375 C CB  . LYS A 1 61 ? 4.274   3.214   10.524  1.00 22.16 ? 54  LYS A CB  1 
ATOM   376 C CG  . LYS A 1 61 ? 3.445   4.489   10.588  1.00 26.16 ? 54  LYS A CG  1 
ATOM   377 C CD  . LYS A 1 61 ? 3.913   5.307   11.796  1.00 30.81 ? 54  LYS A CD  1 
ATOM   378 C CE  . LYS A 1 61 ? 3.190   6.615   11.909  1.00 35.99 ? 54  LYS A CE  1 
ATOM   379 N NZ  . LYS A 1 61 ? 3.631   7.365   13.119  1.00 39.81 ? 54  LYS A NZ  1 
ATOM   380 N N   . ALA A 1 62 ? 5.026   0.230   9.982   1.00 21.56 ? 55  ALA A N   1 
ATOM   381 C CA  . ALA A 1 62 ? 6.007   -0.849  9.893   1.00 22.25 ? 55  ALA A CA  1 
ATOM   382 C C   . ALA A 1 62 ? 5.916   -1.561  8.524   1.00 22.25 ? 55  ALA A C   1 
ATOM   383 O O   . ALA A 1 62 ? 6.936   -1.882  7.904   1.00 23.01 ? 55  ALA A O   1 
ATOM   384 C CB  . ALA A 1 62 ? 5.751   -1.848  11.014  1.00 23.12 ? 55  ALA A CB  1 
ATOM   385 N N   . SER A 1 63 ? 4.680   -1.774  8.055   1.00 20.30 ? 56  SER A N   1 
ATOM   386 C CA  A SER A 1 63 ? 4.439   -2.451  6.783   0.50 20.34 ? 56  SER A CA  1 
ATOM   387 C CA  B SER A 1 63 ? 4.420   -2.446  6.792   0.50 19.93 ? 56  SER A CA  1 
ATOM   388 C C   . SER A 1 63 ? 5.000   -1.660  5.605   1.00 20.05 ? 56  SER A C   1 
ATOM   389 O O   . SER A 1 63 ? 5.663   -2.240  4.746   1.00 20.45 ? 56  SER A O   1 
ATOM   390 C CB  A SER A 1 63 ? 2.954   -2.736  6.589   0.50 21.91 ? 56  SER A CB  1 
ATOM   391 C CB  B SER A 1 63 ? 2.921   -2.674  6.641   0.50 20.32 ? 56  SER A CB  1 
ATOM   392 O OG  A SER A 1 63 ? 2.261   -1.585  6.130   0.50 22.65 ? 56  SER A OG  1 
ATOM   393 O OG  B SER A 1 63 ? 2.592   -3.366  5.452   0.50 18.92 ? 56  SER A OG  1 
ATOM   394 N N   . VAL A 1 64 ? 4.772   -0.340  5.572   1.00 20.29 ? 57  VAL A N   1 
ATOM   395 C CA  . VAL A 1 64 ? 5.291   0.494   4.479   1.00 21.34 ? 57  VAL A CA  1 
ATOM   396 C C   . VAL A 1 64 ? 6.828   0.555   4.505   1.00 22.59 ? 57  VAL A C   1 
ATOM   397 O O   . VAL A 1 64 ? 7.454   0.408   3.463   1.00 23.09 ? 57  VAL A O   1 
ATOM   398 C CB  . VAL A 1 64 ? 4.663   1.892   4.510   1.00 21.76 ? 57  VAL A CB  1 
ATOM   399 C CG1 . VAL A 1 64 ? 5.310   2.807   3.471   1.00 22.48 ? 57  VAL A CG1 1 
ATOM   400 C CG2 . VAL A 1 64 ? 3.164   1.801   4.284   1.00 21.91 ? 57  VAL A CG2 1 
ATOM   401 N N   . ASP A 1 65 ? 7.441   0.695   5.702   1.00 23.38 ? 58  ASP A N   1 
ATOM   402 C CA  . ASP A 1 65 ? 8.918   0.690   5.794   1.00 24.55 ? 58  ASP A CA  1 
ATOM   403 C C   . ASP A 1 65 ? 9.512   -0.604  5.243   1.00 25.21 ? 58  ASP A C   1 
ATOM   404 O O   . ASP A 1 65 ? 10.481  -0.573  4.485   1.00 26.11 ? 58  ASP A O   1 
ATOM   405 C CB  . ASP A 1 65 ? 9.388   0.904   7.238   1.00 28.44 ? 58  ASP A CB  1 
ATOM   406 C CG  . ASP A 1 65 ? 9.275   2.326   7.742   1.00 37.50 ? 58  ASP A CG  1 
ATOM   407 O OD1 . ASP A 1 65 ? 8.924   3.222   6.936   1.00 40.68 ? 58  ASP A OD1 1 
ATOM   408 O OD2 . ASP A 1 65 ? 9.522   2.548   8.946   1.00 41.49 ? 58  ASP A OD2 1 
ATOM   409 N N   . SER A 1 66 ? 8.894   -1.739  5.577   1.00 24.90 ? 59  SER A N   1 
ATOM   410 C CA  . SER A 1 66 ? 9.372   -3.033  5.108   1.00 25.55 ? 59  SER A CA  1 
ATOM   411 C C   . SER A 1 66 ? 9.167   -3.207  3.620   1.00 24.14 ? 59  SER A C   1 
ATOM   412 O O   . SER A 1 66 ? 10.021  -3.772  2.946   1.00 24.21 ? 59  SER A O   1 
ATOM   413 C CB  . SER A 1 66 ? 8.680   -4.162  5.845   1.00 29.12 ? 59  SER A CB  1 
ATOM   414 O OG  . SER A 1 66 ? 9.294   -5.400  5.529   1.00 34.27 ? 59  SER A OG  1 
ATOM   415 N N   . GLY A 1 67 ? 8.038   -2.736  3.118   1.00 23.29 ? 60  GLY A N   1 
ATOM   416 C CA  . GLY A 1 67 ? 7.742   -2.832  1.693   1.00 23.96 ? 60  GLY A CA  1 
ATOM   417 C C   . GLY A 1 67 ? 8.716   -2.012  0.866   1.00 24.68 ? 60  GLY A C   1 
ATOM   418 O O   . GLY A 1 67 ? 9.128   -2.432  -0.220  1.00 24.42 ? 60  GLY A O   1 
ATOM   419 N N   . LEU A 1 68 ? 9.063   -0.826  1.361   1.00 25.70 ? 61  LEU A N   1 
ATOM   420 C CA  . LEU A 1 68 ? 10.000  0.079   0.697   1.00 28.40 ? 61  LEU A CA  1 
ATOM   421 C C   . LEU A 1 68 ? 11.369  -0.577  0.578   1.00 30.57 ? 61  LEU A C   1 
ATOM   422 O O   . LEU A 1 68 ? 11.940  -0.613  -0.511  1.00 31.02 ? 61  LEU A O   1 
ATOM   423 C CB  . LEU A 1 68 ? 10.134  1.372   1.519   1.00 29.57 ? 61  LEU A CB  1 
ATOM   424 C CG  . LEU A 1 68 ? 9.077   2.396   1.290   1.00 32.74 ? 61  LEU A CG  1 
ATOM   425 C CD1 . LEU A 1 68 ? 9.182   3.508   2.335   1.00 33.93 ? 61  LEU A CD1 1 
ATOM   426 C CD2 . LEU A 1 68 ? 9.202   2.961   -0.112  1.00 33.67 ? 61  LEU A CD2 1 
ATOM   427 N N   . GLU A 1 69 ? 11.887  -1.130  1.680   1.00 31.31 ? 62  GLU A N   1 
ATOM   428 C CA  . GLU A 1 69 ? 13.196  -1.776  1.685   1.00 33.31 ? 62  GLU A CA  1 
ATOM   429 C C   . GLU A 1 69 ? 13.241  -2.931  0.684   1.00 34.16 ? 62  GLU A C   1 
ATOM   430 O O   . GLU A 1 69 ? 14.149  -2.993  -0.142  1.00 35.47 ? 62  GLU A O   1 
ATOM   431 C CB  . GLU A 1 69 ? 13.544  -2.263  3.102   1.00 36.84 ? 62  GLU A CB  1 
ATOM   432 C CG  . GLU A 1 69 ? 15.010  -2.614  3.278   1.00 43.00 ? 62  GLU A CG  1 
ATOM   433 N N   . SER A 1 70 ? 12.211  -3.780  0.690   1.00 33.17 ? 63  SER A N   1 
ATOM   434 C CA  . SER A 1 70 ? 12.142  -4.923  -0.209  1.00 33.18 ? 63  SER A CA  1 
ATOM   435 C C   . SER A 1 70 ? 12.010  -4.501  -1.676  1.00 32.35 ? 63  SER A C   1 
ATOM   436 O O   . SER A 1 70 ? 12.695  -5.061  -2.528  1.00 32.84 ? 63  SER A O   1 
ATOM   437 C CB  . SER A 1 70 ? 10.984  -5.829  0.194   1.00 35.65 ? 63  SER A CB  1 
ATOM   438 O OG  . SER A 1 70 ? 10.694  -6.822  -0.775  1.00 40.72 ? 63  SER A OG  1 
ATOM   439 N N   . ALA A 1 71 ? 11.145  -3.511  -1.970  1.00 30.37 ? 64  ALA A N   1 
ATOM   440 C CA  . ALA A 1 71 ? 10.944  -3.070  -3.345  1.00 30.02 ? 64  ALA A CA  1 
ATOM   441 C C   . ALA A 1 71 ? 12.167  -2.346  -3.893  1.00 30.26 ? 64  ALA A C   1 
ATOM   442 O O   . ALA A 1 71 ? 12.560  -2.602  -5.026  1.00 29.76 ? 64  ALA A O   1 
ATOM   443 C CB  . ALA A 1 71 ? 9.715   -2.186  -3.450  1.00 29.93 ? 64  ALA A CB  1 
ATOM   444 N N   . GLN A 1 72 ? 12.811  -1.494  -3.069  1.00 30.35 ? 65  GLN A N   1 
ATOM   445 C CA  . GLN A 1 72 ? 13.988  -0.736  -3.501  1.00 31.56 ? 65  GLN A CA  1 
ATOM   446 C C   . GLN A 1 72 ? 15.151  -1.603  -3.943  1.00 32.39 ? 65  GLN A C   1 
ATOM   447 O O   . GLN A 1 72 ? 15.976  -1.139  -4.738  1.00 33.39 ? 65  GLN A O   1 
ATOM   448 C CB  . GLN A 1 72 ? 14.436  0.264   -2.432  1.00 33.13 ? 65  GLN A CB  1 
ATOM   449 C CG  . GLN A 1 72 ? 13.564  1.499   -2.393  1.00 36.00 ? 65  GLN A CG  1 
ATOM   450 C CD  . GLN A 1 72 ? 14.008  2.470   -1.334  1.00 41.67 ? 65  GLN A CD  1 
ATOM   451 O OE1 . GLN A 1 72 ? 14.523  2.085   -0.276  1.00 42.73 ? 65  GLN A OE1 1 
ATOM   452 N NE2 . GLN A 1 72 ? 13.812  3.750   -1.598  1.00 43.19 ? 65  GLN A NE2 1 
ATOM   453 N N   . HIS A 1 73 ? 15.225  -2.848  -3.459  1.00 32.17 ? 66  HIS A N   1 
ATOM   454 C CA  . HIS A 1 73 ? 16.288  -3.753  -3.867  1.00 33.90 ? 66  HIS A CA  1 
ATOM   455 C C   . HIS A 1 73 ? 16.056  -4.439  -5.195  1.00 33.22 ? 66  HIS A C   1 
ATOM   456 O O   . HIS A 1 73 ? 16.963  -5.109  -5.676  1.00 34.08 ? 66  HIS A O   1 
ATOM   457 C CB  . HIS A 1 73 ? 16.583  -4.795  -2.788  1.00 36.57 ? 66  HIS A CB  1 
ATOM   458 C CG  . HIS A 1 73 ? 17.466  -4.243  -1.719  1.00 41.67 ? 66  HIS A CG  1 
ATOM   459 N ND1 . HIS A 1 73 ? 18.831  -4.127  -1.906  1.00 43.73 ? 66  HIS A ND1 1 
ATOM   460 C CD2 . HIS A 1 73 ? 17.140  -3.712  -0.518  1.00 43.43 ? 66  HIS A CD2 1 
ATOM   461 C CE1 . HIS A 1 73 ? 19.294  -3.563  -0.804  1.00 44.58 ? 66  HIS A CE1 1 
ATOM   462 N NE2 . HIS A 1 73 ? 18.313  -3.294  0.059   1.00 44.81 ? 66  HIS A NE2 1 
ATOM   463 N N   . ILE A 1 74 ? 14.831  -4.351  -5.758  1.00 31.85 ? 67  ILE A N   1 
ATOM   464 C CA  . ILE A 1 74 ? 14.590  -5.003  -7.040  1.00 31.53 ? 67  ILE A CA  1 
ATOM   465 C C   . ILE A 1 74 ? 14.006  -4.068  -8.099  1.00 29.20 ? 67  ILE A C   1 
ATOM   466 O O   . ILE A 1 74 ? 14.023  -4.426  -9.274  1.00 28.85 ? 67  ILE A O   1 
ATOM   467 C CB  . ILE A 1 74 ? 13.771  -6.292  -6.914  1.00 33.27 ? 67  ILE A CB  1 
ATOM   468 C CG1 . ILE A 1 74 ? 12.366  -5.999  -6.473  1.00 34.05 ? 67  ILE A CG1 1 
ATOM   469 C CG2 . ILE A 1 74 ? 14.438  -7.377  -6.045  1.00 33.75 ? 67  ILE A CG2 1 
ATOM   470 C CD1 . ILE A 1 74 ? 11.458  -6.923  -7.151  1.00 35.38 ? 67  ILE A CD1 1 
ATOM   471 N N   . GLY A 1 75 ? 13.543  -2.878  -7.712  1.00 28.19 ? 68  GLY A N   1 
ATOM   472 C CA  . GLY A 1 75 ? 12.999  -1.949  -8.687  1.00 28.06 ? 68  GLY A CA  1 
ATOM   473 C C   . GLY A 1 75 ? 12.944  -0.524  -8.212  1.00 28.50 ? 68  GLY A C   1 
ATOM   474 O O   . GLY A 1 75 ? 13.441  -0.192  -7.132  1.00 29.01 ? 68  GLY A O   1 
ATOM   475 N N   . GLU A 1 76 ? 12.279  0.301   -8.990  1.00 28.39 ? 69  GLU A N   1 
ATOM   476 C CA  . GLU A 1 76 ? 12.162  1.709   -8.673  1.00 28.65 ? 69  GLU A CA  1 
ATOM   477 C C   . GLU A 1 76 ? 10.897  1.995   -7.875  1.00 28.43 ? 69  GLU A C   1 
ATOM   478 O O   . GLU A 1 76 ? 9.802   1.727   -8.352  1.00 27.78 ? 69  GLU A O   1 
ATOM   479 C CB  . GLU A 1 76 ? 12.159  2.524   -9.963  1.00 32.17 ? 69  GLU A CB  1 
ATOM   480 C CG  . GLU A 1 76 ? 11.950  4.012   -9.760  1.00 39.62 ? 69  GLU A CG  1 
ATOM   481 C CD  . GLU A 1 76 ? 11.766  4.813   -11.037 1.00 48.88 ? 69  GLU A CD  1 
ATOM   482 O OE1 . GLU A 1 76 ? 11.812  4.212   -12.137 1.00 50.30 ? 69  GLU A OE1 1 
ATOM   483 O OE2 . GLU A 1 76 ? 11.563  6.046   -10.935 1.00 52.07 ? 69  GLU A OE2 1 
ATOM   484 N N   . VAL A 1 77 ? 11.050  2.561   -6.683  1.00 28.83 ? 70  VAL A N   1 
ATOM   485 C CA  . VAL A 1 77 ? 9.910   3.006   -5.896  1.00 29.15 ? 70  VAL A CA  1 
ATOM   486 C C   . VAL A 1 77 ? 9.701   4.455   -6.274  1.00 29.77 ? 70  VAL A C   1 
ATOM   487 O O   . VAL A 1 77 ? 10.642  5.250   -6.198  1.00 31.27 ? 70  VAL A O   1 
ATOM   488 C CB  . VAL A 1 77 ? 10.164  2.870   -4.387  1.00 30.31 ? 70  VAL A CB  1 
ATOM   489 C CG1 . VAL A 1 77 ? 9.065   3.561   -3.584  1.00 31.05 ? 70  VAL A CG1 1 
ATOM   490 C CG2 . VAL A 1 77 ? 10.296  1.407   -3.997  1.00 30.62 ? 70  VAL A CG2 1 
ATOM   491 N N   . VAL A 1 78 ? 8.509   4.793   -6.739  1.00 28.01 ? 71  VAL A N   1 
ATOM   492 C CA  . VAL A 1 78 ? 8.191   6.146   -7.119  1.00 28.34 ? 71  VAL A CA  1 
ATOM   493 C C   . VAL A 1 78 ? 7.888   6.940   -5.857  1.00 27.89 ? 71  VAL A C   1 
ATOM   494 O O   . VAL A 1 78 ? 8.435   8.025   -5.666  1.00 28.48 ? 71  VAL A O   1 
ATOM   495 C CB  . VAL A 1 78 ? 7.036   6.164   -8.134  1.00 29.99 ? 71  VAL A CB  1 
ATOM   496 C CG1 . VAL A 1 78 ? 6.521   7.584   -8.361  1.00 31.06 ? 71  VAL A CG1 1 
ATOM   497 C CG2 . VAL A 1 78 ? 7.489   5.538   -9.451  1.00 30.22 ? 71  VAL A CG2 1 
ATOM   498 N N   . THR A 1 79 ? 7.018   6.407   -4.984  1.00 26.38 ? 72  THR A N   1 
ATOM   499 C CA  . THR A 1 79 ? 6.704   7.108   -3.730  1.00 26.37 ? 72  THR A CA  1 
ATOM   500 C C   . THR A 1 79 ? 6.024   6.173   -2.727  1.00 24.86 ? 72  THR A C   1 
ATOM   501 O O   . THR A 1 79 ? 5.717   5.021   -3.038  1.00 25.20 ? 72  THR A O   1 
ATOM   502 C CB  . THR A 1 79 ? 5.925   8.419   -3.992  1.00 29.66 ? 72  THR A CB  1 
ATOM   503 O OG1 . THR A 1 79 ? 6.057   9.250   -2.826  1.00 32.16 ? 72  THR A OG1 1 
ATOM   504 C CG2 . THR A 1 79 ? 4.474   8.155   -4.296  1.00 30.37 ? 72  THR A CG2 1 
ATOM   505 N N   . SER A 1 80 ? 5.856   6.642   -1.508  1.00 23.66 ? 73  SER A N   1 
ATOM   506 C CA  . SER A 1 80 ? 5.221   5.891   -0.449  1.00 23.56 ? 73  SER A CA  1 
ATOM   507 C C   . SER A 1 80 ? 4.571   6.885   0.498   1.00 24.15 ? 73  SER A C   1 
ATOM   508 O O   . SER A 1 80 ? 4.954   8.071   0.547   1.00 25.91 ? 73  SER A O   1 
ATOM   509 C CB  . SER A 1 80 ? 6.244   5.033   0.284   1.00 25.20 ? 73  SER A CB  1 
ATOM   510 O OG  . SER A 1 80 ? 7.223   5.859   0.894   1.00 27.70 ? 73  SER A OG  1 
ATOM   511 N N   . LEU A 1 81 ? 3.553   6.426   1.207   1.00 21.73 ? 74  LEU A N   1 
ATOM   512 C CA  . LEU A 1 81 ? 2.796   7.295   2.078   1.00 21.05 ? 74  LEU A CA  1 
ATOM   513 C C   . LEU A 1 81 ? 2.014   6.486   3.089   1.00 20.65 ? 74  LEU A C   1 
ATOM   514 O O   . LEU A 1 81 ? 1.519   5.405   2.764   1.00 20.31 ? 74  LEU A O   1 
ATOM   515 C CB  . LEU A 1 81 ? 1.780   8.057   1.201   1.00 21.14 ? 74  LEU A CB  1 
ATOM   516 C CG  . LEU A 1 81 ? 0.738   8.929   1.913   1.00 24.13 ? 74  LEU A CG  1 
ATOM   517 C CD1 . LEU A 1 81 ? 1.403   10.061  2.647   1.00 25.39 ? 74  LEU A CD1 1 
ATOM   518 C CD2 . LEU A 1 81 ? -0.279  9.482   0.928   1.00 25.27 ? 74  LEU A CD2 1 
ATOM   519 N N   . VAL A 1 82 ? 1.860   7.037   4.299   1.00 20.02 ? 75  VAL A N   1 
ATOM   520 C CA  . VAL A 1 82 ? 0.966   6.488   5.301   1.00 20.30 ? 75  VAL A CA  1 
ATOM   521 C C   . VAL A 1 82 ? -0.028  7.587   5.631   1.00 20.88 ? 75  VAL A C   1 
ATOM   522 O O   . VAL A 1 82 ? 0.395   8.689   5.987   1.00 21.26 ? 75  VAL A O   1 
ATOM   523 C CB  . VAL A 1 82 ? 1.685   6.048   6.604   1.00 21.42 ? 75  VAL A CB  1 
ATOM   524 C CG1 . VAL A 1 82 ? 0.662   5.672   7.674   1.00 22.49 ? 75  VAL A CG1 1 
ATOM   525 C CG2 . VAL A 1 82 ? 2.610   4.876   6.325   1.00 21.71 ? 75  VAL A CG2 1 
ATOM   526 N N   . ILE A 1 83 ? -1.325  7.301   5.554   1.00 20.31 ? 76  ILE A N   1 
ATOM   527 C CA  . ILE A 1 83 ? -2.338  8.278   5.959   1.00 21.54 ? 76  ILE A CA  1 
ATOM   528 C C   . ILE A 1 83 ? -2.946  7.667   7.212   1.00 22.09 ? 76  ILE A C   1 
ATOM   529 O O   . ILE A 1 83 ? -3.652  6.670   7.119   1.00 22.13 ? 76  ILE A O   1 
ATOM   530 C CB  . ILE A 1 83 ? -3.392  8.531   4.877   1.00 22.56 ? 76  ILE A CB  1 
ATOM   531 C CG1 . ILE A 1 83 ? -2.721  8.986   3.567   1.00 23.52 ? 76  ILE A CG1 1 
ATOM   532 C CG2 . ILE A 1 83 ? -4.337  9.612   5.383   1.00 22.83 ? 76  ILE A CG2 1 
ATOM   533 C CD1 . ILE A 1 83 ? -3.710  9.173   2.390   1.00 24.04 ? 76  ILE A CD1 1 
ATOM   534 N N   . ALA A 1 84 ? -2.666  8.252   8.378   1.00 22.76 ? 77  ALA A N   1 
ATOM   535 C CA  . ALA A 1 84 ? -3.121  7.684   9.646   1.00 23.51 ? 77  ALA A CA  1 
ATOM   536 C C   . ALA A 1 84 ? -4.641  7.560   9.797   1.00 24.04 ? 77  ALA A C   1 
ATOM   537 O O   . ALA A 1 84 ? -5.142  6.542   10.293  1.00 24.86 ? 77  ALA A O   1 
ATOM   538 C CB  . ALA A 1 84 ? -2.534  8.459   10.817  1.00 24.26 ? 77  ALA A CB  1 
ATOM   539 N N   . ARG A 1 85 ? -5.367  8.604   9.390   1.00 23.72 ? 78  ARG A N   1 
ATOM   540 C CA  . ARG A 1 85 ? -6.823  8.660   9.499   1.00 24.99 ? 78  ARG A CA  1 
ATOM   541 C C   . ARG A 1 85 ? -7.314  9.290   8.205   1.00 24.89 ? 78  ARG A C   1 
ATOM   542 O O   . ARG A 1 85 ? -7.458  10.521  8.118   1.00 24.30 ? 78  ARG A O   1 
ATOM   543 C CB  . ARG A 1 85 ? -7.220  9.572   10.682  1.00 27.85 ? 78  ARG A CB  1 
ATOM   544 C CG  . ARG A 1 85 ? -6.731  9.087   12.037  1.00 33.78 ? 78  ARG A CG  1 
ATOM   545 C CD  . ARG A 1 85 ? -7.689  8.075   12.642  1.00 37.89 ? 78  ARG A CD  1 
ATOM   546 N NE  . ARG A 1 85 ? -7.132  7.433   13.833  1.00 41.62 ? 78  ARG A NE  1 
ATOM   547 C CZ  . ARG A 1 85 ? -6.432  6.303   13.821  1.00 43.07 ? 78  ARG A CZ  1 
ATOM   548 N NH1 . ARG A 1 85 ? -6.186  5.679   12.679  1.00 42.37 ? 78  ARG A NH1 1 
ATOM   549 N NH2 . ARG A 1 85 ? -5.979  5.783   14.957  1.00 42.37 ? 78  ARG A NH2 1 
ATOM   550 N N   . PRO A 1 86 ? -7.477  8.479   7.156   1.00 24.73 ? 79  PRO A N   1 
ATOM   551 C CA  . PRO A 1 86 ? -7.922  9.040   5.870   1.00 25.28 ? 79  PRO A CA  1 
ATOM   552 C C   . PRO A 1 86 ? -9.303  9.658   5.981   1.00 25.45 ? 79  PRO A C   1 
ATOM   553 O O   . PRO A 1 86 ? -10.162 9.136   6.699   1.00 25.57 ? 79  PRO A O   1 
ATOM   554 C CB  . PRO A 1 86 ? -7.943  7.826   4.922   1.00 26.80 ? 79  PRO A CB  1 
ATOM   555 C CG  . PRO A 1 86 ? -7.272  6.728   5.643   1.00 27.55 ? 79  PRO A CG  1 
ATOM   556 C CD  . PRO A 1 86 ? -7.342  7.011   7.100   1.00 25.14 ? 79  PRO A CD  1 
ATOM   557 N N   . HIS A 1 87 ? -9.544  10.744  5.235   1.00 24.99 ? 80  HIS A N   1 
ATOM   558 C CA  . HIS A 1 87 ? -10.869 11.365  5.222   1.00 26.10 ? 80  HIS A CA  1 
ATOM   559 C C   . HIS A 1 87 ? -11.901 10.362  4.682   1.00 27.77 ? 80  HIS A C   1 
ATOM   560 O O   . HIS A 1 87 ? -11.565 9.599   3.780   1.00 27.84 ? 80  HIS A O   1 
ATOM   561 C CB  . HIS A 1 87 ? -10.851 12.587  4.301   1.00 26.67 ? 80  HIS A CB  1 
ATOM   562 C CG  . HIS A 1 87 ? -12.020 13.483  4.531   1.00 30.19 ? 80  HIS A CG  1 
ATOM   563 N ND1 . HIS A 1 87 ? -13.236 13.262  3.905   1.00 32.35 ? 80  HIS A ND1 1 
ATOM   564 C CD2 . HIS A 1 87 ? -12.131 14.567  5.335   1.00 31.39 ? 80  HIS A CD2 1 
ATOM   565 C CE1 . HIS A 1 87 ? -14.041 14.219  4.344   1.00 32.53 ? 80  HIS A CE1 1 
ATOM   566 N NE2 . HIS A 1 87 ? -13.422 15.024  5.207   1.00 32.80 ? 80  HIS A NE2 1 
ATOM   567 N N   . ASN A 1 88 ? -13.137 10.359  5.225   1.00 29.55 ? 81  ASN A N   1 
ATOM   568 C CA  . ASN A 1 88 ? -14.185 9.443   4.773   1.00 32.06 ? 81  ASN A CA  1 
ATOM   569 C C   . ASN A 1 88 ? -14.404 9.495   3.261   1.00 34.21 ? 81  ASN A C   1 
ATOM   570 O O   . ASN A 1 88 ? -14.576 8.456   2.639   1.00 34.74 ? 81  ASN A O   1 
ATOM   571 C CB  . ASN A 1 88 ? -15.501 9.715   5.480   1.00 33.87 ? 81  ASN A CB  1 
ATOM   572 C CG  . ASN A 1 88 ? -15.518 9.288   6.930   1.00 38.77 ? 81  ASN A CG  1 
ATOM   573 O OD1 . ASN A 1 88 ? -14.779 8.382   7.351   1.00 40.59 ? 81  ASN A OD1 1 
ATOM   574 N ND2 . ASN A 1 88 ? -16.376 9.929   7.721   1.00 39.99 ? 81  ASN A ND2 1 
ATOM   575 N N   . ASP A 1 89 ? -14.317 10.687  2.664   1.00 35.25 ? 82  ASP A N   1 
ATOM   576 C CA  . ASP A 1 89 ? -14.534 10.836  1.225   1.00 37.25 ? 82  ASP A CA  1 
ATOM   577 C C   . ASP A 1 89 ? -13.456 10.165  0.367   1.00 38.02 ? 82  ASP A C   1 
ATOM   578 O O   . ASP A 1 89 ? -13.724 9.797   -0.775  1.00 39.40 ? 82  ASP A O   1 
ATOM   579 C CB  . ASP A 1 89 ? -14.719 12.318  0.870   1.00 41.03 ? 82  ASP A CB  1 
ATOM   580 C CG  . ASP A 1 89 ? -15.764 13.014  1.737   1.00 49.22 ? 82  ASP A CG  1 
ATOM   581 O OD1 . ASP A 1 89 ? -16.621 12.305  2.336   1.00 50.77 ? 82  ASP A OD1 1 
ATOM   582 O OD2 . ASP A 1 89 ? -15.730 14.261  1.822   1.00 52.33 ? 82  ASP A OD2 1 
ATOM   583 N N   . ILE A 1 90 ? -12.266 9.926   0.922   1.00 37.08 ? 83  ILE A N   1 
ATOM   584 C CA  . ILE A 1 90 ? -11.187 9.253   0.193   1.00 37.07 ? 83  ILE A CA  1 
ATOM   585 C C   . ILE A 1 90 ? -11.512 7.750   -0.021  1.00 36.73 ? 83  ILE A C   1 
ATOM   586 O O   . ILE A 1 90 ? -11.015 7.149   -0.971  1.00 36.71 ? 83  ILE A O   1 
ATOM   587 C CB  . ILE A 1 90 ? -9.821  9.552   0.887   1.00 38.03 ? 83  ILE A CB  1 
ATOM   588 C CG1 . ILE A 1 90 ? -9.115  10.728  0.188   1.00 39.01 ? 83  ILE A CG1 1 
ATOM   589 C CG2 . ILE A 1 90 ? -8.903  8.351   1.044   1.00 38.64 ? 83  ILE A CG2 1 
ATOM   590 C CD1 . ILE A 1 90 ? -9.993  11.938  -0.040  1.00 40.33 ? 83  ILE A CD1 1 
ATOM   591 N N   . ASN A 1 91 ? -12.427 7.183   0.795   1.00 36.13 ? 84  ASN A N   1 
ATOM   592 C CA  . ASN A 1 91 ? -12.896 5.810   0.626   1.00 36.15 ? 84  ASN A CA  1 
ATOM   593 C C   . ASN A 1 91 ? -13.511 5.619   -0.777  1.00 35.77 ? 84  ASN A C   1 
ATOM   594 O O   . ASN A 1 91 ? -13.334 4.564   -1.372  1.00 35.78 ? 84  ASN A O   1 
ATOM   595 C CB  . ASN A 1 91 ? -13.902 5.458   1.709   1.00 37.70 ? 84  ASN A CB  1 
ATOM   596 C CG  . ASN A 1 91 ? -14.240 3.992   1.737   1.00 42.53 ? 84  ASN A CG  1 
ATOM   597 O OD1 . ASN A 1 91 ? -13.373 3.144   1.960   1.00 44.34 ? 84  ASN A OD1 1 
ATOM   598 N ND2 . ASN A 1 91 ? -15.501 3.666   1.492   1.00 43.11 ? 84  ASN A ND2 1 
ATOM   599 N N   . LYS A 1 92 ? -14.141 6.673   -1.335  1.00 35.50 ? 85  LYS A N   1 
ATOM   600 C CA  . LYS A 1 92 ? -14.724 6.660   -2.682  1.00 35.93 ? 85  LYS A CA  1 
ATOM   601 C C   . LYS A 1 92 ? -13.681 6.411   -3.777  1.00 36.42 ? 85  LYS A C   1 
ATOM   602 O O   . LYS A 1 92 ? -14.020 5.841   -4.810  1.00 37.61 ? 85  LYS A O   1 
ATOM   603 C CB  . LYS A 1 92 ? -15.503 7.959   -2.963  1.00 37.34 ? 85  LYS A CB  1 
ATOM   604 N N   . ILE A 1 93 ? -12.420 6.804   -3.557  1.00 35.65 ? 86  ILE A N   1 
ATOM   605 C CA  . ILE A 1 93 ? -11.333 6.548   -4.504  1.00 35.68 ? 86  ILE A CA  1 
ATOM   606 C C   . ILE A 1 93 ? -10.716 5.184   -4.193  1.00 34.68 ? 86  ILE A C   1 
ATOM   607 O O   . ILE A 1 93 ? -10.358 4.451   -5.099  1.00 34.69 ? 86  ILE A O   1 
ATOM   608 C CB  . ILE A 1 93 ? -10.220 7.640   -4.420  1.00 37.57 ? 86  ILE A CB  1 
ATOM   609 C CG1 . ILE A 1 93 ? -10.726 9.007   -4.896  1.00 39.55 ? 86  ILE A CG1 1 
ATOM   610 C CG2 . ILE A 1 93 ? -8.937  7.212   -5.185  1.00 37.93 ? 86  ILE A CG2 1 
ATOM   611 C CD1 . ILE A 1 93 ? -9.663  10.128  -4.811  1.00 41.53 ? 86  ILE A CD1 1 
ATOM   612 N N   . VAL A 1 94 ? -10.501 4.892   -2.905  1.00 33.88 ? 87  VAL A N   1 
ATOM   613 C CA  . VAL A 1 94 ? -9.840  3.669   -2.483  1.00 34.07 ? 87  VAL A CA  1 
ATOM   614 C C   . VAL A 1 94 ? -10.612 2.428   -2.908  1.00 34.21 ? 87  VAL A C   1 
ATOM   615 O O   . VAL A 1 94 ? -9.996  1.487   -3.412  1.00 34.29 ? 87  VAL A O   1 
ATOM   616 C CB  . VAL A 1 94 ? -9.547  3.730   -0.967  1.00 34.78 ? 87  VAL A CB  1 
ATOM   617 C CG1 . VAL A 1 94 ? -9.124  2.377   -0.407  1.00 35.03 ? 87  VAL A CG1 1 
ATOM   618 C CG2 . VAL A 1 94 ? -8.490  4.792   -0.679  1.00 35.18 ? 87  VAL A CG2 1 
ATOM   619 N N   . ILE A 1 95 ? -11.961 2.441   -2.790  1.00 34.05 ? 88  ILE A N   1 
ATOM   620 C CA  . ILE A 1 95 ? -12.738 1.264   -3.202  1.00 34.83 ? 88  ILE A CA  1 
ATOM   621 C C   . ILE A 1 95 ? -12.658 1.000   -4.714  1.00 35.37 ? 88  ILE A C   1 
ATOM   622 O O   . ILE A 1 95 ? -12.892 -0.136  -5.142  1.00 36.31 ? 88  ILE A O   1 
ATOM   623 C CB  . ILE A 1 95 ? -14.185 1.285   -2.701  1.00 35.82 ? 88  ILE A CB  1 
ATOM   624 C CG1 . ILE A 1 95 ? -14.964 2.432   -3.333  1.00 37.16 ? 88  ILE A CG1 1 
ATOM   625 C CG2 . ILE A 1 95 ? -14.225 1.310   -1.177  1.00 36.49 ? 88  ILE A CG2 1 
ATOM   626 C CD1 . ILE A 1 95 ? -16.373 2.273   -3.200  1.00 39.25 ? 88  ILE A CD1 1 
ATOM   627 N N   . LYS A 1 96 ? -12.297 2.009   -5.523  1.00 34.61 ? 89  LYS A N   1 
ATOM   628 C CA  . LYS A 1 96 ? -12.120 1.801   -6.966  1.00 35.56 ? 89  LYS A CA  1 
ATOM   629 C C   . LYS A 1 96 ? -10.907 0.900   -7.267  1.00 36.72 ? 89  LYS A C   1 
ATOM   630 O O   . LYS A 1 96 ? -10.822 0.326   -8.354  1.00 37.67 ? 89  LYS A O   1 
ATOM   631 C CB  . LYS A 1 96 ? -11.921 3.141   -7.682  1.00 37.26 ? 89  LYS A CB  1 
ATOM   632 C CG  . LYS A 1 96 ? -13.125 4.047   -7.608  1.00 41.58 ? 89  LYS A CG  1 
ATOM   633 C CD  . LYS A 1 96 ? -12.914 5.311   -8.418  1.00 45.73 ? 89  LYS A CD  1 
ATOM   634 C CE  . LYS A 1 96 ? -14.076 6.258   -8.236  1.00 49.48 ? 89  LYS A CE  1 
ATOM   635 N NZ  . LYS A 1 96 ? -15.360 5.631   -8.645  1.00 51.67 ? 89  LYS A NZ  1 
ATOM   636 N N   . HIS A 1 97 ? -9.955  0.808   -6.330  1.00 36.55 ? 90  HIS A N   1 
ATOM   637 C CA  . HIS A 1 97 ? -8.756  -0.008  -6.543  1.00 37.60 ? 90  HIS A CA  1 
ATOM   638 C C   . HIS A 1 97 ? -8.739  -1.244  -5.620  1.00 38.74 ? 90  HIS A C   1 
ATOM   639 O O   . HIS A 1 97 ? -7.678  -1.811  -5.397  1.00 38.16 ? 90  HIS A O   1 
ATOM   640 C CB  . HIS A 1 97 ? -7.482  0.843   -6.340  1.00 38.75 ? 90  HIS A CB  1 
ATOM   641 C CG  . HIS A 1 97 ? -7.570  2.230   -6.904  1.00 41.22 ? 90  HIS A CG  1 
ATOM   642 N ND1 . HIS A 1 97 ? -7.824  2.448   -8.247  1.00 43.13 ? 90  HIS A ND1 1 
ATOM   643 C CD2 . HIS A 1 97 ? -7.494  3.425   -6.273  1.00 42.51 ? 90  HIS A CD2 1 
ATOM   644 C CE1 . HIS A 1 97 ? -7.865  3.762   -8.395  1.00 43.57 ? 90  HIS A CE1 1 
ATOM   645 N NE2 . HIS A 1 97 ? -7.680  4.392   -7.235  1.00 43.59 ? 90  HIS A NE2 1 
ATOM   646 N N   . LYS A 1 98 ? -9.907  -1.672  -5.108  1.00 39.79 ? 91  LYS A N   1 
ATOM   647 C CA  . LYS A 1 98 ? -10.031 -2.803  -4.195  1.00 41.29 ? 91  LYS A CA  1 
ATOM   648 C C   . LYS A 1 98 ? -9.533  -4.118  -4.790  1.00 42.58 ? 91  LYS A C   1 
ATOM   649 O O   . LYS A 1 98 ? -8.799  -4.846  -4.116  1.00 43.31 ? 91  LYS A O   1 
ATOM   650 C CB  . LYS A 1 98 ? -11.482 -2.937  -3.694  1.00 43.14 ? 91  LYS A CB  1 
HETATM 651 O O   . HOH B 2 .  ? 11.174  -1.244  -11.420 1.00 35.57 ? 101 HOH A O   1 
HETATM 652 O O   . HOH B 2 .  ? -1.290  -9.312  5.709   1.00 42.16 ? 102 HOH A O   1 
HETATM 653 O O   . HOH B 2 .  ? 0.006   -9.755  7.793   1.00 39.81 ? 103 HOH A O   1 
HETATM 654 O O   . HOH B 2 .  ? -0.162  3.463   -9.581  1.00 28.98 ? 104 HOH A O   1 
HETATM 655 O O   . HOH B 2 .  ? 15.773  1.100   -6.081  1.00 42.00 ? 105 HOH A O   1 
HETATM 656 O O   . HOH B 2 .  ? -3.360  -3.770  12.408  1.00 35.59 ? 106 HOH A O   1 
HETATM 657 O O   . HOH B 2 .  ? 11.659  -5.739  3.783   1.00 32.54 ? 107 HOH A O   1 
HETATM 658 O O   . HOH B 2 .  ? 7.797   -14.101 1.688   1.00 32.92 ? 108 HOH A O   1 
HETATM 659 O O   . HOH B 2 .  ? 2.512   9.343   -6.837  1.00 25.15 ? 109 HOH A O   1 
HETATM 660 O O   . HOH B 2 .  ? 6.533   4.174   7.894   1.00 36.67 ? 110 HOH A O   1 
HETATM 661 O O   . HOH B 2 .  ? 1.615   7.537   15.002  1.00 45.96 ? 111 HOH A O   1 
HETATM 662 O O   . HOH B 2 .  ? 6.972   9.802   1.350   1.00 40.15 ? 112 HOH A O   1 
HETATM 663 O O   . HOH B 2 .  ? 5.582   1.053   13.522  1.00 31.07 ? 113 HOH A O   1 
HETATM 664 O O   . HOH B 2 .  ? -2.510  -1.463  17.864  1.00 37.39 ? 114 HOH A O   1 
HETATM 665 O O   . HOH B 2 .  ? 6.672   6.226   3.642   1.00 38.04 ? 115 HOH A O   1 
HETATM 666 O O   . HOH B 2 .  ? 9.347   6.584   -0.838  1.00 35.92 ? 116 HOH A O   1 
HETATM 667 O O   . HOH B 2 .  ? -29.196 -1.548  9.016   1.00 33.99 ? 117 HOH A O   1 
HETATM 668 O O   . HOH B 2 .  ? 13.648  3.025   -5.486  1.00 38.89 ? 118 HOH A O   1 
HETATM 669 O O   . HOH B 2 .  ? -11.343 6.667   4.117   1.00 35.42 ? 119 HOH A O   1 
HETATM 670 O O   . HOH B 2 .  ? -0.025  -1.322  15.460  1.00 37.23 ? 120 HOH A O   1 
HETATM 671 O O   . HOH B 2 .  ? -5.040  -9.266  3.288   1.00 41.66 ? 121 HOH A O   1 
HETATM 672 O O   . HOH B 2 .  ? -13.593 12.153  7.687   1.00 35.68 ? 122 HOH A O   1 
HETATM 673 O O   . HOH B 2 .  ? -9.743  4.908   2.987   1.00 37.61 ? 123 HOH A O   1 
HETATM 674 O O   . HOH B 2 .  ? -5.208  2.854   14.239  1.00 24.87 ? 124 HOH A O   1 
HETATM 675 O O   . HOH B 2 .  ? 2.209   -5.505  13.631  1.00 16.97 ? 125 HOH A O   1 
HETATM 676 O O   . HOH B 2 .  ? 6.445   5.520   5.751   1.00 46.69 ? 126 HOH A O   1 
HETATM 677 O O   . HOH B 2 .  ? 3.292   4.648   15.550  1.00 46.38 ? 127 HOH A O   1 
# 
loop_
_atom_site_anisotrop.id 
_atom_site_anisotrop.type_symbol 
_atom_site_anisotrop.pdbx_label_atom_id 
_atom_site_anisotrop.pdbx_label_alt_id 
_atom_site_anisotrop.pdbx_label_comp_id 
_atom_site_anisotrop.pdbx_label_asym_id 
_atom_site_anisotrop.pdbx_label_seq_id 
_atom_site_anisotrop.pdbx_PDB_ins_code 
_atom_site_anisotrop.U[1][1] 
_atom_site_anisotrop.U[2][2] 
_atom_site_anisotrop.U[3][3] 
_atom_site_anisotrop.U[1][2] 
_atom_site_anisotrop.U[1][3] 
_atom_site_anisotrop.U[2][3] 
_atom_site_anisotrop.pdbx_auth_seq_id 
_atom_site_anisotrop.pdbx_auth_comp_id 
_atom_site_anisotrop.pdbx_auth_asym_id 
_atom_site_anisotrop.pdbx_auth_atom_id 
1   N N   . HIS A 2  ? 0.5213 0.4704 0.9512 -0.0451 0.1798  -0.1758 -5 HIS A N   
2   C CA  . HIS A 2  ? 0.5483 0.4686 0.9313 -0.0479 0.1933  -0.1538 -5 HIS A CA  
3   C C   . HIS A 2  ? 0.5357 0.4679 0.9167 -0.0452 0.1794  -0.1565 -5 HIS A C   
4   O O   . HIS A 2  ? 0.5234 0.4472 0.9276 -0.0503 0.1961  -0.1632 -5 HIS A O   
5   C CB  B HIS A 2  ? 0.5731 0.4605 0.9663 -0.0562 0.2316  -0.1508 -5 HIS A CB  
6   C CG  B HIS A 2  ? 0.6044 0.4829 1.0127 -0.0594 0.2472  -0.1537 -5 HIS A CG  
7   N ND1 B HIS A 2  ? 0.6112 0.4880 1.0781 -0.0661 0.2703  -0.1728 -5 HIS A ND1 
8   C CD2 B HIS A 2  ? 0.6349 0.5077 1.0108 -0.0567 0.2420  -0.1417 -5 HIS A CD2 
9   C CE1 B HIS A 2  ? 0.6237 0.4926 1.0894 -0.0672 0.2791  -0.1705 -5 HIS A CE1 
10  N NE2 B HIS A 2  ? 0.6417 0.5079 1.0527 -0.0616 0.2624  -0.1518 -5 HIS A NE2 
11  N N   . HIS A 3  ? 0.5318 0.4825 0.8857 -0.0372 0.1503  -0.1516 -4 HIS A N   
12  C CA  . HIS A 3  ? 0.5264 0.4897 0.8740 -0.0334 0.1344  -0.1533 -4 HIS A CA  
13  C C   . HIS A 3  ? 0.5595 0.5003 0.8517 -0.0337 0.1381  -0.1291 -4 HIS A C   
14  O O   . HIS A 3  ? 0.5759 0.5042 0.8273 -0.0322 0.1370  -0.1120 -4 HIS A O   
15  C CB  . HIS A 3  ? 0.5124 0.5060 0.8580 -0.0225 0.1017  -0.1609 -4 HIS A CB  
16  C CG  . HIS A 3  ? 0.4883 0.5082 0.8858 -0.0182 0.0921  -0.1867 -4 HIS A CG  
17  N ND1 . HIS A 3  ? 0.4954 0.5413 0.8913 -0.0052 0.0634  -0.1951 -4 HIS A ND1 
18  C CD2 . HIS A 3  ? 0.4733 0.4964 0.9244 -0.0240 0.1078  -0.2060 -4 HIS A CD2 
19  C CE1 . HIS A 3  ? 0.4705 0.5366 0.9182 -0.0025 0.0600  -0.2200 -4 HIS A CE1 
20  N NE2 . HIS A 3  ? 0.4604 0.5147 0.9456 -0.0145 0.0863  -0.2282 -4 HIS A NE2 
21  N N   . HIS A 4  ? 0.5594 0.4960 0.8523 -0.0352 0.1420  -0.1289 -3 HIS A N   
22  C CA  . HIS A 4  ? 0.5916 0.5094 0.8359 -0.0340 0.1439  -0.1083 -3 HIS A CA  
23  C C   . HIS A 4  ? 0.5905 0.5279 0.8270 -0.0289 0.1209  -0.1102 -3 HIS A C   
24  O O   . HIS A 4  ? 0.5619 0.5164 0.8348 -0.0289 0.1158  -0.1275 -3 HIS A O   
25  C CB  . HIS A 4  ? 0.6174 0.5060 0.8626 -0.0392 0.1737  -0.1029 -3 HIS A CB  
26  C CG  . HIS A 4  ? 0.6635 0.5297 0.9156 -0.0433 0.1993  -0.1011 -3 HIS A CG  
27  N ND1 . HIS A 4  ? 0.7161 0.5597 0.9222 -0.0409 0.2065  -0.0824 -3 HIS A ND1 
28  C CD2 . HIS A 4  ? 0.6613 0.5258 0.9625 -0.0492 0.2190  -0.1170 -3 HIS A CD2 
29  C CE1 . HIS A 4  ? 0.7189 0.5457 0.9436 -0.0451 0.2309  -0.0860 -3 HIS A CE1 
30  N NE2 . HIS A 4  ? 0.6914 0.5296 0.9744 -0.0507 0.2401  -0.1064 -3 HIS A NE2 
31  N N   . HIS A 5  ? 0.6121 0.5476 0.8033 -0.0244 0.1069  -0.0941 -2 HIS A N   
32  C CA  . HIS A 5  ? 0.6233 0.5741 0.8018 -0.0191 0.0867  -0.0935 -2 HIS A CA  
33  C C   . HIS A 5  ? 0.6465 0.5816 0.8021 -0.0204 0.0942  -0.0821 -2 HIS A C   
34  O O   . HIS A 5  ? 0.6666 0.5777 0.7989 -0.0223 0.1100  -0.0691 -2 HIS A O   
35  C CB  . HIS A 5  ? 0.6410 0.6004 0.7887 -0.0130 0.0678  -0.0845 -2 HIS A CB  
36  N N   . ASP A 10 ? 0.4929 0.3827 0.3824 0.0016  0.0479  0.0014  3  ASP A N   
37  C CA  . ASP A 10 ? 0.4761 0.3734 0.3710 -0.0014 0.0441  -0.0012 3  ASP A CA  
38  C C   . ASP A 10 ? 0.4484 0.3601 0.3442 -0.0016 0.0317  -0.0023 3  ASP A C   
39  O O   . ASP A 10 ? 0.4523 0.3736 0.3618 -0.0033 0.0285  -0.0043 3  ASP A O   
40  C CB  . ASP A 10 ? 0.5184 0.4033 0.3957 -0.0001 0.0500  0.0000  3  ASP A CB  
41  N N   . ALA A 11 ? 0.4145 0.3267 0.2961 0.0014  0.0257  -0.0016 4  ALA A N   
42  C CA  . ALA A 11 ? 0.3785 0.3029 0.2640 0.0006  0.0168  -0.0037 4  ALA A CA  
43  C C   . ALA A 11 ? 0.3394 0.2722 0.2363 0.0006  0.0130  -0.0031 4  ALA A C   
44  O O   . ALA A 11 ? 0.3390 0.2695 0.2380 0.0018  0.0147  -0.0019 4  ALA A O   
45  C CB  . ALA A 11 ? 0.3838 0.3081 0.2556 0.0042  0.0109  -0.0058 4  ALA A CB  
46  N N   . LEU A 12 ? 0.3095 0.2508 0.2133 -0.0004 0.0093  -0.0040 5  LEU A N   
47  C CA  . LEU A 12 ? 0.3023 0.2507 0.2135 0.0011  0.0057  -0.0035 5  LEU A CA  
48  C C   . LEU A 12 ? 0.2969 0.2501 0.2063 0.0014  0.0018  -0.0041 5  LEU A C   
49  O O   . LEU A 12 ? 0.2917 0.2454 0.2019 -0.0003 0.0029  -0.0060 5  LEU A O   
50  C CB  . LEU A 12 ? 0.3024 0.2532 0.2208 0.0023  0.0071  -0.0035 5  LEU A CB  
51  C CG  . LEU A 12 ? 0.3191 0.2760 0.2409 0.0069  0.0033  -0.0033 5  LEU A CG  
52  C CD1 . LEU A 12 ? 0.3143 0.2747 0.2423 0.0083  0.0005  -0.0061 5  LEU A CD1 
53  C CD2 . LEU A 12 ? 0.3325 0.2893 0.2556 0.0112  0.0046  -0.0027 5  LEU A CD2 
54  N N   . GLY A 13 ? 0.2785 0.2351 0.1883 0.0032  -0.0018 -0.0037 6  GLY A N   
55  C CA  . GLY A 13 ? 0.2654 0.2272 0.1769 0.0033  -0.0047 -0.0051 6  GLY A CA  
56  C C   . GLY A 13 ? 0.2612 0.2262 0.1768 0.0054  -0.0047 -0.0034 6  GLY A C   
57  O O   . GLY A 13 ? 0.2739 0.2396 0.1899 0.0076  -0.0062 -0.0027 6  GLY A O   
58  N N   . LEU A 14 ? 0.2456 0.2117 0.1644 0.0054  -0.0018 -0.0035 7  LEU A N   
59  C CA  . LEU A 14 ? 0.2597 0.2260 0.1776 0.0097  -0.0004 -0.0011 7  LEU A CA  
60  C C   . LEU A 14 ? 0.2594 0.2271 0.1817 0.0089  0.0020  -0.0022 7  LEU A C   
61  O O   . LEU A 14 ? 0.2538 0.2215 0.1835 0.0052  0.0059  -0.0053 7  LEU A O   
62  C CB  . LEU A 14 ? 0.2827 0.2433 0.1970 0.0129  0.0054  0.0017  7  LEU A CB  
63  C CG  . LEU A 14 ? 0.3140 0.2737 0.2271 0.0139  0.0038  0.0017  7  LEU A CG  
64  C CD1 . LEU A 14 ? 0.3536 0.3097 0.2692 0.0092  0.0082  0.0011  7  LEU A CD1 
65  C CD2 . LEU A 14 ? 0.3404 0.2975 0.2472 0.0226  0.0046  0.0039  7  LEU A CD2 
66  N N   . ILE A 15 ? 0.2494 0.2187 0.1696 0.0122  0.0004  -0.0011 8  ILE A N   
67  C CA  . ILE A 15 ? 0.2462 0.2157 0.1714 0.0122  0.0049  -0.0018 8  ILE A CA  
68  C C   . ILE A 15 ? 0.2630 0.2269 0.1782 0.0192  0.0089  0.0023  8  ILE A C   
69  O O   . ILE A 15 ? 0.2580 0.2244 0.1667 0.0235  0.0025  0.0025  8  ILE A O   
70  C CB  . ILE A 15 ? 0.2499 0.2265 0.1812 0.0104  -0.0014 -0.0053 8  ILE A CB  
71  C CG1 . ILE A 15 ? 0.2492 0.2301 0.1864 0.0067  -0.0059 -0.0102 8  ILE A CG1 
72  C CG2 . ILE A 15 ? 0.2561 0.2329 0.1942 0.0109  0.0039  -0.0064 8  ILE A CG2 
73  C CD1 . ILE A 15 ? 0.2703 0.2571 0.2097 0.0078  -0.0134 -0.0132 8  ILE A CD1 
74  N N   . GLU A 16 ? 0.2670 0.2226 0.1813 0.0213  0.0200  0.0047  9  GLU A N   
75  C CA  . GLU A 16 ? 0.2827 0.2293 0.1821 0.0308  0.0259  0.0095  9  GLU A CA  
76  C C   . GLU A 16 ? 0.3095 0.2534 0.2144 0.0299  0.0337  0.0091  9  GLU A C   
77  O O   . GLU A 16 ? 0.3103 0.2535 0.2309 0.0234  0.0419  0.0062  9  GLU A O   
78  C CB  . GLU A 16 ? 0.3054 0.2392 0.1950 0.0363  0.0365  0.0147  9  GLU A CB  
79  C CG  . GLU A 16 ? 0.3436 0.2653 0.2108 0.0500  0.0419  0.0205  9  GLU A CG  
80  C CD  . GLU A 16 ? 0.4445 0.3557 0.2966 0.0592  0.0460  0.0254  9  GLU A CD  
81  O OE1 . GLU A 16 ? 0.4549 0.3634 0.3166 0.0530  0.0521  0.0259  9  GLU A OE1 
82  O OE2 . GLU A 16 ? 0.4545 0.3613 0.2857 0.0734  0.0420  0.0279  9  GLU A OE2 
83  N N   . THR A 17 ? 0.3118 0.2560 0.2072 0.0359  0.0304  0.0099  10 THR A N   
84  C CA  . THR A 17 ? 0.3205 0.2618 0.2210 0.0355  0.0383  0.0095  10 THR A CA  
85  C C   . THR A 17 ? 0.3491 0.2765 0.2269 0.0478  0.0467  0.0152  10 THR A C   
86  O O   . THR A 17 ? 0.3468 0.2714 0.2050 0.0578  0.0409  0.0175  10 THR A O   
87  C CB  . THR A 17 ? 0.3246 0.2791 0.2343 0.0315  0.0265  0.0046  10 THR A CB  
88  O OG1 . THR A 17 ? 0.3402 0.2976 0.2362 0.0382  0.0168  0.0048  10 THR A OG1 
89  C CG2 . THR A 17 ? 0.3141 0.2800 0.2400 0.0228  0.0179  -0.0004 10 THR A CG2 
90  N N   . LYS A 18 ? 0.3798 0.2985 0.2601 0.0483  0.0601  0.0165  11 LYS A N   
91  C CA  . LYS A 18 ? 0.4256 0.3305 0.2820 0.0610  0.0677  0.0215  11 LYS A CA  
92  C C   . LYS A 18 ? 0.4325 0.3470 0.2889 0.0618  0.0577  0.0175  11 LYS A C   
93  O O   . LYS A 18 ? 0.4617 0.3815 0.3368 0.0539  0.0606  0.0139  11 LYS A O   
94  C CB  . LYS A 18 ? 0.4741 0.3588 0.3303 0.0627  0.0924  0.0264  11 LYS A CB  
95  C CG  . LYS A 18 ? 0.5674 0.4307 0.3883 0.0804  0.1036  0.0346  11 LYS A CG  
96  C CD  . LYS A 18 ? 0.6675 0.5054 0.4840 0.0838  0.1310  0.0420  11 LYS A CD  
97  C CE  . LYS A 18 ? 0.7652 0.5778 0.5385 0.1053  0.1417  0.0524  11 LYS A CE  
98  N NZ  . LYS A 18 ? 0.8198 0.6076 0.5880 0.1089  0.1667  0.0606  11 LYS A NZ  
99  N N   . GLY A 19 ? 0.4111 0.3321 0.2528 0.0694  0.0433  0.0156  12 GLY A N   
100 C CA  . GLY A 19 ? 0.3994 0.3308 0.2433 0.0698  0.0328  0.0103  12 GLY A CA  
101 C C   . GLY A 19 ? 0.3694 0.3185 0.2284 0.0625  0.0160  0.0040  12 GLY A C   
102 O O   . GLY A 19 ? 0.3552 0.3097 0.2288 0.0535  0.0138  0.0036  12 GLY A O   
103 N N   . LEU A 20 ? 0.3573 0.3140 0.2127 0.0672  0.0053  -0.0016 13 LEU A N   
104 C CA  . LEU A 20 ? 0.3384 0.3089 0.2083 0.0615  -0.0075 -0.0080 13 LEU A CA  
105 C C   . LEU A 20 ? 0.3087 0.2860 0.1987 0.0501  -0.0083 -0.0091 13 LEU A C   
106 O O   . LEU A 20 ? 0.2997 0.2830 0.2018 0.0434  -0.0133 -0.0105 13 LEU A O   
107 C CB  . LEU A 20 ? 0.3467 0.3229 0.2096 0.0708  -0.0168 -0.0159 13 LEU A CB  
108 C CG  . LEU A 20 ? 0.3525 0.3418 0.2337 0.0656  -0.0274 -0.0246 13 LEU A CG  
109 C CD1 . LEU A 20 ? 0.3667 0.3587 0.2544 0.0624  -0.0303 -0.0248 13 LEU A CD1 
110 C CD2 . LEU A 20 ? 0.3623 0.3585 0.2399 0.0753  -0.0361 -0.0354 13 LEU A CD2 
111 N N   . VAL A 21 ? 0.2994 0.2751 0.1925 0.0492  -0.0033 -0.0086 14 VAL A N   
112 C CA  . VAL A 21 ? 0.2919 0.2742 0.2029 0.0407  -0.0055 -0.0102 14 VAL A CA  
113 C C   . VAL A 21 ? 0.2816 0.2653 0.2037 0.0334  -0.0040 -0.0082 14 VAL A C   
114 O O   . VAL A 21 ? 0.2741 0.2634 0.2049 0.0291  -0.0101 -0.0095 14 VAL A O   
115 C CB  . VAL A 21 ? 0.2950 0.2756 0.2081 0.0419  -0.0002 -0.0107 14 VAL A CB  
116 C CG1 . VAL A 21 ? 0.2918 0.2795 0.2231 0.0351  -0.0031 -0.0125 14 VAL A CG1 
117 C CG2 . VAL A 21 ? 0.3032 0.2835 0.2046 0.0498  -0.0033 -0.0144 14 VAL A CG2 
118 N N   . ALA A 22 ? 0.2842 0.2618 0.2052 0.0329  0.0048  -0.0055 15 ALA A N   
119 C CA  . ALA A 22 ? 0.2699 0.2503 0.2033 0.0264  0.0054  -0.0061 15 ALA A CA  
120 C C   . ALA A 22 ? 0.2637 0.2463 0.1930 0.0252  -0.0019 -0.0056 15 ALA A C   
121 O O   . ALA A 22 ? 0.2653 0.2528 0.2026 0.0209  -0.0066 -0.0074 15 ALA A O   
122 C CB  . ALA A 22 ? 0.2725 0.2443 0.2070 0.0262  0.0185  -0.0044 15 ALA A CB  
123 N N   . CYS A 23 ? 0.2680 0.2474 0.1845 0.0303  -0.0033 -0.0041 16 CYS A N   
124 C CA  . CYS A 23 ? 0.2691 0.2506 0.1844 0.0292  -0.0090 -0.0045 16 CYS A CA  
125 C C   . CYS A 23 ? 0.2580 0.2452 0.1806 0.0263  -0.0159 -0.0073 16 CYS A C   
126 O O   . CYS A 23 ? 0.2564 0.2440 0.1823 0.0226  -0.0179 -0.0070 16 CYS A O   
127 C CB  . CYS A 23 ? 0.2963 0.2746 0.1991 0.0367  -0.0098 -0.0043 16 CYS A CB  
128 S SG  . CYS A 23 ? 0.4045 0.3847 0.3094 0.0348  -0.0140 -0.0052 16 CYS A SG  
129 N N   . ILE A 24 ? 0.2491 0.2387 0.1729 0.0287  -0.0181 -0.0098 17 ILE A N   
130 C CA  . ILE A 24 ? 0.2494 0.2416 0.1810 0.0264  -0.0217 -0.0121 17 ILE A CA  
131 C C   . ILE A 24 ? 0.2564 0.2482 0.1923 0.0231  -0.0216 -0.0098 17 ILE A C   
132 O O   . ILE A 24 ? 0.2669 0.2565 0.2038 0.0218  -0.0228 -0.0089 17 ILE A O   
133 C CB  . ILE A 24 ? 0.2574 0.2524 0.1912 0.0297  -0.0233 -0.0164 17 ILE A CB  
134 C CG1 . ILE A 24 ? 0.2694 0.2669 0.2001 0.0347  -0.0266 -0.0220 17 ILE A CG1 
135 C CG2 . ILE A 24 ? 0.2588 0.2539 0.2024 0.0269  -0.0237 -0.0178 17 ILE A CG2 
136 C CD1 . ILE A 24 ? 0.3064 0.3076 0.2376 0.0397  -0.0293 -0.0285 17 ILE A CD1 
137 N N   . ALA A 25 ? 0.2554 0.2487 0.1939 0.0227  -0.0198 -0.0094 18 ALA A N   
138 C CA  . ALA A 25 ? 0.2582 0.2538 0.2027 0.0215  -0.0222 -0.0099 18 ALA A CA  
139 C C   . ALA A 25 ? 0.2591 0.2536 0.2006 0.0200  -0.0238 -0.0094 18 ALA A C   
140 O O   . ALA A 25 ? 0.2614 0.2549 0.2004 0.0216  -0.0277 -0.0092 18 ALA A O   
141 C CB  . ALA A 25 ? 0.2633 0.2626 0.2167 0.0208  -0.0192 -0.0123 18 ALA A CB  
142 N N   . ALA A 26 ? 0.2482 0.2410 0.1876 0.0182  -0.0203 -0.0088 19 ALA A N   
143 C CA  . ALA A 26 ? 0.2536 0.2451 0.1906 0.0165  -0.0212 -0.0088 19 ALA A CA  
144 C C   . ALA A 26 ? 0.2565 0.2435 0.1862 0.0173  -0.0231 -0.0066 19 ALA A C   
145 O O   . ALA A 26 ? 0.2529 0.2377 0.1785 0.0181  -0.0253 -0.0065 19 ALA A O   
146 C CB  . ALA A 26 ? 0.2618 0.2506 0.1978 0.0149  -0.0154 -0.0080 19 ALA A CB  
147 N N   . ALA A 27 ? 0.2436 0.2289 0.1724 0.0179  -0.0216 -0.0059 20 ALA A N   
148 C CA  . ALA A 27 ? 0.2540 0.2348 0.1816 0.0177  -0.0206 -0.0055 20 ALA A CA  
149 C C   . ALA A 27 ? 0.2593 0.2351 0.1850 0.0195  -0.0202 -0.0039 20 ALA A C   
150 O O   . ALA A 27 ? 0.2744 0.2428 0.1942 0.0202  -0.0177 -0.0017 20 ALA A O   
151 C CB  . ALA A 27 ? 0.2716 0.2545 0.2043 0.0185  -0.0202 -0.0087 20 ALA A CB  
152 N N   . ASP A 28 ? 0.2502 0.2288 0.1790 0.0213  -0.0218 -0.0045 21 ASP A N   
153 C CA  . ASP A 28 ? 0.2716 0.2441 0.1968 0.0249  -0.0210 -0.0021 21 ASP A CA  
154 C C   . ASP A 28 ? 0.2880 0.2577 0.2027 0.0288  -0.0244 -0.0003 21 ASP A C   
155 O O   . ASP A 28 ? 0.3134 0.2722 0.2175 0.0330  -0.0213 0.0031  21 ASP A O   
156 C CB  . ASP A 28 ? 0.2902 0.2673 0.2216 0.0264  -0.0227 -0.0035 21 ASP A CB  
157 C CG  . ASP A 28 ? 0.3605 0.3295 0.2877 0.0314  -0.0208 -0.0006 21 ASP A CG  
158 O OD1 . ASP A 28 ? 0.3830 0.3429 0.3106 0.0315  -0.0139 0.0010  21 ASP A OD1 
159 O OD2 . ASP A 28 ? 0.3924 0.3639 0.3173 0.0359  -0.0254 -0.0003 21 ASP A OD2 
160 N N   . ALA A 29 ? 0.2748 0.2531 0.1927 0.0283  -0.0297 -0.0037 22 ALA A N   
161 C CA  . ALA A 29 ? 0.2931 0.2721 0.2039 0.0329  -0.0353 -0.0057 22 ALA A CA  
162 C C   . ALA A 29 ? 0.3014 0.2734 0.2018 0.0325  -0.0330 -0.0040 22 ALA A C   
163 O O   . ALA A 29 ? 0.3296 0.2954 0.2160 0.0393  -0.0355 -0.0033 22 ALA A O   
164 C CB  . ALA A 29 ? 0.2951 0.2864 0.2190 0.0305  -0.0397 -0.0125 22 ALA A CB  
165 N N   . MET A 30 ? 0.2934 0.2657 0.1990 0.0260  -0.0285 -0.0035 23 MET A N   
166 C CA  . MET A 30 ? 0.3019 0.2678 0.2001 0.0248  -0.0254 -0.0021 23 MET A CA  
167 C C   . MET A 30 ? 0.3382 0.2901 0.2247 0.0287  -0.0195 0.0028  23 MET A C   
168 O O   . MET A 30 ? 0.3686 0.3119 0.2410 0.0329  -0.0183 0.0043  23 MET A O   
169 C CB  . MET A 30 ? 0.2962 0.2648 0.2030 0.0185  -0.0215 -0.0025 23 MET A CB  
170 C CG  . MET A 30 ? 0.2985 0.2751 0.2125 0.0156  -0.0232 -0.0058 23 MET A CG  
171 S SD  . MET A 30 ? 0.3184 0.2960 0.2377 0.0127  -0.0187 -0.0047 23 MET A SD  
172 C CE  . MET A 30 ? 0.2840 0.2587 0.2010 0.0103  -0.0161 -0.0049 23 MET A CE  
173 N N   . CYS A 31 ? 0.3331 0.2814 0.2257 0.0278  -0.0142 0.0047  24 CYS A N   
174 C CA  . CYS A 31 ? 0.3590 0.2918 0.2450 0.0308  -0.0046 0.0088  24 CYS A CA  
175 C C   . CYS A 31 ? 0.3829 0.3050 0.2511 0.0406  -0.0045 0.0132  24 CYS A C   
176 O O   . CYS A 31 ? 0.4091 0.3137 0.2620 0.0461  0.0040  0.0181  24 CYS A O   
177 C CB  . CYS A 31 ? 0.3766 0.3103 0.2792 0.0265  0.0013  0.0068  24 CYS A CB  
178 S SG  . CYS A 31 ? 0.4061 0.3508 0.3263 0.0190  0.0004  0.0006  24 CYS A SG  
179 N N   . ALA A 32 ? 0.3751 0.3056 0.2440 0.0443  -0.0130 0.0115  25 ALA A N   
180 C CA  . ALA A 32 ? 0.4052 0.3264 0.2567 0.0562  -0.0149 0.0151  25 ALA A CA  
181 C C   . ALA A 32 ? 0.4264 0.3456 0.2582 0.0650  -0.0221 0.0139  25 ALA A C   
182 O O   . ALA A 32 ? 0.4652 0.3703 0.2743 0.0779  -0.0211 0.0182  25 ALA A O   
183 C CB  . ALA A 32 ? 0.4088 0.3422 0.2707 0.0575  -0.0227 0.0118  25 ALA A CB  
184 N N   . SER A 33 ? 0.4044 0.3369 0.2441 0.0596  -0.0295 0.0074  26 SER A N   
185 C CA  . SER A 33 ? 0.4190 0.3544 0.2455 0.0675  -0.0389 0.0023  26 SER A CA  
186 C C   . SER A 33 ? 0.4285 0.3513 0.2372 0.0699  -0.0337 0.0049  26 SER A C   
187 O O   . SER A 33 ? 0.4458 0.3704 0.2411 0.0782  -0.0422 -0.0004 26 SER A O   
188 C CB  . SER A 33 ? 0.4356 0.3921 0.2839 0.0601  -0.0481 -0.0078 26 SER A CB  
189 O OG  . SER A 33 ? 0.4674 0.4259 0.3276 0.0481  -0.0413 -0.0071 26 SER A OG  
190 N N   . ALA A 34 ? 0.4204 0.3334 0.2327 0.0621  -0.0210 0.0104  27 ALA A N   
191 C CA  . ALA A 34 ? 0.4290 0.3299 0.2271 0.0630  -0.0144 0.0125  27 ALA A CA  
192 C C   . ALA A 34 ? 0.4375 0.3229 0.2388 0.0578  0.0025  0.0192  27 ALA A C   
193 O O   . ALA A 34 ? 0.4287 0.3173 0.2487 0.0511  0.0074  0.0200  27 ALA A O   
194 C CB  . ALA A 34 ? 0.4272 0.3434 0.2385 0.0547  -0.0210 0.0047  27 ALA A CB  
195 N N   . ASN A 35 ? 0.4600 0.3288 0.2451 0.0610  0.0121  0.0228  28 ASN A N   
196 C CA  . ASN A 35 ? 0.4696 0.3237 0.2620 0.0556  0.0298  0.0273  28 ASN A CA  
197 C C   . ASN A 35 ? 0.4422 0.3110 0.2599 0.0422  0.0287  0.0216  28 ASN A C   
198 O O   . ASN A 35 ? 0.4456 0.3105 0.2588 0.0405  0.0318  0.0208  28 ASN A O   
199 C CB  . ASN A 35 ? 0.5223 0.3502 0.2856 0.0655  0.0425  0.0336  28 ASN A CB  
200 C CG  . ASN A 35 ? 0.5895 0.4007 0.3638 0.0595  0.0637  0.0371  28 ASN A CG  
201 O OD1 . ASN A 35 ? 0.5879 0.4053 0.3906 0.0502  0.0692  0.0344  28 ASN A OD1 
202 N ND2 . ASN A 35 ? 0.6262 0.4165 0.3803 0.0649  0.0763  0.0413  28 ASN A ND2 
203 N N   . VAL A 36 ? 0.4138 0.2989 0.2562 0.0342  0.0237  0.0175  29 VAL A N   
204 C CA  . VAL A 36 ? 0.3988 0.2974 0.2633 0.0244  0.0218  0.0123  29 VAL A CA  
205 C C   . VAL A 36 ? 0.4172 0.3186 0.3046 0.0193  0.0280  0.0096  29 VAL A C   
206 O O   . VAL A 36 ? 0.4246 0.3210 0.3132 0.0219  0.0315  0.0112  29 VAL A O   
207 C CB  . VAL A 36 ? 0.3817 0.2990 0.2517 0.0221  0.0078  0.0082  29 VAL A CB  
208 C CG1 . VAL A 36 ? 0.3980 0.3156 0.2523 0.0261  0.0015  0.0072  29 VAL A CG1 
209 C CG2 . VAL A 36 ? 0.3715 0.2970 0.2471 0.0235  0.0017  0.0076  29 VAL A CG2 
210 N N   . GLU A 37 ? 0.4108 0.3206 0.3171 0.0130  0.0284  0.0042  30 GLU A N   
211 C CA  . GLU A 37 ? 0.4077 0.3244 0.3389 0.0091  0.0311  -0.0022 30 GLU A CA  
212 C C   . GLU A 37 ? 0.3801 0.3159 0.3194 0.0079  0.0178  -0.0067 30 GLU A C   
213 O O   . GLU A 37 ? 0.3668 0.3083 0.3018 0.0073  0.0124  -0.0065 30 GLU A O   
214 C CB  . GLU A 37 ? 0.4606 0.3732 0.4079 0.0053  0.0411  -0.0069 30 GLU A CB  
215 C CG  . GLU A 37 ? 0.5631 0.4844 0.5404 0.0020  0.0432  -0.0171 30 GLU A CG  
216 C CD  . GLU A 37 ? 0.6954 0.6023 0.6889 -0.0004 0.0616  -0.0201 30 GLU A CD  
217 O OE1 . GLU A 37 ? 0.7440 0.6364 0.7304 -0.0008 0.0729  -0.0162 30 GLU A OE1 
218 O OE2 . GLU A 37 ? 0.7262 0.6349 0.7401 -0.0019 0.0662  -0.0268 30 GLU A OE2 
219 N N   . LEU A 38 ? 0.3725 0.3162 0.3222 0.0083  0.0140  -0.0106 31 LEU A N   
220 C CA  . LEU A 38 ? 0.3723 0.3311 0.3267 0.0092  0.0033  -0.0145 31 LEU A CA  
221 C C   . LEU A 38 ? 0.3778 0.3436 0.3498 0.0084  0.0030  -0.0231 31 LEU A C   
222 O O   . LEU A 38 ? 0.3760 0.3433 0.3669 0.0074  0.0069  -0.0308 31 LEU A O   
223 C CB  . LEU A 38 ? 0.3778 0.3407 0.3369 0.0107  0.0007  -0.0167 31 LEU A CB  
224 C CG  . LEU A 38 ? 0.4114 0.3852 0.3667 0.0134  -0.0089 -0.0178 31 LEU A CG  
225 C CD1 . LEU A 38 ? 0.4256 0.4014 0.3854 0.0147  -0.0098 -0.0198 31 LEU A CD1 
226 C CD2 . LEU A 38 ? 0.4236 0.4069 0.3864 0.0159  -0.0141 -0.0247 31 LEU A CD2 
227 N N   . ILE A 39 ? 0.3806 0.3507 0.3487 0.0094  -0.0012 -0.0229 32 ILE A N   
228 C CA  . ILE A 39 ? 0.3960 0.3729 0.3800 0.0104  -0.0024 -0.0312 32 ILE A CA  
229 C C   . ILE A 39 ? 0.4042 0.3924 0.3864 0.0170  -0.0129 -0.0351 32 ILE A C   
230 O O   . ILE A 39 ? 0.4065 0.4024 0.4022 0.0203  -0.0163 -0.0439 32 ILE A O   
231 C CB  . ILE A 39 ? 0.4215 0.3906 0.4039 0.0074  0.0042  -0.0284 32 ILE A CB  
232 C CG1 . ILE A 39 ? 0.4512 0.4181 0.4136 0.0082  0.0011  -0.0201 32 ILE A CG1 
233 C CG2 . ILE A 39 ? 0.4395 0.3944 0.4222 0.0032  0.0168  -0.0252 32 ILE A CG2 
234 C CD1 . ILE A 39 ? 0.4712 0.4434 0.4340 0.0113  -0.0032 -0.0218 32 ILE A CD1 
235 N N   . GLY A 40 ? 0.3933 0.3815 0.3582 0.0198  -0.0171 -0.0288 33 GLY A N   
236 C CA  . GLY A 40 ? 0.3875 0.3817 0.3447 0.0281  -0.0242 -0.0302 33 GLY A CA  
237 C C   . GLY A 40 ? 0.3657 0.3612 0.3126 0.0319  -0.0275 -0.0282 33 GLY A C   
238 O O   . GLY A 40 ? 0.3425 0.3335 0.2843 0.0273  -0.0240 -0.0225 33 GLY A O   
239 N N   . TYR A 41 ? 0.3595 0.3609 0.3023 0.0417  -0.0342 -0.0331 34 TYR A N   
240 C CA  . TYR A 41 ? 0.3701 0.3713 0.3009 0.0467  -0.0363 -0.0314 34 TYR A CA  
241 C C   . TYR A 41 ? 0.3846 0.3875 0.3019 0.0607  -0.0422 -0.0340 34 TYR A C   
242 O O   . TYR A 41 ? 0.3975 0.4093 0.3238 0.0673  -0.0500 -0.0447 34 TYR A O   
243 C CB  . TYR A 41 ? 0.3674 0.3750 0.3120 0.0443  -0.0389 -0.0391 34 TYR A CB  
244 N N   . GLU A 42 ? 0.3769 0.3702 0.2729 0.0662  -0.0376 -0.0249 35 GLU A N   
245 C CA  . GLU A 42 ? 0.3974 0.3876 0.2739 0.0825  -0.0411 -0.0253 35 GLU A CA  
246 C C   . GLU A 42 ? 0.4161 0.3947 0.2702 0.0892  -0.0344 -0.0172 35 GLU A C   
247 O O   . GLU A 42 ? 0.4146 0.3849 0.2681 0.0806  -0.0240 -0.0089 35 GLU A O   
248 C CB  . GLU A 42 ? 0.4310 0.4160 0.3027 0.0857  -0.0386 -0.0214 35 GLU A CB  
249 C CG  . GLU A 42 ? 0.5311 0.5129 0.3819 0.1056  -0.0437 -0.0227 35 GLU A CG  
250 C CD  . GLU A 42 ? 0.6132 0.6106 0.4715 0.1163  -0.0594 -0.0384 35 GLU A CD  
251 O OE1 . GLU A 42 ? 0.6510 0.6591 0.5273 0.1164  -0.0665 -0.0478 35 GLU A OE1 
252 O OE2 . GLU A 42 ? 0.6258 0.6253 0.4747 0.1243  -0.0642 -0.0428 35 GLU A OE2 
253 N N   . ASN A 43 ? 0.4337 0.4112 0.2694 0.1057  -0.0398 -0.0207 36 ASN A N   
254 C CA  . ASN A 43 ? 0.4719 0.4352 0.2823 0.1149  -0.0314 -0.0127 36 ASN A CA  
255 C C   . ASN A 43 ? 0.5064 0.4582 0.2897 0.1341  -0.0304 -0.0086 36 ASN A C   
256 O O   . ASN A 43 ? 0.5230 0.4838 0.3017 0.1476  -0.0441 -0.0184 36 ASN A O   
257 C CB  . ASN A 43 ? 0.5009 0.4713 0.3093 0.1202  -0.0389 -0.0209 36 ASN A CB  
258 C CG  . ASN A 43 ? 0.5805 0.5363 0.3575 0.1360  -0.0330 -0.0154 36 ASN A CG  
259 O OD1 . ASN A 43 ? 0.6143 0.5745 0.3778 0.1508  -0.0430 -0.0238 36 ASN A OD1 
260 N ND2 . ASN A 43 ? 0.5996 0.5370 0.3645 0.1338  -0.0156 -0.0020 36 ASN A ND2 
261 N N   . ILE A 44 ? 0.5200 0.4521 0.2868 0.1360  -0.0140 0.0046  37 ILE A N   
262 C CA  . ILE A 44 ? 0.5541 0.4707 0.2932 0.1545  -0.0095 0.0111  37 ILE A CA  
263 C C   . ILE A 44 ? 0.6090 0.5031 0.3112 0.1729  0.0023  0.0201  37 ILE A C   
264 O O   . ILE A 44 ? 0.6363 0.5119 0.3129 0.1882  0.0112  0.0286  37 ILE A O   
265 C CB  . ILE A 44 ? 0.5480 0.4558 0.2964 0.1440  0.0031  0.0196  37 ILE A CB  
266 C CG1 . ILE A 44 ? 0.5618 0.4560 0.3155 0.1313  0.0228  0.0288  37 ILE A CG1 
267 C CG2 . ILE A 44 ? 0.5290 0.4554 0.3075 0.1296  -0.0074 0.0117  37 ILE A CG2 
268 C CD1 . ILE A 44 ? 0.5901 0.4737 0.3511 0.1235  0.0371  0.0358  37 ILE A CD1 
269 N N   . GLY A 45 ? 0.6184 0.5115 0.3172 0.1717  0.0049  0.0192  38 GLY A N   
270 C CA  . GLY A 45 ? 0.6504 0.5191 0.3135 0.1886  0.0195  0.0286  38 GLY A CA  
271 C C   . GLY A 45 ? 0.6528 0.5042 0.3238 0.1750  0.0442  0.0399  38 GLY A C   
272 O O   . GLY A 45 ? 0.6421 0.5020 0.3453 0.1538  0.0477  0.0395  38 GLY A O   
273 N N   . SER A 46 ? 0.6574 0.4853 0.3010 0.1873  0.0613  0.0483  39 SER A N   
274 C CA  . SER A 46 ? 0.6526 0.4648 0.3083 0.1745  0.0863  0.0562  39 SER A CA  
275 C C   . SER A 46 ? 0.5877 0.4222 0.2844 0.1498  0.0795  0.0478  39 SER A C   
276 O O   . SER A 46 ? 0.5936 0.4253 0.3150 0.1339  0.0939  0.0499  39 SER A O   
277 C CB  . SER A 46 ? 0.7069 0.5014 0.3668 0.1704  0.1063  0.0655  39 SER A CB  
278 O OG  . SER A 46 ? 0.7616 0.5415 0.4371 0.1588  0.1313  0.0704  39 SER A OG  
279 N N   . GLY A 47 ? 0.5445 0.4019 0.2498 0.1478  0.0574  0.0373  40 GLY A N   
280 C CA  . GLY A 47 ? 0.4876 0.3650 0.2265 0.1281  0.0496  0.0297  40 GLY A CA  
281 C C   . GLY A 47 ? 0.4374 0.3290 0.2083 0.1097  0.0450  0.0270  40 GLY A C   
282 O O   . GLY A 47 ? 0.4220 0.3254 0.2187 0.0943  0.0427  0.0229  40 GLY A O   
283 N N   . LEU A 48 ? 0.4144 0.3035 0.1823 0.1120  0.0440  0.0293  41 LEU A N   
284 C CA  . LEU A 48 ? 0.4091 0.3097 0.2045 0.0955  0.0408  0.0268  41 LEU A CA  
285 C C   . LEU A 48 ? 0.4028 0.3243 0.2108 0.0912  0.0206  0.0179  41 LEU A C   
286 O O   . LEU A 48 ? 0.4216 0.3471 0.2180 0.1024  0.0098  0.0142  41 LEU A O   
287 C CB  . LEU A 48 ? 0.4323 0.3200 0.2205 0.0992  0.0510  0.0333  41 LEU A CB  
288 C CG  . LEU A 48 ? 0.4803 0.3433 0.2570 0.1039  0.0755  0.0425  41 LEU A CG  
289 C CD1 . LEU A 48 ? 0.5049 0.3534 0.2729 0.1092  0.0862  0.0490  41 LEU A CD1 
290 C CD2 . LEU A 48 ? 0.4856 0.3506 0.2902 0.0872  0.0866  0.0403  41 LEU A CD2 
291 N N   . VAL A 49 ? 0.3594 0.2937 0.1924 0.0755  0.0160  0.0135  42 VAL A N   
292 C CA  . VAL A 49 ? 0.3422 0.2931 0.1889 0.0706  0.0008  0.0057  42 VAL A CA  
293 C C   . VAL A 49 ? 0.3313 0.2869 0.1964 0.0573  0.0012  0.0057  42 VAL A C   
294 O O   . VAL A 49 ? 0.3332 0.2863 0.2075 0.0489  0.0087  0.0079  42 VAL A O   
295 C CB  . VAL A 49 ? 0.3547 0.3143 0.2091 0.0677  -0.0054 0.0003  42 VAL A CB  
296 C CG1 . VAL A 49 ? 0.3519 0.3254 0.2200 0.0644  -0.0180 -0.0081 42 VAL A CG1 
297 C CG2 . VAL A 49 ? 0.3805 0.3336 0.2150 0.0809  -0.0038 0.0005  42 VAL A CG2 
298 N N   . THR A 50 ? 0.3090 0.2711 0.1795 0.0563  -0.0064 0.0022  43 THR A N   
299 C CA  . THR A 50 ? 0.2995 0.2641 0.1836 0.0453  -0.0056 0.0023  43 THR A CA  
300 C C   . THR A 50 ? 0.2871 0.2616 0.1841 0.0398  -0.0139 -0.0035 43 THR A C   
301 O O   . THR A 50 ? 0.2974 0.2777 0.1964 0.0447  -0.0209 -0.0092 43 THR A O   
302 C CB  . THR A 50 ? 0.3344 0.2937 0.2134 0.0488  -0.0027 0.0048  43 THR A CB  
303 O OG1 . THR A 50 ? 0.3694 0.3158 0.2356 0.0545  0.0084  0.0111  43 THR A OG1 
304 C CG2 . THR A 50 ? 0.3388 0.3001 0.2301 0.0381  -0.0015 0.0043  43 THR A CG2 
305 N N   . VAL A 51 ? 0.2724 0.2483 0.1787 0.0305  -0.0128 -0.0031 44 VAL A N   
306 C CA  . VAL A 51 ? 0.2792 0.2597 0.1952 0.0257  -0.0169 -0.0066 44 VAL A CA  
307 C C   . VAL A 51 ? 0.2748 0.2521 0.1928 0.0207  -0.0143 -0.0051 44 VAL A C   
308 O O   . VAL A 51 ? 0.2690 0.2428 0.1844 0.0183  -0.0104 -0.0023 44 VAL A O   
309 C CB  . VAL A 51 ? 0.3073 0.2896 0.2277 0.0223  -0.0179 -0.0070 44 VAL A CB  
310 C CG1 . VAL A 51 ? 0.3145 0.2949 0.2340 0.0191  -0.0149 -0.0041 44 VAL A CG1 
311 C CG2 . VAL A 51 ? 0.3262 0.3083 0.2536 0.0188  -0.0186 -0.0090 44 VAL A CG2 
312 N N   . MET A 52 ? 0.2674 0.2457 0.1916 0.0195  -0.0153 -0.0081 45 MET A N   
313 C CA  . MET A 52 ? 0.2789 0.2527 0.2037 0.0154  -0.0120 -0.0068 45 MET A CA  
314 C C   . MET A 52 ? 0.2844 0.2551 0.2134 0.0119  -0.0100 -0.0077 45 MET A C   
315 O O   . MET A 52 ? 0.2873 0.2598 0.2250 0.0125  -0.0102 -0.0114 45 MET A O   
316 C CB  . MET A 52 ? 0.2939 0.2690 0.2219 0.0186  -0.0122 -0.0091 45 MET A CB  
317 C CG  . MET A 52 ? 0.3231 0.2990 0.2435 0.0261  -0.0139 -0.0081 45 MET A CG  
318 S SD  . MET A 52 ? 0.4188 0.3957 0.3417 0.0319  -0.0154 -0.0111 45 MET A SD  
319 C CE  . MET A 52 ? 0.4023 0.3777 0.3095 0.0452  -0.0176 -0.0090 45 MET A CE  
320 N N   . VAL A 53 ? 0.2732 0.2378 0.1959 0.0090  -0.0072 -0.0049 46 VAL A N   
321 C CA  . VAL A 53 ? 0.2824 0.2392 0.2030 0.0079  -0.0029 -0.0041 46 VAL A CA  
322 C C   . VAL A 53 ? 0.3017 0.2518 0.2190 0.0061  0.0021  -0.0033 46 VAL A C   
323 O O   . VAL A 53 ? 0.2970 0.2489 0.2120 0.0052  0.0010  -0.0032 46 VAL A O   
324 C CB  . VAL A 53 ? 0.3122 0.2660 0.2228 0.0097  -0.0048 -0.0015 46 VAL A CB  
325 C CG1 . VAL A 53 ? 0.3223 0.2824 0.2376 0.0112  -0.0086 -0.0023 46 VAL A CG1 
326 C CG2 . VAL A 53 ? 0.3228 0.2781 0.2257 0.0097  -0.0079 -0.0015 46 VAL A CG2 
327 N N   . LYS A 54 ? 0.3152 0.2558 0.2325 0.0058  0.0093  -0.0028 47 LYS A N   
328 C CA  . LYS A 54 ? 0.3407 0.2723 0.2529 0.0046  0.0158  -0.0018 47 LYS A CA  
329 C C   . LYS A 54 ? 0.3572 0.2740 0.2535 0.0078  0.0222  0.0023  47 LYS A C   
330 O O   . LYS A 54 ? 0.3682 0.2800 0.2633 0.0102  0.0251  0.0040  47 LYS A O   
331 C CB  . LYS A 54 ? 0.3842 0.3163 0.3138 0.0021  0.0216  -0.0061 47 LYS A CB  
332 C CG  . LYS A 54 ? 0.4645 0.4069 0.4022 0.0017  0.0160  -0.0091 47 LYS A CG  
333 C CD  . LYS A 54 ? 0.5467 0.4889 0.5004 0.0002  0.0215  -0.0141 47 LYS A CD  
334 C CE  . LYS A 54 ? 0.6058 0.5555 0.5629 0.0019  0.0165  -0.0157 47 LYS A CE  
335 N NZ  . LYS A 54 ? 0.6432 0.5853 0.5916 -0.0004 0.0215  -0.0124 47 LYS A NZ  
336 N N   . GLY A 55 ? 0.3623 0.2710 0.2446 0.0091  0.0249  0.0040  48 GLY A N   
337 C CA  . GLY A 55 ? 0.3855 0.2774 0.2460 0.0152  0.0312  0.0083  48 GLY A CA  
338 C C   . GLY A 55 ? 0.3952 0.2829 0.2394 0.0176  0.0297  0.0078  48 GLY A C   
339 O O   . GLY A 55 ? 0.3957 0.2923 0.2492 0.0126  0.0265  0.0043  48 GLY A O   
340 N N   . ASP A 56 ? 0.4168 0.2907 0.2351 0.0264  0.0315  0.0107  49 ASP A N   
341 C CA  . ASP A 56 ? 0.4171 0.2876 0.2174 0.0305  0.0281  0.0082  49 ASP A CA  
342 C C   . ASP A 56 ? 0.4009 0.2914 0.2092 0.0288  0.0127  0.0009  49 ASP A C   
343 O O   . ASP A 56 ? 0.4049 0.3061 0.2217 0.0288  0.0052  -0.0001 49 ASP A O   
344 C CB  . ASP A 56 ? 0.4578 0.3087 0.2240 0.0441  0.0319  0.0122  49 ASP A CB  
345 C CG  . ASP A 56 ? 0.5613 0.3873 0.3176 0.0468  0.0516  0.0201  49 ASP A CG  
346 O OD1 . ASP A 56 ? 0.5687 0.3944 0.3474 0.0371  0.0620  0.0200  49 ASP A OD1 
347 O OD2 . ASP A 56 ? 0.6318 0.4376 0.3577 0.0598  0.0575  0.0256  49 ASP A OD2 
348 N N   . VAL A 57 ? 0.3968 0.2917 0.2041 0.0272  0.0091  -0.0047 50 VAL A N   
349 C CA  . VAL A 57 ? 0.3852 0.2977 0.2050 0.0245  -0.0021 -0.0132 50 VAL A CA  
350 C C   . VAL A 57 ? 0.3821 0.3023 0.1962 0.0319  -0.0137 -0.0178 50 VAL A C   
351 O O   . VAL A 57 ? 0.3687 0.3025 0.2013 0.0276  -0.0191 -0.0208 50 VAL A O   
352 C CB  . VAL A 57 ? 0.4058 0.3198 0.2245 0.0229  -0.0028 -0.0201 50 VAL A CB  
353 C CG1 . VAL A 57 ? 0.3985 0.3299 0.2366 0.0186  -0.0113 -0.0301 50 VAL A CG1 
354 C CG2 . VAL A 57 ? 0.4187 0.3264 0.2459 0.0155  0.0083  -0.0159 50 VAL A CG2 
355 N N   . GLY A 58 ? 0.3991 0.3095 0.1867 0.0442  -0.0172 -0.0183 51 GLY A N   
356 C CA  . GLY A 58 ? 0.4030 0.3211 0.1841 0.0540  -0.0299 -0.0240 51 GLY A CA  
357 C C   . GLY A 58 ? 0.3880 0.3089 0.1787 0.0525  -0.0294 -0.0181 51 GLY A C   
358 O O   . GLY A 58 ? 0.3898 0.3265 0.1968 0.0510  -0.0385 -0.0244 51 GLY A O   
359 N N   . ALA A 59 ? 0.3823 0.2884 0.1671 0.0513  -0.0173 -0.0071 52 ALA A N   
360 C CA  . ALA A 59 ? 0.3860 0.2931 0.1807 0.0493  -0.0150 -0.0018 52 ALA A CA  
361 C C   . ALA A 59 ? 0.3665 0.2914 0.1907 0.0376  -0.0180 -0.0052 52 ALA A C   
362 O O   . ALA A 59 ? 0.3619 0.2962 0.1954 0.0380  -0.0239 -0.0069 52 ALA A O   
363 C CB  . ALA A 59 ? 0.4070 0.2956 0.1961 0.0486  0.0005  0.0078  52 ALA A CB  
364 N N   . VAL A 60 ? 0.3418 0.2700 0.1793 0.0286  -0.0134 -0.0061 53 VAL A N   
365 C CA  . VAL A 60 ? 0.3239 0.2649 0.1841 0.0200  -0.0143 -0.0079 53 VAL A CA  
366 C C   . VAL A 60 ? 0.3183 0.2728 0.1883 0.0198  -0.0230 -0.0160 53 VAL A C   
367 O O   . VAL A 60 ? 0.3214 0.2840 0.2044 0.0173  -0.0247 -0.0167 53 VAL A O   
368 C CB  . VAL A 60 ? 0.3290 0.2686 0.1981 0.0133  -0.0074 -0.0067 53 VAL A CB  
369 C CG1 . VAL A 60 ? 0.3328 0.2831 0.2194 0.0078  -0.0084 -0.0084 53 VAL A CG1 
370 C CG2 . VAL A 60 ? 0.3314 0.2608 0.1996 0.0126  0.0013  -0.0012 53 VAL A CG2 
371 N N   . LYS A 61 ? 0.3215 0.2784 0.1866 0.0227  -0.0279 -0.0235 54 LYS A N   
372 C CA  . LYS A 61 ? 0.3224 0.2939 0.2031 0.0220  -0.0355 -0.0346 54 LYS A CA  
373 C C   . LYS A 61 ? 0.3241 0.3017 0.2051 0.0282  -0.0435 -0.0367 54 LYS A C   
374 O O   . LYS A 61 ? 0.3218 0.3099 0.2225 0.0242  -0.0447 -0.0409 54 LYS A O   
375 C CB  . LYS A 61 ? 0.3307 0.3048 0.2064 0.0257  -0.0411 -0.0450 54 LYS A CB  
376 C CG  . LYS A 61 ? 0.3805 0.3514 0.2621 0.0183  -0.0333 -0.0455 54 LYS A CG  
377 C CD  . LYS A 61 ? 0.4389 0.4143 0.3176 0.0226  -0.0402 -0.0586 54 LYS A CD  
378 C CE  . LYS A 61 ? 0.5028 0.4755 0.3891 0.0152  -0.0324 -0.0603 54 LYS A CE  
379 N NZ  . LYS A 61 ? 0.5506 0.5281 0.4338 0.0197  -0.0396 -0.0747 54 LYS A NZ  
380 N N   . ALA A 62 ? 0.3306 0.2994 0.1889 0.0386  -0.0472 -0.0330 55 ALA A N   
381 C CA  . ALA A 62 ? 0.3388 0.3117 0.1950 0.0462  -0.0545 -0.0340 55 ALA A CA  
382 C C   . ALA A 62 ? 0.3341 0.3080 0.2035 0.0396  -0.0487 -0.0269 55 ALA A C   
383 O O   . ALA A 62 ? 0.3355 0.3199 0.2187 0.0396  -0.0534 -0.0312 55 ALA A O   
384 C CB  . ALA A 62 ? 0.3653 0.3229 0.1901 0.0600  -0.0558 -0.0283 55 ALA A CB  
385 N N   . SER A 63 ? 0.3136 0.2775 0.1801 0.0342  -0.0384 -0.0175 56 SER A N   
386 C CA  A SER A 63 ? 0.3103 0.2750 0.1876 0.0292  -0.0336 -0.0122 56 SER A CA  
387 C CA  B SER A 63 ? 0.3051 0.2698 0.1823 0.0293  -0.0335 -0.0122 56 SER A CA  
388 C C   . SER A 63 ? 0.2956 0.2723 0.1938 0.0220  -0.0336 -0.0165 56 SER A C   
389 O O   . SER A 63 ? 0.2959 0.2780 0.2030 0.0217  -0.0347 -0.0166 56 SER A O   
390 C CB  A SER A 63 ? 0.3349 0.2889 0.2086 0.0259  -0.0240 -0.0049 56 SER A CB  
391 C CB  B SER A 63 ? 0.3152 0.2688 0.1883 0.0258  -0.0238 -0.0050 56 SER A CB  
392 O OG  A SER A 63 ? 0.3403 0.2971 0.2232 0.0188  -0.0203 -0.0060 56 SER A OG  
393 O OG  B SER A 63 ? 0.2932 0.2487 0.1770 0.0223  -0.0205 -0.0022 56 SER A OG  
394 N N   . VAL A 64 ? 0.2954 0.2747 0.2008 0.0168  -0.0309 -0.0197 57 VAL A N   
395 C CA  . VAL A 64 ? 0.3004 0.2867 0.2237 0.0111  -0.0273 -0.0228 57 VAL A CA  
396 C C   . VAL A 64 ? 0.3079 0.3049 0.2454 0.0122  -0.0324 -0.0321 57 VAL A C   
397 O O   . VAL A 64 ? 0.3090 0.3098 0.2584 0.0099  -0.0292 -0.0323 57 VAL A O   
398 C CB  . VAL A 64 ? 0.3054 0.2892 0.2324 0.0063  -0.0212 -0.0235 57 VAL A CB  
399 C CG1 . VAL A 64 ? 0.3078 0.2950 0.2515 0.0019  -0.0145 -0.0262 57 VAL A CG1 
400 C CG2 . VAL A 64 ? 0.3133 0.2884 0.2307 0.0057  -0.0164 -0.0155 57 VAL A CG2 
401 N N   . ASP A 65 ? 0.3166 0.3189 0.2527 0.0167  -0.0408 -0.0408 58 ASP A N   
402 C CA  . ASP A 65 ? 0.3212 0.3366 0.2750 0.0188  -0.0477 -0.0529 58 ASP A CA  
403 C C   . ASP A 65 ? 0.3290 0.3464 0.2825 0.0228  -0.0509 -0.0497 58 ASP A C   
404 O O   . ASP A 65 ? 0.3310 0.3564 0.3046 0.0200  -0.0493 -0.0551 58 ASP A O   
405 C CB  . ASP A 65 ? 0.3701 0.3917 0.3189 0.0265  -0.0593 -0.0643 58 ASP A CB  
406 C CG  . ASP A 65 ? 0.4802 0.5052 0.4393 0.0219  -0.0574 -0.0734 58 ASP A CG  
407 O OD1 . ASP A 65 ? 0.5171 0.5392 0.4894 0.0123  -0.0457 -0.0708 58 ASP A OD1 
408 O OD2 . ASP A 65 ? 0.5316 0.5611 0.4840 0.0291  -0.0674 -0.0834 58 ASP A OD2 
409 N N   . SER A 66 ? 0.3354 0.3435 0.2671 0.0289  -0.0531 -0.0406 59 SER A N   
410 C CA  . SER A 66 ? 0.3441 0.3524 0.2744 0.0329  -0.0553 -0.0370 59 SER A CA  
411 C C   . SER A 66 ? 0.3233 0.3303 0.2635 0.0257  -0.0463 -0.0312 59 SER A C   
412 O O   . SER A 66 ? 0.3188 0.3315 0.2697 0.0262  -0.0471 -0.0332 59 SER A O   
413 C CB  . SER A 66 ? 0.4019 0.3976 0.3072 0.0411  -0.0563 -0.0284 59 SER A CB  
414 O OG  . SER A 66 ? 0.4672 0.4631 0.3719 0.0464  -0.0589 -0.0262 59 SER A OG  
415 N N   . GLY A 67 ? 0.3163 0.3163 0.2522 0.0205  -0.0385 -0.0248 60 GLY A N   
416 C CA  . GLY A 67 ? 0.3237 0.3220 0.2648 0.0163  -0.0313 -0.0200 60 GLY A CA  
417 C C   . GLY A 67 ? 0.3250 0.3291 0.2835 0.0124  -0.0266 -0.0253 60 GLY A C   
418 O O   . GLY A 67 ? 0.3200 0.3243 0.2836 0.0120  -0.0226 -0.0237 60 GLY A O   
419 N N   . LEU A 68 ? 0.3336 0.3410 0.3020 0.0096  -0.0252 -0.0319 61 LEU A N   
420 C CA  . LEU A 68 ? 0.3597 0.3707 0.3489 0.0053  -0.0172 -0.0382 61 LEU A CA  
421 C C   . LEU A 68 ? 0.3785 0.3991 0.3839 0.0068  -0.0209 -0.0458 61 LEU A C   
422 O O   . LEU A 68 ? 0.3813 0.4004 0.3968 0.0048  -0.0124 -0.0452 61 LEU A O   
423 C CB  . LEU A 68 ? 0.3696 0.3839 0.3699 0.0020  -0.0161 -0.0467 61 LEU A CB  
424 C CG  . LEU A 68 ? 0.4157 0.4202 0.4083 -0.0010 -0.0072 -0.0405 61 LEU A CG  
425 C CD1 . LEU A 68 ? 0.4260 0.4344 0.4287 -0.0037 -0.0081 -0.0500 61 LEU A CD1 
426 C CD2 . LEU A 68 ? 0.4284 0.4245 0.4263 -0.0033 0.0077  -0.0358 61 LEU A CD2 
427 N N   . GLU A 69 ? 0.3847 0.4141 0.3910 0.0119  -0.0336 -0.0529 62 GLU A N   
428 C CA  . GLU A 69 ? 0.4009 0.4412 0.4237 0.0150  -0.0395 -0.0618 62 GLU A CA  
429 C C   . GLU A 69 ? 0.4152 0.4510 0.4318 0.0163  -0.0366 -0.0533 62 GLU A C   
430 O O   . GLU A 69 ? 0.4245 0.4640 0.4590 0.0139  -0.0308 -0.0573 62 GLU A O   
431 C CB  . GLU A 69 ? 0.4451 0.4934 0.4614 0.0241  -0.0557 -0.0693 62 GLU A CB  
432 C CG  . GLU A 69 ? 0.5104 0.5737 0.5495 0.0285  -0.0640 -0.0833 62 GLU A CG  
433 N N   . SER A 70 ? 0.4135 0.4402 0.4065 0.0193  -0.0384 -0.0422 63 SER A N   
434 C CA  . SER A 70 ? 0.4169 0.4395 0.4043 0.0206  -0.0361 -0.0353 63 SER A CA  
435 C C   . SER A 70 ? 0.4067 0.4242 0.3981 0.0157  -0.0240 -0.0314 63 SER A C   
436 O O   . SER A 70 ? 0.4102 0.4287 0.4088 0.0160  -0.0205 -0.0319 63 SER A O   
437 C CB  . SER A 70 ? 0.4585 0.4723 0.4239 0.0242  -0.0389 -0.0265 63 SER A CB  
438 O OG  . SER A 70 ? 0.5254 0.5349 0.4871 0.0243  -0.0353 -0.0210 63 SER A OG  
439 N N   . ALA A 71 ? 0.3862 0.3969 0.3708 0.0126  -0.0172 -0.0276 64 ALA A N   
440 C CA  . ALA A 71 ? 0.3852 0.3881 0.3673 0.0114  -0.0057 -0.0231 64 ALA A CA  
441 C C   . ALA A 71 ? 0.3813 0.3853 0.3831 0.0084  0.0048  -0.0288 64 ALA A C   
442 O O   . ALA A 71 ? 0.3768 0.3755 0.3785 0.0096  0.0131  -0.0263 64 ALA A O   
443 C CB  . ALA A 71 ? 0.3911 0.3862 0.3601 0.0111  -0.0019 -0.0177 64 ALA A CB  
444 N N   . GLN A 72 ? 0.3741 0.3846 0.3945 0.0049  0.0047  -0.0378 65 GLN A N   
445 C CA  . GLN A 72 ? 0.3805 0.3921 0.4267 0.0010  0.0169  -0.0459 65 GLN A CA  
446 C C   . GLN A 72 ? 0.3836 0.4017 0.4454 0.0017  0.0169  -0.0510 65 GLN A C   
447 O O   . GLN A 72 ? 0.3917 0.4058 0.4710 -0.0012 0.0318  -0.0545 65 GLN A O   
448 C CB  . GLN A 72 ? 0.3901 0.4107 0.4579 -0.0030 0.0148  -0.0582 65 GLN A CB  
449 C CG  . GLN A 72 ? 0.4324 0.4430 0.4923 -0.0056 0.0236  -0.0538 65 GLN A CG  
450 C CD  . GLN A 72 ? 0.4934 0.5134 0.5763 -0.0097 0.0216  -0.0676 65 GLN A CD  
451 O OE1 . GLN A 72 ? 0.4984 0.5334 0.5916 -0.0079 0.0066  -0.0787 65 GLN A OE1 
452 N NE2 . GLN A 72 ? 0.5134 0.5240 0.6037 -0.0141 0.0367  -0.0675 65 GLN A NE2 
453 N N   . HIS A 73 ? 0.3802 0.4063 0.4358 0.0060  0.0024  -0.0512 66 HIS A N   
454 C CA  . HIS A 73 ? 0.3955 0.4277 0.4650 0.0075  0.0017  -0.0557 66 HIS A CA  
455 C C   . HIS A 73 ? 0.3951 0.4167 0.4503 0.0090  0.0100  -0.0461 66 HIS A C   
456 O O   . HIS A 73 ? 0.4009 0.4258 0.4684 0.0096  0.0122  -0.0495 66 HIS A O   
457 C CB  . HIS A 73 ? 0.4253 0.4696 0.4946 0.0132  -0.0164 -0.0603 66 HIS A CB  
458 C CG  . HIS A 73 ? 0.4770 0.5358 0.5703 0.0137  -0.0245 -0.0758 66 HIS A CG  
459 N ND1 . HIS A 73 ? 0.4882 0.5582 0.6150 0.0122  -0.0220 -0.0895 66 HIS A ND1 
460 C CD2 . HIS A 73 ? 0.4989 0.5628 0.5884 0.0159  -0.0344 -0.0809 66 HIS A CD2 
461 C CE1 . HIS A 73 ? 0.4887 0.5724 0.6327 0.0140  -0.0320 -0.1039 66 HIS A CE1 
462 N NE2 . HIS A 73 ? 0.5006 0.5807 0.6212 0.0166  -0.0400 -0.0990 66 HIS A NE2 
463 N N   . ILE A 74 ? 0.3903 0.4003 0.4197 0.0107  0.0132  -0.0352 67 ILE A N   
464 C CA  . ILE A 74 ? 0.3943 0.3951 0.4087 0.0140  0.0194  -0.0282 67 ILE A CA  
465 C C   . ILE A 74 ? 0.3750 0.3606 0.3738 0.0158  0.0333  -0.0214 67 ILE A C   
466 O O   . ILE A 74 ? 0.3775 0.3542 0.3643 0.0201  0.0407  -0.0172 67 ILE A O   
467 C CB  . ILE A 74 ? 0.4212 0.4240 0.4190 0.0178  0.0074  -0.0237 67 ILE A CB  
468 C CG1 . ILE A 74 ? 0.4379 0.4373 0.4185 0.0186  0.0021  -0.0189 67 ILE A CG1 
469 C CG2 . ILE A 74 ? 0.4200 0.4334 0.4288 0.0187  -0.0037 -0.0285 67 ILE A CG2 
470 C CD1 . ILE A 74 ? 0.4613 0.4571 0.4259 0.0224  -0.0009 -0.0147 67 ILE A CD1 
471 N N   . GLY A 75 ? 0.3639 0.3456 0.3617 0.0139  0.0375  -0.0206 68 GLY A N   
472 C CA  . GLY A 75 ? 0.3734 0.3386 0.3541 0.0178  0.0514  -0.0133 68 GLY A CA  
473 C C   . GLY A 75 ? 0.3777 0.3382 0.3669 0.0141  0.0602  -0.0146 68 GLY A C   
474 O O   . GLY A 75 ? 0.3730 0.3444 0.3848 0.0077  0.0558  -0.0231 68 GLY A O   
475 N N   . GLU A 76 ? 0.3884 0.3326 0.3579 0.0196  0.0715  -0.0066 69 GLU A N   
476 C CA  . GLU A 76 ? 0.3923 0.3286 0.3679 0.0170  0.0829  -0.0064 69 GLU A CA  
477 C C   . GLU A 76 ? 0.3918 0.3328 0.3556 0.0173  0.0701  -0.0042 69 GLU A C   
478 O O   . GLU A 76 ? 0.3933 0.3300 0.3321 0.0248  0.0641  0.0027  69 GLU A O   
479 C CB  . GLU A 76 ? 0.4506 0.3629 0.4088 0.0247  0.1049  0.0023  69 GLU A CB  
480 C CG  . GLU A 76 ? 0.5480 0.4480 0.5096 0.0234  0.1197  0.0042  69 GLU A CG  
481 C CD  . GLU A 76 ? 0.6829 0.5550 0.6195 0.0345  0.1422  0.0154  69 GLU A CD  
482 O OE1 . GLU A 76 ? 0.7117 0.5737 0.6257 0.0442  0.1458  0.0214  69 GLU A OE1 
483 O OE2 . GLU A 76 ? 0.7274 0.5864 0.6649 0.0347  0.1565  0.0183  69 GLU A OE2 
484 N N   . VAL A 77 ? 0.3874 0.3374 0.3705 0.0099  0.0663  -0.0113 70 VAL A N   
485 C CA  . VAL A 77 ? 0.3940 0.3461 0.3675 0.0097  0.0576  -0.0093 70 VAL A CA  
486 C C   . VAL A 77 ? 0.4077 0.3444 0.3790 0.0107  0.0749  -0.0055 70 VAL A C   
487 O O   . VAL A 77 ? 0.4205 0.3538 0.4139 0.0055  0.0890  -0.0112 70 VAL A O   
488 C CB  . VAL A 77 ? 0.3973 0.3656 0.3888 0.0029  0.0446  -0.0191 70 VAL A CB  
489 C CG1 . VAL A 77 ? 0.4098 0.3773 0.3928 0.0021  0.0400  -0.0173 70 VAL A CG1 
490 C CG2 . VAL A 77 ? 0.3980 0.3781 0.3873 0.0040  0.0288  -0.0211 70 VAL A CG2 
491 N N   . VAL A 78 ? 0.3971 0.3239 0.3433 0.0183  0.0750  0.0035  71 VAL A N   
492 C CA  . VAL A 78 ? 0.4092 0.3189 0.3488 0.0217  0.0913  0.0089  71 VAL A CA  
493 C C   . VAL A 78 ? 0.3961 0.3127 0.3508 0.0138  0.0879  0.0033  71 VAL A C   
494 O O   . VAL A 78 ? 0.4002 0.3099 0.3720 0.0091  0.1031  -0.0001 71 VAL A O   
495 C CB  . VAL A 78 ? 0.4455 0.3430 0.3509 0.0355  0.0907  0.0196  71 VAL A CB  
496 C CG1 . VAL A 78 ? 0.4684 0.3480 0.3638 0.0407  0.1055  0.0260  71 VAL A CG1 
497 C CG2 . VAL A 78 ? 0.4570 0.3448 0.3464 0.0445  0.0970  0.0242  71 VAL A CG2 
498 N N   . THR A 79 ? 0.3743 0.3038 0.3240 0.0125  0.0695  0.0017  72 THR A N   
499 C CA  . THR A 79 ? 0.3683 0.3040 0.3297 0.0058  0.0656  -0.0039 72 THR A CA  
500 C C   . THR A 79 ? 0.3461 0.2957 0.3028 0.0042  0.0458  -0.0065 72 THR A C   
501 O O   . THR A 79 ? 0.3527 0.3064 0.2986 0.0080  0.0363  -0.0038 72 THR A O   
502 C CB  . THR A 79 ? 0.4180 0.3388 0.3702 0.0093  0.0777  0.0023  72 THR A CB  
503 O OG1 . THR A 79 ? 0.4417 0.3676 0.4126 0.0010  0.0787  -0.0057 72 THR A OG1 
504 C CG2 . THR A 79 ? 0.4360 0.3546 0.3634 0.0177  0.0684  0.0102  72 THR A CG2 
505 N N   . SER A 80 ? 0.3260 0.2815 0.2916 -0.0010 0.0413  -0.0123 73 SER A N   
506 C CA  . SER A 80 ? 0.3237 0.2883 0.2831 -0.0017 0.0263  -0.0142 73 SER A CA  
507 C C   . SER A 80 ? 0.3313 0.2942 0.2919 -0.0046 0.0272  -0.0164 73 SER A C   
508 O O   . SER A 80 ? 0.3509 0.3097 0.3237 -0.0079 0.0377  -0.0200 73 SER A O   
509 C CB  . SER A 80 ? 0.3371 0.3133 0.3071 -0.0039 0.0169  -0.0224 73 SER A CB  
510 O OG  . SER A 80 ? 0.3599 0.3416 0.3510 -0.0087 0.0203  -0.0333 73 SER A OG  
511 N N   . LEU A 81 ? 0.3040 0.2686 0.2532 -0.0034 0.0183  -0.0143 74 LEU A N   
512 C CA  . LEU A 81 ? 0.2965 0.2586 0.2445 -0.0055 0.0194  -0.0155 74 LEU A CA  
513 C C   . LEU A 81 ? 0.2941 0.2588 0.2316 -0.0046 0.0096  -0.0153 74 LEU A C   
514 O O   . LEU A 81 ? 0.2924 0.2574 0.2217 -0.0014 0.0050  -0.0109 74 LEU A O   
515 C CB  . LEU A 81 ? 0.3037 0.2558 0.2439 -0.0021 0.0277  -0.0076 74 LEU A CB  
516 C CG  . LEU A 81 ? 0.3437 0.2918 0.2814 -0.0032 0.0296  -0.0072 74 LEU A CG  
517 C CD1 . LEU A 81 ? 0.3553 0.3029 0.3066 -0.0090 0.0361  -0.0144 74 LEU A CD1 
518 C CD2 . LEU A 81 ? 0.3641 0.3034 0.2927 0.0031  0.0353  0.0006  74 LEU A CD2 
519 N N   . VAL A 82 ? 0.2860 0.2510 0.2239 -0.0069 0.0082  -0.0203 75 VAL A N   
520 C CA  . VAL A 82 ? 0.2944 0.2571 0.2198 -0.0053 0.0031  -0.0188 75 VAL A CA  
521 C C   . VAL A 82 ? 0.3040 0.2607 0.2287 -0.0073 0.0091  -0.0177 75 VAL A C   
522 O O   . VAL A 82 ? 0.3058 0.2629 0.2389 -0.0104 0.0129  -0.0233 75 VAL A O   
523 C CB  . VAL A 82 ? 0.3088 0.2754 0.2296 -0.0034 -0.0049 -0.0259 75 VAL A CB  
524 C CG1 . VAL A 82 ? 0.3303 0.2893 0.2347 -0.0007 -0.0058 -0.0230 75 VAL A CG1 
525 C CG2 . VAL A 82 ? 0.3107 0.2829 0.2314 -0.0001 -0.0114 -0.0266 75 VAL A CG2 
526 N N   . ILE A 83 ? 0.3007 0.2525 0.2185 -0.0057 0.0103  -0.0120 76 ILE A N   
527 C CA  . ILE A 83 ? 0.3181 0.2644 0.2358 -0.0073 0.0157  -0.0113 76 ILE A CA  
528 C C   . ILE A 83 ? 0.3297 0.2720 0.2375 -0.0068 0.0136  -0.0121 76 ILE A C   
529 O O   . ILE A 83 ? 0.3321 0.2723 0.2362 -0.0048 0.0130  -0.0086 76 ILE A O   
530 C CB  . ILE A 83 ? 0.3313 0.2752 0.2508 -0.0045 0.0192  -0.0059 76 ILE A CB  
531 C CG1 . ILE A 83 ? 0.3423 0.2863 0.2651 -0.0020 0.0226  -0.0035 76 ILE A CG1 
532 C CG2 . ILE A 83 ? 0.3359 0.2745 0.2568 -0.0058 0.0247  -0.0059 76 ILE A CG2 
533 C CD1 . ILE A 83 ? 0.3509 0.2920 0.2704 0.0049  0.0240  0.0016  76 ILE A CD1 
534 N N   . ALA A 84 ? 0.3401 0.2807 0.2439 -0.0078 0.0136  -0.0173 77 ALA A N   
535 C CA  . ALA A 84 ? 0.3569 0.2905 0.2459 -0.0053 0.0129  -0.0175 77 ALA A CA  
536 C C   . ALA A 84 ? 0.3671 0.2921 0.2542 -0.0058 0.0201  -0.0126 77 ALA A C   
537 O O   . ALA A 84 ? 0.3829 0.3006 0.2611 -0.0031 0.0223  -0.0096 77 ALA A O   
538 C CB  . ALA A 84 ? 0.3683 0.3018 0.2517 -0.0046 0.0108  -0.0256 77 ALA A CB  
539 N N   . ARG A 85 ? 0.3597 0.2847 0.2568 -0.0087 0.0250  -0.0121 78 ARG A N   
540 C CA  . ARG A 85 ? 0.3767 0.2958 0.2770 -0.0094 0.0316  -0.0096 78 ARG A CA  
541 C C   . ARG A 85 ? 0.3692 0.2936 0.2830 -0.0092 0.0320  -0.0079 78 ARG A C   
542 O O   . ARG A 85 ? 0.3606 0.2842 0.2787 -0.0104 0.0355  -0.0085 78 ARG A O   
543 C CB  . ARG A 85 ? 0.4174 0.3290 0.3119 -0.0110 0.0370  -0.0123 78 ARG A CB  
544 C CG  . ARG A 85 ? 0.5012 0.4055 0.3768 -0.0080 0.0361  -0.0145 78 ARG A CG  
545 C CD  . ARG A 85 ? 0.5603 0.4524 0.4272 -0.0056 0.0435  -0.0104 78 ARG A CD  
546 N NE  . ARG A 85 ? 0.6189 0.5010 0.4615 0.0007  0.0430  -0.0106 78 ARG A NE  
547 C CZ  . ARG A 85 ? 0.6410 0.5221 0.4735 0.0057  0.0387  -0.0084 78 ARG A CZ  
548 N NH1 . ARG A 85 ? 0.6244 0.5148 0.4707 0.0038  0.0347  -0.0065 78 ARG A NH1 
549 N NH2 . ARG A 85 ? 0.6445 0.5144 0.4511 0.0143  0.0384  -0.0083 78 ARG A NH2 
550 N N   . PRO A 86 ? 0.3636 0.2934 0.2827 -0.0065 0.0283  -0.0062 79 PRO A N   
551 C CA  . PRO A 86 ? 0.3665 0.3005 0.2934 -0.0028 0.0273  -0.0048 79 PRO A CA  
552 C C   . PRO A 86 ? 0.3667 0.2988 0.3016 -0.0018 0.0312  -0.0059 79 PRO A C   
553 O O   . PRO A 86 ? 0.3676 0.2971 0.3070 -0.0038 0.0343  -0.0082 79 PRO A O   
554 C CB  . PRO A 86 ? 0.3827 0.3231 0.3127 0.0008  0.0214  -0.0050 79 PRO A CB  
555 C CG  . PRO A 86 ? 0.3946 0.3335 0.3188 -0.0019 0.0202  -0.0052 79 PRO A CG  
556 C CD  . PRO A 86 ? 0.3690 0.2999 0.2862 -0.0053 0.0253  -0.0058 79 PRO A CD  
557 N N   . HIS A 87 ? 0.3603 0.2923 0.2972 0.0022  0.0325  -0.0043 80 HIS A N   
558 C CA  . HIS A 87 ? 0.3716 0.3030 0.3171 0.0050  0.0350  -0.0059 80 HIS A CA  
559 C C   . HIS A 87 ? 0.3863 0.3254 0.3436 0.0091  0.0295  -0.0106 80 HIS A C   
560 O O   . HIS A 87 ? 0.3852 0.3306 0.3418 0.0134  0.0228  -0.0112 80 HIS A O   
561 C CB  . HIS A 87 ? 0.3807 0.3095 0.3232 0.0118  0.0366  -0.0022 80 HIS A CB  
562 C CG  . HIS A 87 ? 0.4236 0.3500 0.3734 0.0142  0.0404  -0.0035 80 HIS A CG  
563 N ND1 . HIS A 87 ? 0.4455 0.3784 0.4051 0.0221  0.0350  -0.0073 80 HIS A ND1 
564 C CD2 . HIS A 87 ? 0.4412 0.3600 0.3914 0.0098  0.0486  -0.0027 80 HIS A CD2 
565 C CE1 . HIS A 87 ? 0.4471 0.3762 0.4126 0.0224  0.0403  -0.0079 80 HIS A CE1 
566 N NE2 . HIS A 87 ? 0.4557 0.3755 0.4152 0.0149  0.0490  -0.0046 80 HIS A NE2 
567 N N   . ASN A 88 ? 0.4041 0.3436 0.3749 0.0078  0.0328  -0.0153 81 ASN A N   
568 C CA  . ASN A 88 ? 0.4268 0.3751 0.4160 0.0110  0.0288  -0.0231 81 ASN A CA  
569 C C   . ASN A 88 ? 0.4497 0.4085 0.4414 0.0225  0.0179  -0.0261 81 ASN A C   
570 O O   . ASN A 88 ? 0.4504 0.4183 0.4513 0.0255  0.0114  -0.0322 81 ASN A O   
571 C CB  . ASN A 88 ? 0.4444 0.3914 0.4512 0.0085  0.0354  -0.0288 81 ASN A CB  
572 C CG  . ASN A 88 ? 0.5109 0.4464 0.5158 -0.0009 0.0471  -0.0276 81 ASN A CG  
573 O OD1 . ASN A 88 ? 0.5388 0.4695 0.5340 -0.0045 0.0490  -0.0249 81 ASN A OD1 
574 N ND2 . ASN A 88 ? 0.5258 0.4554 0.5383 -0.0037 0.0556  -0.0294 81 ASN A ND2 
575 N N   . ASP A 89 ? 0.4672 0.4235 0.4487 0.0302  0.0166  -0.0215 82 ASP A N   
576 C CA  . ASP A 89 ? 0.4917 0.4547 0.4690 0.0448  0.0069  -0.0232 82 ASP A CA  
577 C C   . ASP A 89 ? 0.5058 0.4699 0.4690 0.0482  0.0019  -0.0199 82 ASP A C   
578 O O   . ASP A 89 ? 0.5211 0.4931 0.4829 0.0600  -0.0079 -0.0244 82 ASP A O   
579 C CB  . ASP A 89 ? 0.5457 0.5012 0.5121 0.0536  0.0099  -0.0174 82 ASP A CB  
580 C CG  . ASP A 89 ? 0.6451 0.5991 0.6260 0.0501  0.0153  -0.0207 82 ASP A CG  
581 O OD1 . ASP A 89 ? 0.6550 0.6166 0.6574 0.0444  0.0147  -0.0297 82 ASP A OD1 
582 O OD2 . ASP A 89 ? 0.6906 0.6350 0.6628 0.0530  0.0217  -0.0144 82 ASP A OD2 
583 N N   . ILE A 90 ? 0.4992 0.4566 0.4531 0.0384  0.0077  -0.0138 83 ILE A N   
584 C CA  . ILE A 90 ? 0.5024 0.4607 0.4452 0.0403  0.0041  -0.0109 83 ILE A CA  
585 C C   . ILE A 90 ? 0.4904 0.4596 0.4457 0.0395  -0.0033 -0.0192 83 ILE A C   
586 O O   . ILE A 90 ? 0.4910 0.4643 0.4398 0.0453  -0.0093 -0.0198 83 ILE A O   
587 C CB  . ILE A 90 ? 0.5209 0.4702 0.4538 0.0308  0.0122  -0.0038 83 ILE A CB  
588 C CG1 . ILE A 90 ? 0.5410 0.4811 0.4600 0.0368  0.0180  0.0034  83 ILE A CG1 
589 C CG2 . ILE A 90 ? 0.5279 0.4803 0.4600 0.0250  0.0097  -0.0044 83 ILE A CG2 
590 C CD1 . ILE A 90 ? 0.5602 0.4947 0.4774 0.0445  0.0213  0.0052  83 ILE A CD1 
591 N N   . ASN A 91 ? 0.4749 0.4482 0.4495 0.0332  -0.0017 -0.0264 84 ASN A N   
592 C CA  . ASN A 91 ? 0.4663 0.4489 0.4584 0.0320  -0.0059 -0.0359 84 ASN A CA  
593 C C   . ASN A 91 ? 0.4551 0.4507 0.4534 0.0456  -0.0184 -0.0451 84 ASN A C   
594 O O   . ASN A 91 ? 0.4509 0.4540 0.4547 0.0474  -0.0242 -0.0510 84 ASN A O   
595 C CB  . ASN A 91 ? 0.4792 0.4608 0.4925 0.0241  0.0018  -0.0421 84 ASN A CB  
596 C CG  . ASN A 91 ? 0.5320 0.5191 0.5650 0.0204  0.0025  -0.0511 84 ASN A CG  
597 O OD1 . ASN A 91 ? 0.5591 0.5414 0.5840 0.0158  0.0052  -0.0467 84 ASN A OD1 
598 N ND2 . ASN A 91 ? 0.5264 0.5239 0.5879 0.0228  0.0005  -0.0648 84 ASN A ND2 
599 N N   . LYS A 92 ? 0.4523 0.4497 0.4468 0.0566  -0.0229 -0.0461 85 LYS A N   
600 C CA  . LYS A 92 ? 0.4539 0.4626 0.4485 0.0737  -0.0364 -0.0549 85 LYS A CA  
601 C C   . LYS A 92 ? 0.4691 0.4754 0.4393 0.0822  -0.0415 -0.0494 85 LYS A C   
602 O O   . LYS A 92 ? 0.4797 0.4972 0.4521 0.0943  -0.0535 -0.0595 85 LYS A O   
603 C CB  . LYS A 92 ? 0.4739 0.4813 0.4634 0.0856  -0.0389 -0.0544 85 LYS A CB  
604 N N   . ILE A 93 ? 0.4710 0.4634 0.4201 0.0765  -0.0324 -0.0353 86 ILE A N   
605 C CA  . ILE A 93 ? 0.4800 0.4680 0.4078 0.0828  -0.0339 -0.0295 86 ILE A CA  
606 C C   . ILE A 93 ? 0.4623 0.4552 0.4002 0.0716  -0.0341 -0.0325 86 ILE A C   
607 O O   . ILE A 93 ? 0.4627 0.4602 0.3950 0.0780  -0.0405 -0.0359 86 ILE A O   
608 C CB  . ILE A 93 ? 0.5171 0.4876 0.4226 0.0812  -0.0219 -0.0145 86 ILE A CB  
609 C CG1 . ILE A 93 ? 0.5498 0.5117 0.4413 0.0946  -0.0197 -0.0096 86 ILE A CG1 
610 C CG2 . ILE A 93 ? 0.5292 0.4941 0.4178 0.0834  -0.0201 -0.0088 86 ILE A CG2 
611 C CD1 . ILE A 93 ? 0.5869 0.5301 0.4609 0.0924  -0.0046 0.0040  86 ILE A CD1 
612 N N   . VAL A 94 ? 0.4495 0.4392 0.3987 0.0561  -0.0260 -0.0302 87 VAL A N   
613 C CA  . VAL A 94 ? 0.4494 0.4404 0.4048 0.0465  -0.0242 -0.0310 87 VAL A CA  
614 C C   . VAL A 94 ? 0.4401 0.4438 0.4158 0.0486  -0.0315 -0.0444 87 VAL A C   
615 O O   . VAL A 94 ? 0.4407 0.4473 0.4148 0.0488  -0.0344 -0.0460 87 VAL A O   
616 C CB  . VAL A 94 ? 0.4601 0.4427 0.4186 0.0331  -0.0142 -0.0257 87 VAL A CB  
617 C CG1 . VAL A 94 ? 0.4609 0.4436 0.4266 0.0253  -0.0119 -0.0273 87 VAL A CG1 
618 C CG2 . VAL A 94 ? 0.4745 0.4470 0.4153 0.0309  -0.0084 -0.0152 87 VAL A CG2 
619 N N   . ILE A 95 ? 0.4283 0.4402 0.4254 0.0506  -0.0343 -0.0555 88 ILE A N   
620 C CA  . ILE A 95 ? 0.4249 0.4505 0.4479 0.0521  -0.0404 -0.0716 88 ILE A CA  
621 C C   . ILE A 95 ? 0.4308 0.4671 0.4463 0.0668  -0.0544 -0.0792 88 ILE A C   
622 O O   . ILE A 95 ? 0.4330 0.4800 0.4666 0.0671  -0.0595 -0.0917 88 ILE A O   
623 C CB  . ILE A 95 ? 0.4246 0.4579 0.4785 0.0501  -0.0392 -0.0844 88 ILE A CB  
624 C CG1 . ILE A 95 ? 0.4404 0.4802 0.4911 0.0635  -0.0484 -0.0885 88 ILE A CG1 
625 C CG2 . ILE A 95 ? 0.4355 0.4558 0.4952 0.0358  -0.0234 -0.0771 88 ILE A CG2 
626 C CD1 . ILE A 95 ? 0.4512 0.5037 0.5363 0.0648  -0.0513 -0.1056 88 ILE A CD1 
627 N N   . LYS A 96 ? 0.4318 0.4635 0.4197 0.0795  -0.0593 -0.0716 89 LYS A N   
628 C CA  . LYS A 96 ? 0.4468 0.4846 0.4196 0.0959  -0.0713 -0.0768 89 LYS A CA  
629 C C   . LYS A 96 ? 0.4663 0.5002 0.4288 0.0911  -0.0687 -0.0718 89 LYS A C   
630 O O   . LYS A 96 ? 0.4778 0.5189 0.4346 0.1020  -0.0782 -0.0795 89 LYS A O   
631 C CB  . LYS A 96 ? 0.4823 0.5102 0.4231 0.1114  -0.0726 -0.0667 89 LYS A CB  
632 C CG  . LYS A 96 ? 0.5332 0.5655 0.4812 0.1202  -0.0773 -0.0723 89 LYS A CG  
633 C CD  . LYS A 96 ? 0.6016 0.6213 0.5146 0.1383  -0.0775 -0.0616 89 LYS A CD  
634 C CE  . LYS A 96 ? 0.6457 0.6685 0.5659 0.1467  -0.0812 -0.0659 89 LYS A CE  
635 N NZ  . LYS A 96 ? 0.6569 0.7025 0.6037 0.1563  -0.0982 -0.0885 89 LYS A NZ  
636 N N   . HIS A 97 ? 0.4690 0.4918 0.4279 0.0764  -0.0566 -0.0594 90 HIS A N   
637 C CA  . HIS A 97 ? 0.4866 0.5055 0.4367 0.0718  -0.0538 -0.0544 90 HIS A CA  
638 C C   . HIS A 97 ? 0.4924 0.5140 0.4657 0.0577  -0.0487 -0.0586 90 HIS A C   
639 O O   . HIS A 97 ? 0.4891 0.5050 0.4559 0.0513  -0.0439 -0.0518 90 HIS A O   
640 C CB  . HIS A 97 ? 0.5140 0.5178 0.4403 0.0689  -0.0444 -0.0377 90 HIS A CB  
641 C CG  . HIS A 97 ? 0.5550 0.5507 0.4605 0.0803  -0.0434 -0.0312 90 HIS A CG  
642 N ND1 . HIS A 97 ? 0.5845 0.5813 0.4730 0.0984  -0.0510 -0.0343 90 HIS A ND1 
643 C CD2 . HIS A 97 ? 0.5765 0.5624 0.4761 0.0771  -0.0351 -0.0223 90 HIS A CD2 
644 C CE1 . HIS A 97 ? 0.5997 0.5850 0.4707 0.1060  -0.0457 -0.0256 90 HIS A CE1 
645 N NE2 . HIS A 97 ? 0.5994 0.5785 0.4784 0.0928  -0.0359 -0.0187 90 HIS A NE2 
646 N N   . LYS A 98 ? 0.4940 0.5232 0.4946 0.0537  -0.0487 -0.0700 91 LYS A N   
647 C CA  . LYS A 98 ? 0.5062 0.5339 0.5286 0.0416  -0.0404 -0.0736 91 LYS A CA  
648 C C   . LYS A 98 ? 0.5190 0.5514 0.5476 0.0414  -0.0427 -0.0795 91 LYS A C   
649 O O   . LYS A 98 ? 0.5316 0.5552 0.5589 0.0328  -0.0341 -0.0726 91 LYS A O   
650 C CB  . LYS A 98 ? 0.5171 0.5514 0.5706 0.0387  -0.0379 -0.0867 91 LYS A CB  
# 
loop_
_pdbx_poly_seq_scheme.asym_id 
_pdbx_poly_seq_scheme.entity_id 
_pdbx_poly_seq_scheme.seq_id 
_pdbx_poly_seq_scheme.mon_id 
_pdbx_poly_seq_scheme.ndb_seq_num 
_pdbx_poly_seq_scheme.pdb_seq_num 
_pdbx_poly_seq_scheme.auth_seq_num 
_pdbx_poly_seq_scheme.pdb_mon_id 
_pdbx_poly_seq_scheme.auth_mon_id 
_pdbx_poly_seq_scheme.pdb_strand_id 
_pdbx_poly_seq_scheme.pdb_ins_code 
_pdbx_poly_seq_scheme.hetero 
A 1 1  MET 1  -6 ?  ?   ?   A . n 
A 1 2  HIS 2  -5 -5 HIS HIS A . n 
A 1 3  HIS 3  -4 -4 HIS HIS A . n 
A 1 4  HIS 4  -3 -3 HIS HIS A . n 
A 1 5  HIS 5  -2 -2 HIS HIS A . n 
A 1 6  HIS 6  -1 ?  ?   ?   A . n 
A 1 7  HIS 7  0  ?  ?   ?   A . n 
A 1 8  MET 8  1  ?  ?   ?   A . n 
A 1 9  GLY 9  2  ?  ?   ?   A . n 
A 1 10 ASP 10 3  3  ASP ASP A . n 
A 1 11 ALA 11 4  4  ALA ALA A . n 
A 1 12 LEU 12 5  5  LEU LEU A . n 
A 1 13 GLY 13 6  6  GLY GLY A . n 
A 1 14 LEU 14 7  7  LEU LEU A . n 
A 1 15 ILE 15 8  8  ILE ILE A . n 
A 1 16 GLU 16 9  9  GLU GLU A . n 
A 1 17 THR 17 10 10 THR THR A . n 
A 1 18 LYS 18 11 11 LYS LYS A . n 
A 1 19 GLY 19 12 12 GLY GLY A . n 
A 1 20 LEU 20 13 13 LEU LEU A . n 
A 1 21 VAL 21 14 14 VAL VAL A . n 
A 1 22 ALA 22 15 15 ALA ALA A . n 
A 1 23 CYS 23 16 16 CYS CYS A . n 
A 1 24 ILE 24 17 17 ILE ILE A . n 
A 1 25 ALA 25 18 18 ALA ALA A . n 
A 1 26 ALA 26 19 19 ALA ALA A . n 
A 1 27 ALA 27 20 20 ALA ALA A . n 
A 1 28 ASP 28 21 21 ASP ASP A . n 
A 1 29 ALA 29 22 22 ALA ALA A . n 
A 1 30 MET 30 23 23 MET MET A . n 
A 1 31 CYS 31 24 24 CYS CYS A . n 
A 1 32 ALA 32 25 25 ALA ALA A . n 
A 1 33 SER 33 26 26 SER SER A . n 
A 1 34 ALA 34 27 27 ALA ALA A . n 
A 1 35 ASN 35 28 28 ASN ASN A . n 
A 1 36 VAL 36 29 29 VAL VAL A . n 
A 1 37 GLU 37 30 30 GLU GLU A . n 
A 1 38 LEU 38 31 31 LEU LEU A . n 
A 1 39 ILE 39 32 32 ILE ILE A . n 
A 1 40 GLY 40 33 33 GLY GLY A . n 
A 1 41 TYR 41 34 34 TYR TYR A . n 
A 1 42 GLU 42 35 35 GLU GLU A . n 
A 1 43 ASN 43 36 36 ASN ASN A . n 
A 1 44 ILE 44 37 37 ILE ILE A . n 
A 1 45 GLY 45 38 38 GLY GLY A . n 
A 1 46 SER 46 39 39 SER SER A . n 
A 1 47 GLY 47 40 40 GLY GLY A . n 
A 1 48 LEU 48 41 41 LEU LEU A . n 
A 1 49 VAL 49 42 42 VAL VAL A . n 
A 1 50 THR 50 43 43 THR THR A . n 
A 1 51 VAL 51 44 44 VAL VAL A . n 
A 1 52 MET 52 45 45 MET MET A . n 
A 1 53 VAL 53 46 46 VAL VAL A . n 
A 1 54 LYS 54 47 47 LYS LYS A . n 
A 1 55 GLY 55 48 48 GLY GLY A . n 
A 1 56 ASP 56 49 49 ASP ASP A . n 
A 1 57 VAL 57 50 50 VAL VAL A . n 
A 1 58 GLY 58 51 51 GLY GLY A . n 
A 1 59 ALA 59 52 52 ALA ALA A . n 
A 1 60 VAL 60 53 53 VAL VAL A . n 
A 1 61 LYS 61 54 54 LYS LYS A . n 
A 1 62 ALA 62 55 55 ALA ALA A . n 
A 1 63 SER 63 56 56 SER SER A . n 
A 1 64 VAL 64 57 57 VAL VAL A . n 
A 1 65 ASP 65 58 58 ASP ASP A . n 
A 1 66 SER 66 59 59 SER SER A . n 
A 1 67 GLY 67 60 60 GLY GLY A . n 
A 1 68 LEU 68 61 61 LEU LEU A . n 
A 1 69 GLU 69 62 62 GLU GLU A . n 
A 1 70 SER 70 63 63 SER SER A . n 
A 1 71 ALA 71 64 64 ALA ALA A . n 
A 1 72 GLN 72 65 65 GLN GLN A . n 
A 1 73 HIS 73 66 66 HIS HIS A . n 
A 1 74 ILE 74 67 67 ILE ILE A . n 
A 1 75 GLY 75 68 68 GLY GLY A . n 
A 1 76 GLU 76 69 69 GLU GLU A . n 
A 1 77 VAL 77 70 70 VAL VAL A . n 
A 1 78 VAL 78 71 71 VAL VAL A . n 
A 1 79 THR 79 72 72 THR THR A . n 
A 1 80 SER 80 73 73 SER SER A . n 
A 1 81 LEU 81 74 74 LEU LEU A . n 
A 1 82 VAL 82 75 75 VAL VAL A . n 
A 1 83 ILE 83 76 76 ILE ILE A . n 
A 1 84 ALA 84 77 77 ALA ALA A . n 
A 1 85 ARG 85 78 78 ARG ARG A . n 
A 1 86 PRO 86 79 79 PRO PRO A . n 
A 1 87 HIS 87 80 80 HIS HIS A . n 
A 1 88 ASN 88 81 81 ASN ASN A . n 
A 1 89 ASP 89 82 82 ASP ASP A . n 
A 1 90 ILE 90 83 83 ILE ILE A . n 
A 1 91 ASN 91 84 84 ASN ASN A . n 
A 1 92 LYS 92 85 85 LYS LYS A . n 
A 1 93 ILE 93 86 86 ILE ILE A . n 
A 1 94 VAL 94 87 87 VAL VAL A . n 
A 1 95 ILE 95 88 88 ILE ILE A . n 
A 1 96 LYS 96 89 89 LYS LYS A . n 
A 1 97 HIS 97 90 90 HIS HIS A . n 
A 1 98 LYS 98 91 91 LYS LYS A . n 
A 1 99 ALA 99 92 ?  ?   ?   A . n 
# 
loop_
_pdbx_nonpoly_scheme.asym_id 
_pdbx_nonpoly_scheme.entity_id 
_pdbx_nonpoly_scheme.mon_id 
_pdbx_nonpoly_scheme.ndb_seq_num 
_pdbx_nonpoly_scheme.pdb_seq_num 
_pdbx_nonpoly_scheme.auth_seq_num 
_pdbx_nonpoly_scheme.pdb_mon_id 
_pdbx_nonpoly_scheme.auth_mon_id 
_pdbx_nonpoly_scheme.pdb_strand_id 
_pdbx_nonpoly_scheme.pdb_ins_code 
B 2 HOH 1  101 14 HOH HOH A . 
B 2 HOH 2  102 20 HOH HOH A . 
B 2 HOH 3  103 23 HOH HOH A . 
B 2 HOH 4  104 1  HOH HOH A . 
B 2 HOH 5  105 8  HOH HOH A . 
B 2 HOH 6  106 7  HOH HOH A . 
B 2 HOH 7  107 18 HOH HOH A . 
B 2 HOH 8  108 5  HOH HOH A . 
B 2 HOH 9  109 4  HOH HOH A . 
B 2 HOH 10 110 9  HOH HOH A . 
B 2 HOH 11 111 10 HOH HOH A . 
B 2 HOH 12 112 6  HOH HOH A . 
B 2 HOH 13 113 15 HOH HOH A . 
B 2 HOH 14 114 25 HOH HOH A . 
B 2 HOH 15 115 22 HOH HOH A . 
B 2 HOH 16 116 21 HOH HOH A . 
B 2 HOH 17 117 3  HOH HOH A . 
B 2 HOH 18 118 27 HOH HOH A . 
B 2 HOH 19 119 13 HOH HOH A . 
B 2 HOH 20 120 19 HOH HOH A . 
B 2 HOH 21 121 26 HOH HOH A . 
B 2 HOH 22 122 12 HOH HOH A . 
B 2 HOH 23 123 16 HOH HOH A . 
B 2 HOH 24 124 11 HOH HOH A . 
B 2 HOH 25 125 17 HOH HOH A . 
B 2 HOH 26 126 24 HOH HOH A . 
B 2 HOH 27 127 2  HOH HOH A . 
# 
_pdbx_struct_assembly.id                   1 
_pdbx_struct_assembly.details              author_and_software_defined_assembly 
_pdbx_struct_assembly.method_details       PISA 
_pdbx_struct_assembly.oligomeric_details   hexameric 
_pdbx_struct_assembly.oligomeric_count     6 
# 
_pdbx_struct_assembly_gen.assembly_id       1 
_pdbx_struct_assembly_gen.oper_expression   1,2,3,4,5,6 
_pdbx_struct_assembly_gen.asym_id_list      A,B 
# 
loop_
_pdbx_struct_assembly_prop.biol_id 
_pdbx_struct_assembly_prop.type 
_pdbx_struct_assembly_prop.value 
_pdbx_struct_assembly_prop.details 
1 'ABSA (A^2)' 9460  ? 
1 MORE         -97   ? 
1 'SSA (A^2)'  24220 ? 
# 
loop_
_pdbx_struct_oper_list.id 
_pdbx_struct_oper_list.type 
_pdbx_struct_oper_list.name 
_pdbx_struct_oper_list.symmetry_operation 
_pdbx_struct_oper_list.matrix[1][1] 
_pdbx_struct_oper_list.matrix[1][2] 
_pdbx_struct_oper_list.matrix[1][3] 
_pdbx_struct_oper_list.vector[1] 
_pdbx_struct_oper_list.matrix[2][1] 
_pdbx_struct_oper_list.matrix[2][2] 
_pdbx_struct_oper_list.matrix[2][3] 
_pdbx_struct_oper_list.vector[2] 
_pdbx_struct_oper_list.matrix[3][1] 
_pdbx_struct_oper_list.matrix[3][2] 
_pdbx_struct_oper_list.matrix[3][3] 
_pdbx_struct_oper_list.vector[3] 
1 'identity operation'         1_555 x,y,z     1.0000000000 0.0000000000 0.0000000000  0.0000000000   0.0000000000 1.0000000000  0.0000000000  0.0000000000   0.0000000000  0.0000000000  1.0000000000  0.0000000000   
2 'crystal symmetry operation' 2_555 -y,x-y,z  0.6843857733 0.5921749997 -0.4253761665 -11.6804752989 0.6292885552 -0.1850744813 0.7548134542  21.2625197856  0.3682553837  -0.7842679428 -0.4993112920 -29.7087058887 
3 'crystal symmetry operation' 3_555 -x+y,-x,z 0.6843857733 0.6292885552 0.3682553837  5.5540816509   0.5921749997 -0.1850744813 -0.7842679428 -12.4475503728 -0.4253761665 0.7548134542  -0.4993112920 -35.8517241308 
4 'crystal symmetry operation' 4_555 -x,-y,z   0.5791810311 0.8143090366 -0.0380805218 -4.0842624320  0.8143090366 -0.5800993084 -0.0196363257 5.8766462752   -0.0380805218 -0.0196363257 -0.9990817227 -43.7069533463 
5 'crystal symmetry operation' 5_555 y,-x+y,z  0.8947952578 0.2221340369 0.3872956446  7.5962128669   0.1850204814 0.6049751729  -0.7744497799 -15.3858735104 -0.4063359055 0.7646316171  0.5002295693  -13.9982474576 
6 'crystal symmetry operation' 6_555 x-y,x,z   0.8947952578 0.1850204814 -0.4063359055 -9.6383440829  0.2221340369 0.6049751729  0.7646316171  18.3241966480  0.3872956446  -0.7744497799 0.5002295693  -7.8552292155 
# 
loop_
_pdbx_audit_revision_history.ordinal 
_pdbx_audit_revision_history.data_content_type 
_pdbx_audit_revision_history.major_revision 
_pdbx_audit_revision_history.minor_revision 
_pdbx_audit_revision_history.revision_date 
1 'Structure model' 1 0 2021-09-08 
2 'Structure model' 1 1 2023-10-18 
# 
_pdbx_audit_revision_details.ordinal             1 
_pdbx_audit_revision_details.revision_ordinal    1 
_pdbx_audit_revision_details.data_content_type   'Structure model' 
_pdbx_audit_revision_details.provider            repository 
_pdbx_audit_revision_details.type                'Initial release' 
_pdbx_audit_revision_details.description         ? 
_pdbx_audit_revision_details.details             ? 
# 
loop_
_pdbx_audit_revision_group.ordinal 
_pdbx_audit_revision_group.revision_ordinal 
_pdbx_audit_revision_group.data_content_type 
_pdbx_audit_revision_group.group 
1 2 'Structure model' 'Data collection'        
2 2 'Structure model' 'Refinement description' 
# 
loop_
_pdbx_audit_revision_category.ordinal 
_pdbx_audit_revision_category.revision_ordinal 
_pdbx_audit_revision_category.data_content_type 
_pdbx_audit_revision_category.category 
1 2 'Structure model' chem_comp_atom                
2 2 'Structure model' chem_comp_bond                
3 2 'Structure model' pdbx_initial_refinement_model 
# 
_pdbx_refine_tls.id               1 
_pdbx_refine_tls.pdbx_refine_id   'X-RAY DIFFRACTION' 
_pdbx_refine_tls.details          ? 
_pdbx_refine_tls.method           refined 
_pdbx_refine_tls.origin_x         -0.7795 
_pdbx_refine_tls.origin_y         0.5027 
_pdbx_refine_tls.origin_z         0.0127 
_pdbx_refine_tls.T[1][1]          0.0147 
_pdbx_refine_tls.T[1][1]_esd      ? 
_pdbx_refine_tls.T[1][2]          0.0120 
_pdbx_refine_tls.T[1][2]_esd      ? 
_pdbx_refine_tls.T[1][3]          -0.0094 
_pdbx_refine_tls.T[1][3]_esd      ? 
_pdbx_refine_tls.T[2][2]          -0.0146 
_pdbx_refine_tls.T[2][2]_esd      ? 
_pdbx_refine_tls.T[2][3]          -0.0028 
_pdbx_refine_tls.T[2][3]_esd      ? 
_pdbx_refine_tls.T[3][3]          -0.0671 
_pdbx_refine_tls.T[3][3]_esd      ? 
_pdbx_refine_tls.L[1][1]          1.5056 
_pdbx_refine_tls.L[1][1]_esd      ? 
_pdbx_refine_tls.L[1][2]          -1.3104 
_pdbx_refine_tls.L[1][2]_esd      ? 
_pdbx_refine_tls.L[1][3]          -1.0306 
_pdbx_refine_tls.L[1][3]_esd      ? 
_pdbx_refine_tls.L[2][2]          2.4797 
_pdbx_refine_tls.L[2][2]_esd      ? 
_pdbx_refine_tls.L[2][3]          1.1519 
_pdbx_refine_tls.L[2][3]_esd      ? 
_pdbx_refine_tls.L[3][3]          0.8607 
_pdbx_refine_tls.L[3][3]_esd      ? 
_pdbx_refine_tls.S[1][1]          0.1018 
_pdbx_refine_tls.S[1][1]_esd      ? 
_pdbx_refine_tls.S[1][2]          0.0550 
_pdbx_refine_tls.S[1][2]_esd      ? 
_pdbx_refine_tls.S[1][3]          0.0033 
_pdbx_refine_tls.S[1][3]_esd      ? 
_pdbx_refine_tls.S[2][1]          0.0010 
_pdbx_refine_tls.S[2][1]_esd      ? 
_pdbx_refine_tls.S[2][2]          -0.0704 
_pdbx_refine_tls.S[2][2]_esd      ? 
_pdbx_refine_tls.S[2][3]          0.0353 
_pdbx_refine_tls.S[2][3]_esd      ? 
_pdbx_refine_tls.S[3][1]          -0.0472 
_pdbx_refine_tls.S[3][1]_esd      ? 
_pdbx_refine_tls.S[3][2]          0.0163 
_pdbx_refine_tls.S[3][2]_esd      ? 
_pdbx_refine_tls.S[3][3]          -0.0314 
_pdbx_refine_tls.S[3][3]_esd      ? 
# 
_pdbx_refine_tls_group.id                  1 
_pdbx_refine_tls_group.pdbx_refine_id      'X-RAY DIFFRACTION' 
_pdbx_refine_tls_group.refine_tls_id       1 
_pdbx_refine_tls_group.beg_label_asym_id   ? 
_pdbx_refine_tls_group.beg_label_seq_id    ? 
_pdbx_refine_tls_group.beg_auth_asym_id    A 
_pdbx_refine_tls_group.beg_auth_seq_id     -5 
_pdbx_refine_tls_group.beg_PDB_ins_code    ? 
_pdbx_refine_tls_group.end_label_asym_id   ? 
_pdbx_refine_tls_group.end_label_seq_id    ? 
_pdbx_refine_tls_group.end_auth_asym_id    A 
_pdbx_refine_tls_group.end_auth_seq_id     91 
_pdbx_refine_tls_group.end_PDB_ins_code    ? 
_pdbx_refine_tls_group.selection           ? 
_pdbx_refine_tls_group.selection_details   '{ A|* }' 
# 
_pdbx_phasing_MR.entry_id                     7MGP 
_pdbx_phasing_MR.method_rotation              ? 
_pdbx_phasing_MR.method_translation           ? 
_pdbx_phasing_MR.model_details                'Phaser MODE: MR_AUTO' 
_pdbx_phasing_MR.R_factor                     ? 
_pdbx_phasing_MR.R_rigid_body                 ? 
_pdbx_phasing_MR.correlation_coeff_Fo_to_Fc   ? 
_pdbx_phasing_MR.correlation_coeff_Io_to_Ic   ? 
_pdbx_phasing_MR.d_res_high_rotation          1.800 
_pdbx_phasing_MR.d_res_low_rotation           59.850 
_pdbx_phasing_MR.d_res_high_translation       1.800 
_pdbx_phasing_MR.d_res_low_translation        59.850 
_pdbx_phasing_MR.packing                      ? 
_pdbx_phasing_MR.reflns_percent_rotation      ? 
_pdbx_phasing_MR.reflns_percent_translation   ? 
_pdbx_phasing_MR.sigma_F_rotation             ? 
_pdbx_phasing_MR.sigma_F_translation          ? 
_pdbx_phasing_MR.sigma_I_rotation             ? 
_pdbx_phasing_MR.sigma_I_translation          ? 
# 
_phasing.method   MR 
# 
loop_
_software.citation_id 
_software.classification 
_software.compiler_name 
_software.compiler_version 
_software.contact_author 
_software.contact_author_email 
_software.date 
_software.description 
_software.dependencies 
_software.hardware 
_software.language 
_software.location 
_software.mods 
_software.name 
_software.os 
_software.os_version 
_software.type 
_software.version 
_software.pdbx_ordinal 
? 'data scaling'    ? ? ? ? ? ? ? ? ? ? ? XSCALE      ? ? ? .     1 
? phasing           ? ? ? ? ? ? ? ? ? ? ? PHASER      ? ? ? 2.8.3 2 
? refinement        ? ? ? ? ? ? ? ? ? ? ? BUSTER      ? ? ? .     3 
? 'data extraction' ? ? ? ? ? ? ? ? ? ? ? PDB_EXTRACT ? ? ? 3.27  4 
? 'data reduction'  ? ? ? ? ? ? ? ? ? ? ? XDS         ? ? ? .     5 
# 
loop_
_pdbx_unobs_or_zero_occ_atoms.id 
_pdbx_unobs_or_zero_occ_atoms.PDB_model_num 
_pdbx_unobs_or_zero_occ_atoms.polymer_flag 
_pdbx_unobs_or_zero_occ_atoms.occupancy_flag 
_pdbx_unobs_or_zero_occ_atoms.auth_asym_id 
_pdbx_unobs_or_zero_occ_atoms.auth_comp_id 
_pdbx_unobs_or_zero_occ_atoms.auth_seq_id 
_pdbx_unobs_or_zero_occ_atoms.PDB_ins_code 
_pdbx_unobs_or_zero_occ_atoms.auth_atom_id 
_pdbx_unobs_or_zero_occ_atoms.label_alt_id 
_pdbx_unobs_or_zero_occ_atoms.label_asym_id 
_pdbx_unobs_or_zero_occ_atoms.label_comp_id 
_pdbx_unobs_or_zero_occ_atoms.label_seq_id 
_pdbx_unobs_or_zero_occ_atoms.label_atom_id 
1  1 Y 1 A HIS -2 ? CG  ? A HIS 5  CG  
2  1 Y 1 A HIS -2 ? ND1 ? A HIS 5  ND1 
3  1 Y 1 A HIS -2 ? CD2 ? A HIS 5  CD2 
4  1 Y 1 A HIS -2 ? CE1 ? A HIS 5  CE1 
5  1 Y 1 A HIS -2 ? NE2 ? A HIS 5  NE2 
6  1 Y 1 A ASP 3  ? CG  ? A ASP 10 CG  
7  1 Y 1 A ASP 3  ? OD1 ? A ASP 10 OD1 
8  1 Y 1 A ASP 3  ? OD2 ? A ASP 10 OD2 
9  1 Y 1 A TYR 34 ? CG  ? A TYR 41 CG  
10 1 Y 1 A TYR 34 ? CD1 ? A TYR 41 CD1 
11 1 Y 1 A TYR 34 ? CD2 ? A TYR 41 CD2 
12 1 Y 1 A TYR 34 ? CE1 ? A TYR 41 CE1 
13 1 Y 1 A TYR 34 ? CE2 ? A TYR 41 CE2 
14 1 Y 1 A TYR 34 ? CZ  ? A TYR 41 CZ  
15 1 Y 1 A TYR 34 ? OH  ? A TYR 41 OH  
16 1 Y 1 A GLU 62 ? CD  ? A GLU 69 CD  
17 1 Y 1 A GLU 62 ? OE1 ? A GLU 69 OE1 
18 1 Y 1 A GLU 62 ? OE2 ? A GLU 69 OE2 
19 1 Y 1 A LYS 85 ? CG  ? A LYS 92 CG  
20 1 Y 1 A LYS 85 ? CD  ? A LYS 92 CD  
21 1 Y 1 A LYS 85 ? CE  ? A LYS 92 CE  
22 1 Y 1 A LYS 85 ? NZ  ? A LYS 92 NZ  
23 1 Y 1 A LYS 91 ? CG  ? A LYS 98 CG  
24 1 Y 1 A LYS 91 ? CD  ? A LYS 98 CD  
25 1 Y 1 A LYS 91 ? CE  ? A LYS 98 CE  
26 1 Y 1 A LYS 91 ? NZ  ? A LYS 98 NZ  
# 
loop_
_pdbx_unobs_or_zero_occ_residues.id 
_pdbx_unobs_or_zero_occ_residues.PDB_model_num 
_pdbx_unobs_or_zero_occ_residues.polymer_flag 
_pdbx_unobs_or_zero_occ_residues.occupancy_flag 
_pdbx_unobs_or_zero_occ_residues.auth_asym_id 
_pdbx_unobs_or_zero_occ_residues.auth_comp_id 
_pdbx_unobs_or_zero_occ_residues.auth_seq_id 
_pdbx_unobs_or_zero_occ_residues.PDB_ins_code 
_pdbx_unobs_or_zero_occ_residues.label_asym_id 
_pdbx_unobs_or_zero_occ_residues.label_comp_id 
_pdbx_unobs_or_zero_occ_residues.label_seq_id 
1 1 Y 1 A MET -6 ? A MET 1  
2 1 Y 1 A HIS -1 ? A HIS 6  
3 1 Y 1 A HIS 0  ? A HIS 7  
4 1 Y 1 A MET 1  ? A MET 8  
5 1 Y 1 A GLY 2  ? A GLY 9  
6 1 Y 1 A ALA 92 ? A ALA 99 
# 
loop_
_chem_comp_atom.comp_id 
_chem_comp_atom.atom_id 
_chem_comp_atom.type_symbol 
_chem_comp_atom.pdbx_aromatic_flag 
_chem_comp_atom.pdbx_stereo_config 
_chem_comp_atom.pdbx_ordinal 
ALA N    N N N 1   
ALA CA   C N S 2   
ALA C    C N N 3   
ALA O    O N N 4   
ALA CB   C N N 5   
ALA OXT  O N N 6   
ALA H    H N N 7   
ALA H2   H N N 8   
ALA HA   H N N 9   
ALA HB1  H N N 10  
ALA HB2  H N N 11  
ALA HB3  H N N 12  
ALA HXT  H N N 13  
ARG N    N N N 14  
ARG CA   C N S 15  
ARG C    C N N 16  
ARG O    O N N 17  
ARG CB   C N N 18  
ARG CG   C N N 19  
ARG CD   C N N 20  
ARG NE   N N N 21  
ARG CZ   C N N 22  
ARG NH1  N N N 23  
ARG NH2  N N N 24  
ARG OXT  O N N 25  
ARG H    H N N 26  
ARG H2   H N N 27  
ARG HA   H N N 28  
ARG HB2  H N N 29  
ARG HB3  H N N 30  
ARG HG2  H N N 31  
ARG HG3  H N N 32  
ARG HD2  H N N 33  
ARG HD3  H N N 34  
ARG HE   H N N 35  
ARG HH11 H N N 36  
ARG HH12 H N N 37  
ARG HH21 H N N 38  
ARG HH22 H N N 39  
ARG HXT  H N N 40  
ASN N    N N N 41  
ASN CA   C N S 42  
ASN C    C N N 43  
ASN O    O N N 44  
ASN CB   C N N 45  
ASN CG   C N N 46  
ASN OD1  O N N 47  
ASN ND2  N N N 48  
ASN OXT  O N N 49  
ASN H    H N N 50  
ASN H2   H N N 51  
ASN HA   H N N 52  
ASN HB2  H N N 53  
ASN HB3  H N N 54  
ASN HD21 H N N 55  
ASN HD22 H N N 56  
ASN HXT  H N N 57  
ASP N    N N N 58  
ASP CA   C N S 59  
ASP C    C N N 60  
ASP O    O N N 61  
ASP CB   C N N 62  
ASP CG   C N N 63  
ASP OD1  O N N 64  
ASP OD2  O N N 65  
ASP OXT  O N N 66  
ASP H    H N N 67  
ASP H2   H N N 68  
ASP HA   H N N 69  
ASP HB2  H N N 70  
ASP HB3  H N N 71  
ASP HD2  H N N 72  
ASP HXT  H N N 73  
CYS N    N N N 74  
CYS CA   C N R 75  
CYS C    C N N 76  
CYS O    O N N 77  
CYS CB   C N N 78  
CYS SG   S N N 79  
CYS OXT  O N N 80  
CYS H    H N N 81  
CYS H2   H N N 82  
CYS HA   H N N 83  
CYS HB2  H N N 84  
CYS HB3  H N N 85  
CYS HG   H N N 86  
CYS HXT  H N N 87  
GLN N    N N N 88  
GLN CA   C N S 89  
GLN C    C N N 90  
GLN O    O N N 91  
GLN CB   C N N 92  
GLN CG   C N N 93  
GLN CD   C N N 94  
GLN OE1  O N N 95  
GLN NE2  N N N 96  
GLN OXT  O N N 97  
GLN H    H N N 98  
GLN H2   H N N 99  
GLN HA   H N N 100 
GLN HB2  H N N 101 
GLN HB3  H N N 102 
GLN HG2  H N N 103 
GLN HG3  H N N 104 
GLN HE21 H N N 105 
GLN HE22 H N N 106 
GLN HXT  H N N 107 
GLU N    N N N 108 
GLU CA   C N S 109 
GLU C    C N N 110 
GLU O    O N N 111 
GLU CB   C N N 112 
GLU CG   C N N 113 
GLU CD   C N N 114 
GLU OE1  O N N 115 
GLU OE2  O N N 116 
GLU OXT  O N N 117 
GLU H    H N N 118 
GLU H2   H N N 119 
GLU HA   H N N 120 
GLU HB2  H N N 121 
GLU HB3  H N N 122 
GLU HG2  H N N 123 
GLU HG3  H N N 124 
GLU HE2  H N N 125 
GLU HXT  H N N 126 
GLY N    N N N 127 
GLY CA   C N N 128 
GLY C    C N N 129 
GLY O    O N N 130 
GLY OXT  O N N 131 
GLY H    H N N 132 
GLY H2   H N N 133 
GLY HA2  H N N 134 
GLY HA3  H N N 135 
GLY HXT  H N N 136 
HIS N    N N N 137 
HIS CA   C N S 138 
HIS C    C N N 139 
HIS O    O N N 140 
HIS CB   C N N 141 
HIS CG   C Y N 142 
HIS ND1  N Y N 143 
HIS CD2  C Y N 144 
HIS CE1  C Y N 145 
HIS NE2  N Y N 146 
HIS OXT  O N N 147 
HIS H    H N N 148 
HIS H2   H N N 149 
HIS HA   H N N 150 
HIS HB2  H N N 151 
HIS HB3  H N N 152 
HIS HD1  H N N 153 
HIS HD2  H N N 154 
HIS HE1  H N N 155 
HIS HE2  H N N 156 
HIS HXT  H N N 157 
HOH O    O N N 158 
HOH H1   H N N 159 
HOH H2   H N N 160 
ILE N    N N N 161 
ILE CA   C N S 162 
ILE C    C N N 163 
ILE O    O N N 164 
ILE CB   C N S 165 
ILE CG1  C N N 166 
ILE CG2  C N N 167 
ILE CD1  C N N 168 
ILE OXT  O N N 169 
ILE H    H N N 170 
ILE H2   H N N 171 
ILE HA   H N N 172 
ILE HB   H N N 173 
ILE HG12 H N N 174 
ILE HG13 H N N 175 
ILE HG21 H N N 176 
ILE HG22 H N N 177 
ILE HG23 H N N 178 
ILE HD11 H N N 179 
ILE HD12 H N N 180 
ILE HD13 H N N 181 
ILE HXT  H N N 182 
LEU N    N N N 183 
LEU CA   C N S 184 
LEU C    C N N 185 
LEU O    O N N 186 
LEU CB   C N N 187 
LEU CG   C N N 188 
LEU CD1  C N N 189 
LEU CD2  C N N 190 
LEU OXT  O N N 191 
LEU H    H N N 192 
LEU H2   H N N 193 
LEU HA   H N N 194 
LEU HB2  H N N 195 
LEU HB3  H N N 196 
LEU HG   H N N 197 
LEU HD11 H N N 198 
LEU HD12 H N N 199 
LEU HD13 H N N 200 
LEU HD21 H N N 201 
LEU HD22 H N N 202 
LEU HD23 H N N 203 
LEU HXT  H N N 204 
LYS N    N N N 205 
LYS CA   C N S 206 
LYS C    C N N 207 
LYS O    O N N 208 
LYS CB   C N N 209 
LYS CG   C N N 210 
LYS CD   C N N 211 
LYS CE   C N N 212 
LYS NZ   N N N 213 
LYS OXT  O N N 214 
LYS H    H N N 215 
LYS H2   H N N 216 
LYS HA   H N N 217 
LYS HB2  H N N 218 
LYS HB3  H N N 219 
LYS HG2  H N N 220 
LYS HG3  H N N 221 
LYS HD2  H N N 222 
LYS HD3  H N N 223 
LYS HE2  H N N 224 
LYS HE3  H N N 225 
LYS HZ1  H N N 226 
LYS HZ2  H N N 227 
LYS HZ3  H N N 228 
LYS HXT  H N N 229 
MET N    N N N 230 
MET CA   C N S 231 
MET C    C N N 232 
MET O    O N N 233 
MET CB   C N N 234 
MET CG   C N N 235 
MET SD   S N N 236 
MET CE   C N N 237 
MET OXT  O N N 238 
MET H    H N N 239 
MET H2   H N N 240 
MET HA   H N N 241 
MET HB2  H N N 242 
MET HB3  H N N 243 
MET HG2  H N N 244 
MET HG3  H N N 245 
MET HE1  H N N 246 
MET HE2  H N N 247 
MET HE3  H N N 248 
MET HXT  H N N 249 
PRO N    N N N 250 
PRO CA   C N S 251 
PRO C    C N N 252 
PRO O    O N N 253 
PRO CB   C N N 254 
PRO CG   C N N 255 
PRO CD   C N N 256 
PRO OXT  O N N 257 
PRO H    H N N 258 
PRO HA   H N N 259 
PRO HB2  H N N 260 
PRO HB3  H N N 261 
PRO HG2  H N N 262 
PRO HG3  H N N 263 
PRO HD2  H N N 264 
PRO HD3  H N N 265 
PRO HXT  H N N 266 
SER N    N N N 267 
SER CA   C N S 268 
SER C    C N N 269 
SER O    O N N 270 
SER CB   C N N 271 
SER OG   O N N 272 
SER OXT  O N N 273 
SER H    H N N 274 
SER H2   H N N 275 
SER HA   H N N 276 
SER HB2  H N N 277 
SER HB3  H N N 278 
SER HG   H N N 279 
SER HXT  H N N 280 
THR N    N N N 281 
THR CA   C N S 282 
THR C    C N N 283 
THR O    O N N 284 
THR CB   C N R 285 
THR OG1  O N N 286 
THR CG2  C N N 287 
THR OXT  O N N 288 
THR H    H N N 289 
THR H2   H N N 290 
THR HA   H N N 291 
THR HB   H N N 292 
THR HG1  H N N 293 
THR HG21 H N N 294 
THR HG22 H N N 295 
THR HG23 H N N 296 
THR HXT  H N N 297 
TYR N    N N N 298 
TYR CA   C N S 299 
TYR C    C N N 300 
TYR O    O N N 301 
TYR CB   C N N 302 
TYR CG   C Y N 303 
TYR CD1  C Y N 304 
TYR CD2  C Y N 305 
TYR CE1  C Y N 306 
TYR CE2  C Y N 307 
TYR CZ   C Y N 308 
TYR OH   O N N 309 
TYR OXT  O N N 310 
TYR H    H N N 311 
TYR H2   H N N 312 
TYR HA   H N N 313 
TYR HB2  H N N 314 
TYR HB3  H N N 315 
TYR HD1  H N N 316 
TYR HD2  H N N 317 
TYR HE1  H N N 318 
TYR HE2  H N N 319 
TYR HH   H N N 320 
TYR HXT  H N N 321 
VAL N    N N N 322 
VAL CA   C N S 323 
VAL C    C N N 324 
VAL O    O N N 325 
VAL CB   C N N 326 
VAL CG1  C N N 327 
VAL CG2  C N N 328 
VAL OXT  O N N 329 
VAL H    H N N 330 
VAL H2   H N N 331 
VAL HA   H N N 332 
VAL HB   H N N 333 
VAL HG11 H N N 334 
VAL HG12 H N N 335 
VAL HG13 H N N 336 
VAL HG21 H N N 337 
VAL HG22 H N N 338 
VAL HG23 H N N 339 
VAL HXT  H N N 340 
# 
loop_
_chem_comp_bond.comp_id 
_chem_comp_bond.atom_id_1 
_chem_comp_bond.atom_id_2 
_chem_comp_bond.value_order 
_chem_comp_bond.pdbx_aromatic_flag 
_chem_comp_bond.pdbx_stereo_config 
_chem_comp_bond.pdbx_ordinal 
ALA N   CA   sing N N 1   
ALA N   H    sing N N 2   
ALA N   H2   sing N N 3   
ALA CA  C    sing N N 4   
ALA CA  CB   sing N N 5   
ALA CA  HA   sing N N 6   
ALA C   O    doub N N 7   
ALA C   OXT  sing N N 8   
ALA CB  HB1  sing N N 9   
ALA CB  HB2  sing N N 10  
ALA CB  HB3  sing N N 11  
ALA OXT HXT  sing N N 12  
ARG N   CA   sing N N 13  
ARG N   H    sing N N 14  
ARG N   H2   sing N N 15  
ARG CA  C    sing N N 16  
ARG CA  CB   sing N N 17  
ARG CA  HA   sing N N 18  
ARG C   O    doub N N 19  
ARG C   OXT  sing N N 20  
ARG CB  CG   sing N N 21  
ARG CB  HB2  sing N N 22  
ARG CB  HB3  sing N N 23  
ARG CG  CD   sing N N 24  
ARG CG  HG2  sing N N 25  
ARG CG  HG3  sing N N 26  
ARG CD  NE   sing N N 27  
ARG CD  HD2  sing N N 28  
ARG CD  HD3  sing N N 29  
ARG NE  CZ   sing N N 30  
ARG NE  HE   sing N N 31  
ARG CZ  NH1  sing N N 32  
ARG CZ  NH2  doub N N 33  
ARG NH1 HH11 sing N N 34  
ARG NH1 HH12 sing N N 35  
ARG NH2 HH21 sing N N 36  
ARG NH2 HH22 sing N N 37  
ARG OXT HXT  sing N N 38  
ASN N   CA   sing N N 39  
ASN N   H    sing N N 40  
ASN N   H2   sing N N 41  
ASN CA  C    sing N N 42  
ASN CA  CB   sing N N 43  
ASN CA  HA   sing N N 44  
ASN C   O    doub N N 45  
ASN C   OXT  sing N N 46  
ASN CB  CG   sing N N 47  
ASN CB  HB2  sing N N 48  
ASN CB  HB3  sing N N 49  
ASN CG  OD1  doub N N 50  
ASN CG  ND2  sing N N 51  
ASN ND2 HD21 sing N N 52  
ASN ND2 HD22 sing N N 53  
ASN OXT HXT  sing N N 54  
ASP N   CA   sing N N 55  
ASP N   H    sing N N 56  
ASP N   H2   sing N N 57  
ASP CA  C    sing N N 58  
ASP CA  CB   sing N N 59  
ASP CA  HA   sing N N 60  
ASP C   O    doub N N 61  
ASP C   OXT  sing N N 62  
ASP CB  CG   sing N N 63  
ASP CB  HB2  sing N N 64  
ASP CB  HB3  sing N N 65  
ASP CG  OD1  doub N N 66  
ASP CG  OD2  sing N N 67  
ASP OD2 HD2  sing N N 68  
ASP OXT HXT  sing N N 69  
CYS N   CA   sing N N 70  
CYS N   H    sing N N 71  
CYS N   H2   sing N N 72  
CYS CA  C    sing N N 73  
CYS CA  CB   sing N N 74  
CYS CA  HA   sing N N 75  
CYS C   O    doub N N 76  
CYS C   OXT  sing N N 77  
CYS CB  SG   sing N N 78  
CYS CB  HB2  sing N N 79  
CYS CB  HB3  sing N N 80  
CYS SG  HG   sing N N 81  
CYS OXT HXT  sing N N 82  
GLN N   CA   sing N N 83  
GLN N   H    sing N N 84  
GLN N   H2   sing N N 85  
GLN CA  C    sing N N 86  
GLN CA  CB   sing N N 87  
GLN CA  HA   sing N N 88  
GLN C   O    doub N N 89  
GLN C   OXT  sing N N 90  
GLN CB  CG   sing N N 91  
GLN CB  HB2  sing N N 92  
GLN CB  HB3  sing N N 93  
GLN CG  CD   sing N N 94  
GLN CG  HG2  sing N N 95  
GLN CG  HG3  sing N N 96  
GLN CD  OE1  doub N N 97  
GLN CD  NE2  sing N N 98  
GLN NE2 HE21 sing N N 99  
GLN NE2 HE22 sing N N 100 
GLN OXT HXT  sing N N 101 
GLU N   CA   sing N N 102 
GLU N   H    sing N N 103 
GLU N   H2   sing N N 104 
GLU CA  C    sing N N 105 
GLU CA  CB   sing N N 106 
GLU CA  HA   sing N N 107 
GLU C   O    doub N N 108 
GLU C   OXT  sing N N 109 
GLU CB  CG   sing N N 110 
GLU CB  HB2  sing N N 111 
GLU CB  HB3  sing N N 112 
GLU CG  CD   sing N N 113 
GLU CG  HG2  sing N N 114 
GLU CG  HG3  sing N N 115 
GLU CD  OE1  doub N N 116 
GLU CD  OE2  sing N N 117 
GLU OE2 HE2  sing N N 118 
GLU OXT HXT  sing N N 119 
GLY N   CA   sing N N 120 
GLY N   H    sing N N 121 
GLY N   H2   sing N N 122 
GLY CA  C    sing N N 123 
GLY CA  HA2  sing N N 124 
GLY CA  HA3  sing N N 125 
GLY C   O    doub N N 126 
GLY C   OXT  sing N N 127 
GLY OXT HXT  sing N N 128 
HIS N   CA   sing N N 129 
HIS N   H    sing N N 130 
HIS N   H2   sing N N 131 
HIS CA  C    sing N N 132 
HIS CA  CB   sing N N 133 
HIS CA  HA   sing N N 134 
HIS C   O    doub N N 135 
HIS C   OXT  sing N N 136 
HIS CB  CG   sing N N 137 
HIS CB  HB2  sing N N 138 
HIS CB  HB3  sing N N 139 
HIS CG  ND1  sing Y N 140 
HIS CG  CD2  doub Y N 141 
HIS ND1 CE1  doub Y N 142 
HIS ND1 HD1  sing N N 143 
HIS CD2 NE2  sing Y N 144 
HIS CD2 HD2  sing N N 145 
HIS CE1 NE2  sing Y N 146 
HIS CE1 HE1  sing N N 147 
HIS NE2 HE2  sing N N 148 
HIS OXT HXT  sing N N 149 
HOH O   H1   sing N N 150 
HOH O   H2   sing N N 151 
ILE N   CA   sing N N 152 
ILE N   H    sing N N 153 
ILE N   H2   sing N N 154 
ILE CA  C    sing N N 155 
ILE CA  CB   sing N N 156 
ILE CA  HA   sing N N 157 
ILE C   O    doub N N 158 
ILE C   OXT  sing N N 159 
ILE CB  CG1  sing N N 160 
ILE CB  CG2  sing N N 161 
ILE CB  HB   sing N N 162 
ILE CG1 CD1  sing N N 163 
ILE CG1 HG12 sing N N 164 
ILE CG1 HG13 sing N N 165 
ILE CG2 HG21 sing N N 166 
ILE CG2 HG22 sing N N 167 
ILE CG2 HG23 sing N N 168 
ILE CD1 HD11 sing N N 169 
ILE CD1 HD12 sing N N 170 
ILE CD1 HD13 sing N N 171 
ILE OXT HXT  sing N N 172 
LEU N   CA   sing N N 173 
LEU N   H    sing N N 174 
LEU N   H2   sing N N 175 
LEU CA  C    sing N N 176 
LEU CA  CB   sing N N 177 
LEU CA  HA   sing N N 178 
LEU C   O    doub N N 179 
LEU C   OXT  sing N N 180 
LEU CB  CG   sing N N 181 
LEU CB  HB2  sing N N 182 
LEU CB  HB3  sing N N 183 
LEU CG  CD1  sing N N 184 
LEU CG  CD2  sing N N 185 
LEU CG  HG   sing N N 186 
LEU CD1 HD11 sing N N 187 
LEU CD1 HD12 sing N N 188 
LEU CD1 HD13 sing N N 189 
LEU CD2 HD21 sing N N 190 
LEU CD2 HD22 sing N N 191 
LEU CD2 HD23 sing N N 192 
LEU OXT HXT  sing N N 193 
LYS N   CA   sing N N 194 
LYS N   H    sing N N 195 
LYS N   H2   sing N N 196 
LYS CA  C    sing N N 197 
LYS CA  CB   sing N N 198 
LYS CA  HA   sing N N 199 
LYS C   O    doub N N 200 
LYS C   OXT  sing N N 201 
LYS CB  CG   sing N N 202 
LYS CB  HB2  sing N N 203 
LYS CB  HB3  sing N N 204 
LYS CG  CD   sing N N 205 
LYS CG  HG2  sing N N 206 
LYS CG  HG3  sing N N 207 
LYS CD  CE   sing N N 208 
LYS CD  HD2  sing N N 209 
LYS CD  HD3  sing N N 210 
LYS CE  NZ   sing N N 211 
LYS CE  HE2  sing N N 212 
LYS CE  HE3  sing N N 213 
LYS NZ  HZ1  sing N N 214 
LYS NZ  HZ2  sing N N 215 
LYS NZ  HZ3  sing N N 216 
LYS OXT HXT  sing N N 217 
MET N   CA   sing N N 218 
MET N   H    sing N N 219 
MET N   H2   sing N N 220 
MET CA  C    sing N N 221 
MET CA  CB   sing N N 222 
MET CA  HA   sing N N 223 
MET C   O    doub N N 224 
MET C   OXT  sing N N 225 
MET CB  CG   sing N N 226 
MET CB  HB2  sing N N 227 
MET CB  HB3  sing N N 228 
MET CG  SD   sing N N 229 
MET CG  HG2  sing N N 230 
MET CG  HG3  sing N N 231 
MET SD  CE   sing N N 232 
MET CE  HE1  sing N N 233 
MET CE  HE2  sing N N 234 
MET CE  HE3  sing N N 235 
MET OXT HXT  sing N N 236 
PRO N   CA   sing N N 237 
PRO N   CD   sing N N 238 
PRO N   H    sing N N 239 
PRO CA  C    sing N N 240 
PRO CA  CB   sing N N 241 
PRO CA  HA   sing N N 242 
PRO C   O    doub N N 243 
PRO C   OXT  sing N N 244 
PRO CB  CG   sing N N 245 
PRO CB  HB2  sing N N 246 
PRO CB  HB3  sing N N 247 
PRO CG  CD   sing N N 248 
PRO CG  HG2  sing N N 249 
PRO CG  HG3  sing N N 250 
PRO CD  HD2  sing N N 251 
PRO CD  HD3  sing N N 252 
PRO OXT HXT  sing N N 253 
SER N   CA   sing N N 254 
SER N   H    sing N N 255 
SER N   H2   sing N N 256 
SER CA  C    sing N N 257 
SER CA  CB   sing N N 258 
SER CA  HA   sing N N 259 
SER C   O    doub N N 260 
SER C   OXT  sing N N 261 
SER CB  OG   sing N N 262 
SER CB  HB2  sing N N 263 
SER CB  HB3  sing N N 264 
SER OG  HG   sing N N 265 
SER OXT HXT  sing N N 266 
THR N   CA   sing N N 267 
THR N   H    sing N N 268 
THR N   H2   sing N N 269 
THR CA  C    sing N N 270 
THR CA  CB   sing N N 271 
THR CA  HA   sing N N 272 
THR C   O    doub N N 273 
THR C   OXT  sing N N 274 
THR CB  OG1  sing N N 275 
THR CB  CG2  sing N N 276 
THR CB  HB   sing N N 277 
THR OG1 HG1  sing N N 278 
THR CG2 HG21 sing N N 279 
THR CG2 HG22 sing N N 280 
THR CG2 HG23 sing N N 281 
THR OXT HXT  sing N N 282 
TYR N   CA   sing N N 283 
TYR N   H    sing N N 284 
TYR N   H2   sing N N 285 
TYR CA  C    sing N N 286 
TYR CA  CB   sing N N 287 
TYR CA  HA   sing N N 288 
TYR C   O    doub N N 289 
TYR C   OXT  sing N N 290 
TYR CB  CG   sing N N 291 
TYR CB  HB2  sing N N 292 
TYR CB  HB3  sing N N 293 
TYR CG  CD1  doub Y N 294 
TYR CG  CD2  sing Y N 295 
TYR CD1 CE1  sing Y N 296 
TYR CD1 HD1  sing N N 297 
TYR CD2 CE2  doub Y N 298 
TYR CD2 HD2  sing N N 299 
TYR CE1 CZ   doub Y N 300 
TYR CE1 HE1  sing N N 301 
TYR CE2 CZ   sing Y N 302 
TYR CE2 HE2  sing N N 303 
TYR CZ  OH   sing N N 304 
TYR OH  HH   sing N N 305 
TYR OXT HXT  sing N N 306 
VAL N   CA   sing N N 307 
VAL N   H    sing N N 308 
VAL N   H2   sing N N 309 
VAL CA  C    sing N N 310 
VAL CA  CB   sing N N 311 
VAL CA  HA   sing N N 312 
VAL C   O    doub N N 313 
VAL C   OXT  sing N N 314 
VAL CB  CG1  sing N N 315 
VAL CB  CG2  sing N N 316 
VAL CB  HB   sing N N 317 
VAL CG1 HG11 sing N N 318 
VAL CG1 HG12 sing N N 319 
VAL CG1 HG13 sing N N 320 
VAL CG2 HG21 sing N N 321 
VAL CG2 HG22 sing N N 322 
VAL CG2 HG23 sing N N 323 
VAL OXT HXT  sing N N 324 
# 
_pdbx_audit_support.funding_organization   
'National Institutes of Health/National Institute Of Allergy and Infectious Diseases (NIH/NIAID)' 
_pdbx_audit_support.country                'United States' 
_pdbx_audit_support.grant_number           ? 
_pdbx_audit_support.ordinal                1 
# 
_pdbx_entity_nonpoly.entity_id   2 
_pdbx_entity_nonpoly.name        water 
_pdbx_entity_nonpoly.comp_id     HOH 
# 
_pdbx_initial_refinement_model.id               1 
_pdbx_initial_refinement_model.entity_id_list   ? 
_pdbx_initial_refinement_model.type             'experimental model' 
_pdbx_initial_refinement_model.source_name      PDB 
_pdbx_initial_refinement_model.accession_code   4QIV 
_pdbx_initial_refinement_model.details          ? 
# 
_pdbx_struct_assembly_auth_evidence.id                     1 
_pdbx_struct_assembly_auth_evidence.assembly_id            1 
_pdbx_struct_assembly_auth_evidence.experimental_support   'gel filtration' 
_pdbx_struct_assembly_auth_evidence.details                
'Elutes as a hexamer.  Hexamer can be generated using P6 crystallographic symmetry.' 
# 
